data_6WDN
#
_entry.id   6WDN
#
_cell.length_a   1.00
_cell.length_b   1.00
_cell.length_c   1.00
_cell.angle_alpha   90.00
_cell.angle_beta   90.00
_cell.angle_gamma   90.00
#
_symmetry.space_group_name_H-M   'P 1'
#
loop_
_entity.id
_entity.type
_entity.pdbx_description
1 polymer 'Calcium uptake protein 2, mitochondrial'
2 polymer 'Calcium uptake protein 1, mitochondrial'
3 polymer 'Essential MCU regulator, mitochondrial'
4 polymer 'Calcium uniporter protein, mitochondrial'
#
loop_
_entity_poly.entity_id
_entity_poly.type
_entity_poly.pdbx_seq_one_letter_code
_entity_poly.pdbx_strand_id
1 'polypeptide(L)'
;SLRKQRFMQFSSLEHEGEYYMTPRDFLFSVMFEQMERKTSVKKLTKKDIEDTLSGIQTAGCGSTFFRDLGDKGLISYTEY
LFLLTILTKPHSGFHVAFKMLDTDGNEMIEKREFFKLQKIISKQDDLMTVKTNETGYQEAIVKEPEINTTLQMRFFGKRG
QRKLHYKEFRRFMENLQTEIQEMEFLQFSKGLSFMRKEDFAEWLLFFTNTENKDIYWKNVREKLSAGESISLDEFKSFCH
FTTHLEDFAIAMQMFSLAHRPVRLAEFKRAVKVATGQELSNNILDTVFKIFDLDGDECLSHEEFLGVLKNRMHRGLWVPQ
HQSIQEYWKCVKKES
;
A
2 'polypeptide(L)'
;SGFRDRKVMEYENRIRAYSTPDKIFRYFATLKVISEPGEAEVFMTPEDFVRSITPNEKQPEHLGLDQYIIKRFDGKKISQ
EREKFADEGSIFYTLGECGLISFSDYIFLTTVLSTPQRNFEIAFKMFDLNGDGEVDMEEFEQVQSIIRSQTSMGMRHRDR
PTTGNTLKSGLCSALTTYFFGADLKGKLTIKNFLEFQRKLQHDVLKLEFERHDPVDGRITERQFGGMLLAYSGVQSKKLT
AMQRQLKKHFKEGKGLTFQEVENFFTFLKNINDVDTALSFYHMAGASLDKVTMQQVARTVAKVELSDHVCDVVFALFDCD
GNGELSNKEFVSIMKQRLMRGLEKPKDMGFTRLMQAMWKCAQE
;
B
3 'polypeptide(L)' VIVTRSGAILPKPVKMSFGLLRVFSIVIPFLYVGTLISKNFAALLEEHDIF F,D,H,J
4 'polypeptide(L)'
;SHENAATLNDVKTLVQQLYTTLCIEQHQLNKERELIERLEDLKEQLAPLEKVRIEISRKAEKRTTLVLWGGLAYMATQFG
ILARLTWWEYSWDIMEPVTYFITYGSAMAMYAYFVMTRQEYVYPEARDRQYLLFFHKGAKKSRFDLEKYNQLKDAIAQAE
MDLKRLRDPLQVHLPLRQ
;
C,G,I,E
#
# COMPACT_ATOMS: atom_id res chain seq x y z
N SER A 1 -42.77 27.19 -2.98
CA SER A 1 -43.18 25.83 -2.63
C SER A 1 -44.62 25.57 -3.07
N LEU A 2 -45.39 24.91 -2.21
CA LEU A 2 -46.78 24.57 -2.50
C LEU A 2 -47.76 24.93 -1.39
N ARG A 3 -47.30 25.08 -0.15
CA ARG A 3 -48.21 25.32 0.96
C ARG A 3 -49.02 26.60 0.73
N LYS A 4 -48.35 27.68 0.30
CA LYS A 4 -49.09 28.89 -0.07
C LYS A 4 -49.95 28.64 -1.28
N GLN A 5 -49.49 27.80 -2.20
CA GLN A 5 -50.24 27.54 -3.43
C GLN A 5 -51.39 26.56 -3.18
N ARG A 6 -51.10 25.44 -2.52
CA ARG A 6 -52.12 24.44 -2.27
C ARG A 6 -53.26 24.98 -1.42
N PHE A 7 -52.95 25.90 -0.49
CA PHE A 7 -53.99 26.56 0.27
C PHE A 7 -54.79 27.53 -0.59
N MET A 8 -54.11 28.22 -1.52
CA MET A 8 -54.81 29.10 -2.44
C MET A 8 -55.57 28.34 -3.51
N GLN A 9 -55.18 27.08 -3.78
CA GLN A 9 -55.92 26.28 -4.75
C GLN A 9 -57.34 26.01 -4.27
N PHE A 10 -57.52 25.82 -2.96
CA PHE A 10 -58.82 25.53 -2.40
C PHE A 10 -59.48 26.74 -1.73
N SER A 11 -58.81 27.88 -1.69
CA SER A 11 -59.32 29.03 -0.97
C SER A 11 -60.47 29.71 -1.71
N SER A 12 -61.64 29.08 -1.72
CA SER A 12 -62.83 29.70 -2.30
C SER A 12 -63.35 30.85 -1.44
N LEU A 13 -63.14 30.81 -0.13
CA LEU A 13 -63.70 31.77 0.80
C LEU A 13 -62.64 32.80 1.14
N GLU A 14 -62.70 33.97 0.50
CA GLU A 14 -61.83 35.08 0.85
C GLU A 14 -62.64 36.24 1.41
N HIS A 15 -62.10 36.85 2.46
CA HIS A 15 -62.69 38.01 3.10
C HIS A 15 -61.64 39.09 3.23
N GLU A 16 -61.96 40.30 2.78
CA GLU A 16 -61.03 41.43 2.83
C GLU A 16 -59.75 41.11 2.08
N GLY A 17 -59.88 40.36 1.00
CA GLY A 17 -58.73 40.01 0.17
C GLY A 17 -57.98 38.79 0.66
N GLU A 18 -57.69 38.75 1.96
CA GLU A 18 -56.94 37.63 2.52
C GLU A 18 -57.73 36.33 2.37
N TYR A 19 -57.12 35.35 1.74
CA TYR A 19 -57.78 34.08 1.51
C TYR A 19 -58.02 33.36 2.83
N TYR A 20 -59.28 33.04 3.10
CA TYR A 20 -59.68 32.32 4.30
C TYR A 20 -60.04 30.88 3.91
N MET A 21 -60.56 30.14 4.88
CA MET A 21 -60.85 28.73 4.64
C MET A 21 -61.98 28.28 5.57
N THR A 22 -62.82 27.41 5.05
CA THR A 22 -63.81 26.63 5.79
C THR A 22 -63.34 25.19 5.89
N PRO A 23 -63.75 24.45 6.91
CA PRO A 23 -63.27 23.06 7.05
C PRO A 23 -63.59 22.17 5.86
N ARG A 24 -64.67 22.48 5.11
CA ARG A 24 -65.10 21.58 4.05
C ARG A 24 -64.01 21.35 3.01
N ASP A 25 -63.62 22.40 2.29
CA ASP A 25 -62.53 22.26 1.33
C ASP A 25 -61.20 22.04 2.05
N PHE A 26 -61.09 22.52 3.29
CA PHE A 26 -59.92 22.20 4.10
C PHE A 26 -59.78 20.69 4.28
N LEU A 27 -60.87 20.02 4.66
CA LEU A 27 -60.85 18.57 4.73
C LEU A 27 -60.58 17.97 3.35
N PHE A 28 -61.20 18.54 2.32
CA PHE A 28 -61.04 18.03 0.96
C PHE A 28 -59.56 17.96 0.58
N SER A 29 -58.78 18.93 1.03
CA SER A 29 -57.35 18.94 0.72
C SER A 29 -56.61 17.87 1.51
N VAL A 30 -57.09 17.55 2.71
CA VAL A 30 -56.32 16.67 3.59
C VAL A 30 -56.91 15.27 3.63
N MET A 31 -58.22 15.14 3.33
CA MET A 31 -58.85 13.83 3.44
C MET A 31 -58.33 12.86 2.40
N PHE A 32 -58.25 13.30 1.14
CA PHE A 32 -57.84 12.45 0.03
C PHE A 32 -56.87 13.17 -0.89
N GLU A 33 -56.68 14.48 -0.68
CA GLU A 33 -55.63 15.26 -1.31
C GLU A 33 -55.67 15.23 -2.85
N GLN A 34 -56.83 14.92 -3.42
CA GLN A 34 -56.97 14.96 -4.88
C GLN A 34 -58.46 15.19 -5.18
N MET A 35 -58.81 16.44 -5.45
CA MET A 35 -60.21 16.81 -5.65
C MET A 35 -60.41 17.54 -6.96
N GLU A 36 -59.36 17.59 -7.79
CA GLU A 36 -59.36 18.31 -9.06
C GLU A 36 -59.83 19.76 -8.84
N ARG A 37 -58.99 20.50 -8.11
CA ARG A 37 -59.32 21.80 -7.55
C ARG A 37 -59.99 22.71 -8.56
N LYS A 38 -61.24 23.08 -8.27
CA LYS A 38 -62.00 24.03 -9.07
C LYS A 38 -62.52 25.19 -8.22
N THR A 39 -61.80 25.56 -7.17
CA THR A 39 -62.29 26.56 -6.23
C THR A 39 -62.47 27.91 -6.91
N SER A 40 -63.73 28.35 -7.01
CA SER A 40 -64.03 29.65 -7.59
C SER A 40 -63.74 30.74 -6.56
N VAL A 41 -64.07 31.98 -6.94
CA VAL A 41 -63.84 33.14 -6.08
C VAL A 41 -65.18 33.64 -5.55
N LYS A 42 -65.31 33.63 -4.23
CA LYS A 42 -66.49 34.20 -3.58
C LYS A 42 -66.03 34.95 -2.34
N LYS A 43 -66.71 36.06 -2.06
CA LYS A 43 -66.32 36.96 -0.97
C LYS A 43 -67.43 36.97 0.07
N LEU A 44 -67.09 36.60 1.30
CA LEU A 44 -68.03 36.59 2.40
C LEU A 44 -67.68 37.71 3.37
N THR A 45 -68.66 38.58 3.63
CA THR A 45 -68.43 39.82 4.37
C THR A 45 -68.78 39.59 5.84
N LYS A 46 -68.87 40.68 6.60
CA LYS A 46 -69.14 40.62 8.03
C LYS A 46 -70.40 39.82 8.33
N LYS A 47 -71.35 39.76 7.39
CA LYS A 47 -72.56 38.99 7.59
C LYS A 47 -72.24 37.51 7.79
N ASP A 48 -71.19 37.02 7.14
CA ASP A 48 -70.78 35.64 7.35
C ASP A 48 -70.05 35.47 8.68
N ILE A 49 -69.45 36.55 9.18
CA ILE A 49 -68.74 36.47 10.46
C ILE A 49 -69.73 36.20 11.58
N GLU A 50 -70.85 36.91 11.58
CA GLU A 50 -71.85 36.72 12.64
C GLU A 50 -72.43 35.32 12.60
N ASP A 51 -72.70 34.80 11.39
CA ASP A 51 -73.29 33.48 11.27
C ASP A 51 -72.32 32.38 11.64
N THR A 52 -71.05 32.54 11.29
CA THR A 52 -70.07 31.48 11.53
C THR A 52 -69.71 31.37 13.01
N LEU A 53 -69.46 32.51 13.67
CA LEU A 53 -69.13 32.46 15.09
C LEU A 53 -70.32 32.01 15.92
N SER A 54 -71.54 32.37 15.50
CA SER A 54 -72.72 31.81 16.16
C SER A 54 -72.75 30.30 15.99
N GLY A 55 -72.28 29.80 14.85
CA GLY A 55 -72.19 28.35 14.66
C GLY A 55 -71.27 27.70 15.68
N ILE A 56 -70.27 28.44 16.16
CA ILE A 56 -69.42 27.92 17.23
C ILE A 56 -70.22 27.81 18.52
N GLN A 57 -71.12 28.75 18.78
CA GLN A 57 -71.92 28.72 20.00
C GLN A 57 -73.22 27.97 19.78
N THR A 58 -73.15 26.81 19.13
CA THR A 58 -74.33 25.94 19.09
C THR A 58 -74.09 24.60 19.75
N ALA A 59 -73.13 23.82 19.26
CA ALA A 59 -72.89 22.45 19.69
C ALA A 59 -71.70 21.86 18.94
N GLY A 60 -71.30 20.65 19.29
CA GLY A 60 -70.37 19.90 18.48
C GLY A 60 -69.29 19.21 19.29
N CYS A 61 -69.19 17.90 19.06
CA CYS A 61 -68.09 17.13 19.61
C CYS A 61 -66.92 17.14 18.64
N GLY A 62 -65.77 16.64 19.11
CA GLY A 62 -64.56 16.74 18.31
C GLY A 62 -64.73 16.21 16.90
N SER A 63 -65.51 15.14 16.75
CA SER A 63 -65.67 14.53 15.44
C SER A 63 -66.56 15.37 14.53
N THR A 64 -67.59 16.00 15.10
CA THR A 64 -68.60 16.61 14.24
C THR A 64 -68.40 18.11 14.08
N PHE A 65 -67.83 18.80 15.09
CA PHE A 65 -67.94 20.25 15.10
C PHE A 65 -67.11 20.87 13.99
N PHE A 66 -66.05 20.18 13.54
CA PHE A 66 -65.35 20.62 12.34
C PHE A 66 -66.07 20.16 11.08
N ARG A 67 -66.67 18.97 11.12
CA ARG A 67 -67.35 18.43 9.96
C ARG A 67 -68.61 19.24 9.62
N ASP A 68 -69.48 19.45 10.60
CA ASP A 68 -70.74 20.15 10.33
C ASP A 68 -70.49 21.60 9.95
N LEU A 69 -69.35 22.15 10.36
CA LEU A 69 -68.98 23.51 9.98
C LEU A 69 -68.43 23.61 8.58
N GLY A 70 -68.59 22.59 7.74
CA GLY A 70 -68.21 22.68 6.36
C GLY A 70 -68.95 23.80 5.66
N ASP A 71 -68.26 24.52 4.77
CA ASP A 71 -68.80 25.73 4.15
C ASP A 71 -69.21 26.75 5.21
N LYS A 72 -68.51 26.71 6.34
CA LYS A 72 -68.82 27.56 7.48
C LYS A 72 -67.54 27.76 8.28
N GLY A 73 -67.66 28.46 9.40
CA GLY A 73 -66.47 28.72 10.18
C GLY A 73 -65.54 29.67 9.46
N LEU A 74 -64.27 29.64 9.89
CA LEU A 74 -63.24 30.49 9.31
C LEU A 74 -61.86 29.96 9.68
N ILE A 75 -61.02 29.79 8.66
CA ILE A 75 -59.64 29.39 8.85
C ILE A 75 -58.76 30.28 7.97
N SER A 76 -57.76 30.90 8.57
CA SER A 76 -56.87 31.78 7.83
C SER A 76 -55.71 30.97 7.22
N TYR A 77 -54.80 31.68 6.55
CA TYR A 77 -53.64 31.01 5.98
C TYR A 77 -52.68 30.54 7.05
N THR A 78 -52.48 31.35 8.09
CA THR A 78 -51.57 30.98 9.17
C THR A 78 -52.09 29.77 9.94
N GLU A 79 -53.39 29.77 10.27
CA GLU A 79 -53.94 28.69 11.08
C GLU A 79 -53.89 27.36 10.33
N TYR A 80 -53.95 27.41 8.99
CA TYR A 80 -53.77 26.19 8.21
C TYR A 80 -52.40 25.59 8.46
N LEU A 81 -51.35 26.41 8.48
CA LEU A 81 -50.01 25.91 8.76
C LEU A 81 -49.91 25.32 10.15
N PHE A 82 -50.54 25.98 11.13
CA PHE A 82 -50.52 25.45 12.49
C PHE A 82 -51.26 24.12 12.57
N LEU A 83 -52.42 24.02 11.91
CA LEU A 83 -53.15 22.76 11.89
C LEU A 83 -52.37 21.68 11.14
N LEU A 84 -51.57 22.07 10.16
CA LEU A 84 -50.78 21.11 9.41
C LEU A 84 -49.87 20.30 10.34
N THR A 85 -49.36 20.94 11.40
CA THR A 85 -48.48 20.24 12.33
C THR A 85 -49.24 19.18 13.11
N ILE A 86 -50.55 19.36 13.28
CA ILE A 86 -51.34 18.36 14.01
C ILE A 86 -51.33 17.03 13.29
N LEU A 87 -51.14 17.03 11.97
CA LEU A 87 -51.11 15.81 11.19
C LEU A 87 -49.71 15.39 10.77
N THR A 88 -48.78 16.32 10.68
CA THR A 88 -47.45 16.07 10.12
C THR A 88 -46.36 16.48 11.09
N LYS A 89 -46.58 16.27 12.39
CA LYS A 89 -45.60 16.63 13.40
C LYS A 89 -45.96 15.99 14.73
N PRO A 90 -44.99 15.46 15.47
CA PRO A 90 -45.31 14.80 16.74
C PRO A 90 -45.81 15.78 17.78
N HIS A 91 -46.64 15.26 18.69
CA HIS A 91 -47.28 16.05 19.72
C HIS A 91 -46.37 16.39 20.89
N SER A 92 -45.06 16.16 20.76
CA SER A 92 -44.15 16.44 21.87
C SER A 92 -43.85 17.92 21.99
N GLY A 93 -43.63 18.60 20.87
CA GLY A 93 -43.24 20.01 20.92
C GLY A 93 -44.34 20.90 21.47
N PHE A 94 -45.61 20.54 21.22
CA PHE A 94 -46.70 21.33 21.77
C PHE A 94 -46.67 21.34 23.28
N HIS A 95 -46.17 20.27 23.90
CA HIS A 95 -46.05 20.25 25.35
C HIS A 95 -45.05 21.29 25.83
N VAL A 96 -43.81 21.23 25.32
CA VAL A 96 -42.78 22.16 25.76
C VAL A 96 -43.13 23.59 25.34
N ALA A 97 -43.93 23.75 24.29
CA ALA A 97 -44.31 25.08 23.86
C ALA A 97 -45.25 25.73 24.86
N PHE A 98 -46.22 24.99 25.37
CA PHE A 98 -47.18 25.56 26.32
C PHE A 98 -46.51 25.89 27.63
N LYS A 99 -45.85 24.92 28.25
CA LYS A 99 -45.27 25.16 29.56
C LYS A 99 -44.08 26.11 29.54
N MET A 100 -43.75 26.73 28.40
CA MET A 100 -42.75 27.78 28.35
C MET A 100 -43.33 29.13 27.97
N LEU A 101 -44.47 29.17 27.31
CA LEU A 101 -45.12 30.42 26.91
C LEU A 101 -46.39 30.71 27.69
N ASP A 102 -46.75 29.85 28.65
CA ASP A 102 -47.94 30.08 29.44
C ASP A 102 -47.64 31.11 30.53
N THR A 103 -48.55 31.25 31.48
CA THR A 103 -48.34 32.22 32.57
C THR A 103 -47.46 31.62 33.65
N ASP A 104 -46.32 31.05 33.25
CA ASP A 104 -45.28 30.59 34.16
C ASP A 104 -45.82 29.59 35.19
N GLY A 105 -46.27 28.44 34.69
CA GLY A 105 -46.69 27.37 35.57
C GLY A 105 -48.18 27.10 35.57
N ASN A 106 -48.84 27.39 34.46
CA ASN A 106 -50.27 27.15 34.33
C ASN A 106 -50.64 26.32 33.11
N GLU A 107 -49.78 26.27 32.08
CA GLU A 107 -50.08 25.57 30.83
C GLU A 107 -51.33 26.15 30.17
N MET A 108 -51.57 27.43 30.42
CA MET A 108 -52.70 28.14 29.84
C MET A 108 -52.21 29.47 29.28
N ILE A 109 -52.76 29.86 28.13
CA ILE A 109 -52.42 31.14 27.50
C ILE A 109 -53.70 31.90 27.22
N GLU A 110 -53.57 33.22 27.15
CA GLU A 110 -54.70 34.09 26.85
C GLU A 110 -54.82 34.23 25.33
N LYS A 111 -55.68 35.16 24.89
CA LYS A 111 -55.86 35.40 23.47
C LYS A 111 -54.58 35.91 22.82
N ARG A 112 -53.78 36.68 23.55
CA ARG A 112 -52.62 37.34 22.94
C ARG A 112 -51.56 36.33 22.54
N GLU A 113 -51.09 35.53 23.49
CA GLU A 113 -49.91 34.69 23.25
C GLU A 113 -50.14 33.68 22.14
N PHE A 114 -51.40 33.36 21.84
CA PHE A 114 -51.69 32.41 20.78
C PHE A 114 -51.24 32.94 19.43
N PHE A 115 -51.36 34.25 19.23
CA PHE A 115 -50.92 34.87 17.97
C PHE A 115 -49.45 34.54 17.70
N LYS A 116 -48.61 34.62 18.73
CA LYS A 116 -47.23 34.22 18.60
C LYS A 116 -47.11 32.71 18.48
N LEU A 117 -47.96 31.98 19.19
CA LEU A 117 -47.89 30.52 19.19
C LEU A 117 -48.06 29.95 17.78
N GLN A 118 -48.93 30.57 16.98
CA GLN A 118 -49.10 30.13 15.59
C GLN A 118 -47.79 30.25 14.83
N LYS A 119 -47.11 31.39 14.97
CA LYS A 119 -45.86 31.60 14.25
C LYS A 119 -44.76 30.70 14.77
N ILE A 120 -44.80 30.35 16.07
CA ILE A 120 -43.75 29.55 16.66
C ILE A 120 -43.70 28.16 16.03
N ILE A 121 -44.80 27.41 16.13
CA ILE A 121 -44.84 26.06 15.59
C ILE A 121 -44.72 26.04 14.08
N SER A 122 -44.99 27.16 13.41
CA SER A 122 -44.82 27.23 11.95
C SER A 122 -43.37 26.98 11.57
N LYS A 123 -42.44 27.65 12.25
CA LYS A 123 -41.02 27.46 11.95
C LYS A 123 -40.56 26.06 12.37
N GLN A 124 -40.98 25.59 13.53
CA GLN A 124 -40.55 24.29 14.04
C GLN A 124 -41.13 23.15 13.21
N ILE A 147 -61.69 39.75 12.43
CA ILE A 147 -60.65 38.80 12.09
C ILE A 147 -60.69 37.64 13.09
N ASN A 148 -61.68 37.68 13.97
CA ASN A 148 -61.81 36.63 14.98
C ASN A 148 -62.11 35.29 14.33
N THR A 149 -61.19 34.35 14.49
CA THR A 149 -61.32 33.04 13.89
C THR A 149 -62.10 32.11 14.81
N THR A 150 -62.40 30.90 14.31
CA THR A 150 -63.24 29.98 15.06
C THR A 150 -62.49 29.36 16.24
N LEU A 151 -61.27 28.87 15.98
CA LEU A 151 -60.50 28.25 17.06
C LEU A 151 -60.20 29.24 18.18
N GLN A 152 -60.19 30.53 17.87
CA GLN A 152 -60.00 31.54 18.90
C GLN A 152 -61.14 31.51 19.92
N MET A 153 -62.37 31.78 19.47
CA MET A 153 -63.51 31.69 20.37
C MET A 153 -63.75 30.26 20.83
N ARG A 154 -63.27 29.27 20.07
CA ARG A 154 -63.32 27.89 20.54
C ARG A 154 -62.41 27.69 21.74
N PHE A 155 -61.34 28.48 21.85
CA PHE A 155 -60.38 28.34 22.93
C PHE A 155 -60.54 29.36 24.03
N PHE A 156 -61.05 30.55 23.73
CA PHE A 156 -61.25 31.59 24.72
C PHE A 156 -62.72 32.02 24.72
N GLY A 157 -63.01 33.08 25.47
CA GLY A 157 -64.36 33.61 25.50
C GLY A 157 -64.69 34.37 24.22
N LYS A 158 -65.89 34.95 24.21
CA LYS A 158 -66.29 35.80 23.10
C LYS A 158 -65.39 37.02 23.01
N ARG A 159 -64.88 37.49 24.15
CA ARG A 159 -63.92 38.60 24.20
C ARG A 159 -62.61 38.17 24.84
N GLY A 160 -62.31 36.87 24.83
CA GLY A 160 -61.10 36.38 25.45
C GLY A 160 -61.23 36.31 26.96
N GLN A 161 -62.31 35.70 27.44
CA GLN A 161 -62.56 35.62 28.87
C GLN A 161 -61.79 34.51 29.55
N ARG A 162 -61.69 33.34 28.91
CA ARG A 162 -60.97 32.21 29.46
C ARG A 162 -59.62 32.05 28.77
N LYS A 163 -58.75 31.27 29.40
CA LYS A 163 -57.44 30.99 28.86
C LYS A 163 -57.47 29.65 28.12
N LEU A 164 -56.31 29.22 27.62
CA LEU A 164 -56.21 28.05 26.76
C LEU A 164 -55.40 27.00 27.50
N HIS A 165 -56.07 26.16 28.29
CA HIS A 165 -55.37 25.12 29.03
C HIS A 165 -54.75 24.11 28.09
N TYR A 166 -53.55 23.65 28.45
CA TYR A 166 -52.83 22.70 27.60
C TYR A 166 -53.56 21.38 27.49
N LYS A 167 -53.99 20.82 28.62
CA LYS A 167 -54.73 19.56 28.59
C LYS A 167 -56.01 19.69 27.79
N GLU A 168 -56.60 20.90 27.75
CA GLU A 168 -57.78 21.11 26.93
C GLU A 168 -57.43 21.24 25.46
N PHE A 169 -56.22 21.71 25.15
CA PHE A 169 -55.75 21.65 23.77
C PHE A 169 -55.21 20.27 23.43
N ARG A 170 -54.52 19.64 24.38
CA ARG A 170 -54.03 18.28 24.17
C ARG A 170 -55.18 17.33 23.85
N ARG A 171 -56.26 17.41 24.63
CA ARG A 171 -57.44 16.61 24.33
C ARG A 171 -58.13 17.08 23.05
N PHE A 172 -57.89 18.32 22.63
CA PHE A 172 -58.55 18.84 21.43
C PHE A 172 -57.95 18.25 20.17
N MET A 173 -56.62 18.22 20.08
CA MET A 173 -55.99 17.74 18.85
C MET A 173 -56.24 16.26 18.66
N GLU A 174 -56.38 15.50 19.75
CA GLU A 174 -56.76 14.10 19.62
C GLU A 174 -58.14 13.94 18.99
N ASN A 175 -59.04 14.90 19.20
CA ASN A 175 -60.36 14.84 18.59
C ASN A 175 -60.25 14.98 17.07
N LEU A 176 -59.54 16.01 16.61
CA LEU A 176 -59.28 16.15 15.18
C LEU A 176 -58.48 14.97 14.65
N GLN A 177 -57.59 14.43 15.48
CA GLN A 177 -56.77 13.29 15.10
C GLN A 177 -57.65 12.10 14.73
N THR A 178 -58.78 11.96 15.41
CA THR A 178 -59.70 10.87 15.08
C THR A 178 -60.69 11.27 14.00
N GLU A 179 -61.02 12.56 13.91
CA GLU A 179 -61.97 13.01 12.88
C GLU A 179 -61.40 12.78 11.49
N ILE A 180 -60.12 13.10 11.29
CA ILE A 180 -59.51 12.94 9.97
C ILE A 180 -59.55 11.48 9.54
N GLN A 181 -59.40 10.54 10.47
CA GLN A 181 -59.39 9.13 10.10
C GLN A 181 -60.78 8.63 9.76
N GLU A 182 -61.78 8.96 10.60
CA GLU A 182 -63.12 8.44 10.38
C GLU A 182 -63.76 9.02 9.13
N MET A 183 -63.62 10.33 8.92
CA MET A 183 -64.26 10.95 7.76
C MET A 183 -63.67 10.43 6.46
N GLU A 184 -62.43 9.95 6.49
CA GLU A 184 -61.85 9.30 5.31
C GLU A 184 -61.98 7.79 5.36
N PHE A 185 -62.31 7.22 6.53
CA PHE A 185 -62.57 5.79 6.61
C PHE A 185 -63.71 5.40 5.69
N LEU A 186 -64.87 6.04 5.86
CA LEU A 186 -66.02 5.75 5.01
C LEU A 186 -65.73 6.04 3.54
N GLN A 187 -64.80 6.97 3.28
CA GLN A 187 -64.39 7.23 1.90
C GLN A 187 -63.84 5.97 1.25
N PHE A 188 -63.07 5.19 2.01
CA PHE A 188 -62.59 3.90 1.56
C PHE A 188 -63.47 2.76 2.02
N SER A 189 -64.54 3.05 2.78
CA SER A 189 -65.38 2.01 3.33
C SER A 189 -66.76 2.03 2.67
N LYS A 190 -66.80 2.40 1.39
CA LYS A 190 -68.01 2.40 0.57
C LYS A 190 -69.20 3.04 1.29
N GLY A 191 -68.92 3.99 2.18
CA GLY A 191 -69.98 4.61 2.94
C GLY A 191 -70.61 3.72 3.99
N LEU A 192 -69.93 2.64 4.37
CA LEU A 192 -70.42 1.72 5.39
C LEU A 192 -69.43 1.70 6.55
N SER A 193 -69.95 1.39 7.75
CA SER A 193 -69.10 1.27 8.92
C SER A 193 -68.06 0.16 8.79
N PHE A 194 -68.19 -0.71 7.78
CA PHE A 194 -67.26 -1.80 7.57
C PHE A 194 -66.53 -1.64 6.24
N MET A 195 -65.40 -2.33 6.14
CA MET A 195 -64.62 -2.37 4.91
C MET A 195 -63.83 -3.68 4.88
N ARG A 196 -63.95 -4.41 3.77
CA ARG A 196 -63.20 -5.65 3.62
C ARG A 196 -61.70 -5.37 3.63
N LYS A 197 -60.91 -6.44 3.63
CA LYS A 197 -59.46 -6.26 3.60
C LYS A 197 -58.99 -5.64 2.29
N GLU A 198 -59.80 -5.70 1.24
CA GLU A 198 -59.37 -5.25 -0.08
C GLU A 198 -59.12 -3.74 -0.08
N ASP A 199 -60.16 -2.95 0.17
CA ASP A 199 -60.00 -1.50 0.15
C ASP A 199 -59.11 -1.00 1.27
N PHE A 200 -58.92 -1.80 2.32
CA PHE A 200 -57.91 -1.45 3.32
C PHE A 200 -56.53 -1.36 2.69
N ALA A 201 -56.16 -2.37 1.89
CA ALA A 201 -54.93 -2.28 1.13
C ALA A 201 -54.93 -1.06 0.23
N GLU A 202 -56.05 -0.81 -0.44
CA GLU A 202 -56.20 0.41 -1.22
C GLU A 202 -55.95 1.64 -0.36
N TRP A 203 -56.39 1.59 0.90
CA TRP A 203 -56.06 2.66 1.85
C TRP A 203 -54.66 2.51 2.40
N LEU A 204 -54.18 1.28 2.57
CA LEU A 204 -52.85 1.06 3.10
C LEU A 204 -51.79 1.69 2.19
N LEU A 205 -51.82 1.34 0.91
CA LEU A 205 -50.85 1.83 -0.07
C LEU A 205 -51.45 2.90 -0.97
N PHE A 206 -52.33 3.74 -0.44
CA PHE A 206 -52.87 4.86 -1.21
C PHE A 206 -51.80 5.84 -1.67
N PHE A 207 -50.59 5.76 -1.14
CA PHE A 207 -49.48 6.62 -1.54
C PHE A 207 -48.29 5.77 -1.96
N THR A 208 -48.54 4.76 -2.78
CA THR A 208 -47.52 3.78 -3.16
C THR A 208 -46.79 4.24 -4.41
N ASN A 209 -45.85 3.40 -4.85
CA ASN A 209 -45.18 3.61 -6.12
C ASN A 209 -46.00 2.99 -7.25
N THR A 210 -45.41 2.97 -8.44
CA THR A 210 -46.07 2.33 -9.58
C THR A 210 -45.52 0.93 -9.82
N GLU A 211 -44.25 0.69 -9.47
CA GLU A 211 -43.61 -0.58 -9.81
C GLU A 211 -44.01 -1.69 -8.83
N ASN A 212 -43.90 -1.43 -7.53
CA ASN A 212 -44.19 -2.47 -6.55
C ASN A 212 -45.66 -2.56 -6.22
N LYS A 213 -46.46 -1.57 -6.60
CA LYS A 213 -47.87 -1.55 -6.22
C LYS A 213 -48.59 -2.81 -6.71
N ASP A 214 -48.44 -3.13 -7.99
CA ASP A 214 -49.12 -4.31 -8.52
C ASP A 214 -48.57 -5.60 -7.93
N ILE A 215 -47.27 -5.63 -7.63
CA ILE A 215 -46.68 -6.81 -7.01
C ILE A 215 -47.37 -7.11 -5.68
N TYR A 216 -47.71 -6.07 -4.93
CA TYR A 216 -48.58 -6.27 -3.78
C TYR A 216 -49.95 -6.75 -4.24
N TRP A 217 -50.59 -5.98 -5.12
CA TRP A 217 -51.93 -6.32 -5.59
C TRP A 217 -51.99 -7.73 -6.17
N LYS A 218 -50.89 -8.17 -6.79
CA LYS A 218 -50.83 -9.53 -7.30
C LYS A 218 -51.03 -10.54 -6.19
N ASN A 219 -50.23 -10.45 -5.13
CA ASN A 219 -50.40 -11.36 -4.00
C ASN A 219 -51.68 -11.05 -3.23
N VAL A 220 -52.15 -9.80 -3.27
CA VAL A 220 -53.49 -9.50 -2.78
C VAL A 220 -54.54 -10.25 -3.59
N ARG A 221 -54.30 -10.38 -4.90
CA ARG A 221 -55.30 -10.99 -5.76
C ARG A 221 -55.47 -12.47 -5.47
N GLU A 222 -54.38 -13.16 -5.14
CA GLU A 222 -54.42 -14.62 -5.09
C GLU A 222 -54.75 -15.15 -3.69
N LYS A 223 -53.92 -14.84 -2.70
CA LYS A 223 -54.07 -15.49 -1.40
C LYS A 223 -55.01 -14.74 -0.47
N LEU A 224 -55.24 -13.45 -0.69
CA LEU A 224 -56.10 -12.69 0.20
C LEU A 224 -57.57 -13.01 -0.11
N SER A 225 -58.14 -13.92 0.69
CA SER A 225 -59.55 -14.24 0.53
C SER A 225 -60.42 -13.08 0.97
N ALA A 226 -61.62 -13.00 0.39
CA ALA A 226 -62.55 -11.93 0.74
C ALA A 226 -63.15 -12.20 2.12
N GLY A 227 -62.33 -12.07 3.16
CA GLY A 227 -62.75 -12.37 4.51
C GLY A 227 -63.66 -11.31 5.11
N GLU A 228 -63.63 -11.20 6.43
CA GLU A 228 -64.48 -10.27 7.15
C GLU A 228 -63.94 -8.84 6.97
N SER A 229 -64.62 -7.88 7.59
CA SER A 229 -64.22 -6.49 7.52
C SER A 229 -63.49 -6.08 8.81
N ILE A 230 -63.20 -4.80 8.94
CA ILE A 230 -62.55 -4.24 10.12
C ILE A 230 -63.46 -3.18 10.70
N SER A 231 -63.54 -3.12 12.03
CA SER A 231 -64.36 -2.11 12.68
C SER A 231 -63.75 -0.73 12.51
N LEU A 232 -64.58 0.30 12.78
CA LEU A 232 -64.10 1.67 12.69
C LEU A 232 -63.06 1.96 13.76
N ASP A 233 -63.31 1.53 14.99
CA ASP A 233 -62.37 1.80 16.08
C ASP A 233 -61.06 1.06 15.86
N GLU A 234 -61.12 -0.19 15.39
CA GLU A 234 -59.89 -0.97 15.26
C GLU A 234 -59.03 -0.46 14.12
N PHE A 235 -59.66 0.06 13.07
CA PHE A 235 -58.89 0.68 11.99
C PHE A 235 -58.08 1.86 12.52
N LYS A 236 -58.69 2.67 13.38
CA LYS A 236 -57.98 3.82 13.95
C LYS A 236 -56.86 3.37 14.86
N SER A 237 -56.96 2.17 15.44
CA SER A 237 -55.84 1.63 16.21
C SER A 237 -54.59 1.54 15.36
N PHE A 238 -54.74 1.09 14.10
CA PHE A 238 -53.61 1.10 13.19
C PHE A 238 -53.15 2.52 12.91
N CYS A 239 -54.09 3.45 12.78
CA CYS A 239 -53.73 4.86 12.64
C CYS A 239 -53.06 5.40 13.90
N HIS A 240 -53.29 4.75 15.05
CA HIS A 240 -52.52 5.10 16.24
C HIS A 240 -51.17 4.40 16.24
N PHE A 241 -51.07 3.25 15.58
CA PHE A 241 -49.81 2.54 15.48
C PHE A 241 -48.83 3.29 14.59
N THR A 242 -49.32 3.98 13.58
CA THR A 242 -48.44 4.71 12.66
C THR A 242 -48.00 6.05 13.20
N THR A 243 -48.18 6.29 14.50
CA THR A 243 -47.67 7.50 15.15
C THR A 243 -46.38 7.26 15.90
N HIS A 244 -46.08 6.01 16.26
CA HIS A 244 -44.83 5.66 16.94
C HIS A 244 -44.00 4.69 16.11
N LEU A 245 -44.12 4.74 14.78
CA LEU A 245 -43.40 3.78 13.94
C LEU A 245 -41.90 3.92 14.09
N GLU A 246 -41.41 5.10 14.49
CA GLU A 246 -39.98 5.27 14.71
C GLU A 246 -39.46 4.26 15.73
N ASP A 247 -40.18 4.09 16.84
CA ASP A 247 -39.86 3.04 17.80
C ASP A 247 -39.92 1.68 17.12
N PHE A 248 -40.90 1.48 16.25
CA PHE A 248 -41.06 0.20 15.58
C PHE A 248 -39.90 -0.09 14.63
N ALA A 249 -39.28 0.96 14.10
CA ALA A 249 -38.12 0.76 13.23
C ALA A 249 -36.99 0.09 13.99
N ILE A 250 -36.84 0.42 15.27
CA ILE A 250 -35.76 -0.17 16.06
C ILE A 250 -36.04 -1.64 16.33
N ALA A 251 -37.29 -1.96 16.72
CA ALA A 251 -37.61 -3.33 17.12
C ALA A 251 -37.31 -4.32 16.01
N MET A 252 -37.82 -4.06 14.81
CA MET A 252 -37.53 -4.95 13.69
C MET A 252 -36.06 -4.92 13.32
N GLN A 253 -35.41 -3.76 13.46
CA GLN A 253 -33.98 -3.68 13.21
C GLN A 253 -33.21 -4.59 14.17
N MET A 254 -33.59 -4.57 15.45
CA MET A 254 -32.93 -5.43 16.42
C MET A 254 -33.21 -6.89 16.18
N PHE A 255 -34.36 -7.21 15.57
CA PHE A 255 -34.62 -8.59 15.18
C PHE A 255 -33.76 -9.02 13.99
N SER A 256 -33.19 -8.07 13.25
CA SER A 256 -32.27 -8.45 12.19
C SER A 256 -30.93 -8.89 12.75
N LEU A 257 -30.44 -8.19 13.78
CA LEU A 257 -29.18 -8.56 14.40
C LEU A 257 -29.28 -9.95 15.02
N ALA A 258 -30.17 -10.12 16.00
CA ALA A 258 -30.47 -11.44 16.51
C ALA A 258 -31.31 -12.16 15.47
N HIS A 259 -30.66 -12.82 14.51
CA HIS A 259 -31.34 -13.35 13.34
C HIS A 259 -32.51 -14.24 13.72
N ARG A 260 -33.72 -13.76 13.42
CA ARG A 260 -34.95 -14.44 13.75
C ARG A 260 -36.02 -13.95 12.79
N PRO A 261 -37.01 -14.79 12.47
CA PRO A 261 -38.09 -14.33 11.59
C PRO A 261 -38.91 -13.25 12.26
N VAL A 262 -39.88 -12.73 11.50
CA VAL A 262 -40.72 -11.64 11.96
C VAL A 262 -42.17 -12.07 11.95
N ARG A 263 -42.41 -13.35 12.23
CA ARG A 263 -43.75 -13.92 12.22
C ARG A 263 -44.63 -13.28 13.30
N LEU A 264 -45.88 -13.74 13.35
CA LEU A 264 -46.88 -13.11 14.21
C LEU A 264 -46.43 -13.04 15.66
N ALA A 265 -45.81 -14.11 16.16
CA ALA A 265 -45.40 -14.16 17.55
C ALA A 265 -44.54 -12.97 17.93
N GLU A 266 -43.57 -12.63 17.07
CA GLU A 266 -42.71 -11.49 17.35
C GLU A 266 -43.28 -10.20 16.80
N PHE A 267 -43.96 -10.26 15.65
CA PHE A 267 -44.60 -9.06 15.11
C PHE A 267 -45.64 -8.52 16.08
N LYS A 268 -46.39 -9.41 16.74
CA LYS A 268 -47.28 -8.97 17.81
C LYS A 268 -46.49 -8.32 18.93
N ARG A 269 -45.35 -8.92 19.30
CA ARG A 269 -44.48 -8.30 20.29
C ARG A 269 -43.96 -6.95 19.80
N ALA A 270 -43.76 -6.81 18.49
CA ALA A 270 -43.24 -5.56 17.95
C ALA A 270 -44.28 -4.44 18.09
N VAL A 271 -45.49 -4.67 17.59
CA VAL A 271 -46.53 -3.66 17.70
C VAL A 271 -46.93 -3.44 19.15
N LYS A 272 -46.65 -4.41 20.02
CA LYS A 272 -46.97 -4.25 21.43
C LYS A 272 -46.18 -3.11 22.06
N VAL A 273 -44.86 -3.13 21.87
CA VAL A 273 -44.03 -2.09 22.47
C VAL A 273 -44.02 -0.84 21.61
N ALA A 274 -44.24 -0.97 20.30
CA ALA A 274 -44.27 0.20 19.43
C ALA A 274 -45.51 1.04 19.68
N THR A 275 -46.47 0.54 20.44
CA THR A 275 -47.69 1.28 20.72
C THR A 275 -48.09 1.30 22.19
N GLY A 276 -47.64 0.35 22.99
CA GLY A 276 -48.15 0.23 24.34
C GLY A 276 -49.42 -0.61 24.37
N GLN A 277 -50.25 -0.45 23.36
CA GLN A 277 -51.48 -1.22 23.23
C GLN A 277 -51.18 -2.51 22.45
N GLU A 278 -52.22 -3.26 22.10
CA GLU A 278 -52.03 -4.52 21.37
C GLU A 278 -53.12 -4.58 20.29
N LEU A 279 -52.70 -4.52 19.03
CA LEU A 279 -53.65 -4.60 17.93
C LEU A 279 -54.29 -5.99 17.87
N SER A 280 -55.48 -6.05 17.31
CA SER A 280 -56.19 -7.31 17.14
C SER A 280 -55.56 -8.14 16.05
N ASN A 281 -55.86 -9.44 16.05
CA ASN A 281 -55.27 -10.35 15.08
C ASN A 281 -55.77 -10.11 13.67
N ASN A 282 -57.02 -9.66 13.52
CA ASN A 282 -57.62 -9.54 12.19
C ASN A 282 -56.83 -8.60 11.30
N ILE A 283 -56.41 -7.46 11.85
CA ILE A 283 -55.64 -6.51 11.06
C ILE A 283 -54.21 -7.03 10.87
N LEU A 284 -53.68 -7.75 11.86
CA LEU A 284 -52.34 -8.31 11.71
C LEU A 284 -52.32 -9.41 10.66
N ASP A 285 -53.44 -10.10 10.48
CA ASP A 285 -53.52 -11.10 9.42
C ASP A 285 -53.42 -10.45 8.05
N THR A 286 -54.14 -9.34 7.85
CA THR A 286 -54.11 -8.67 6.55
C THR A 286 -52.73 -8.12 6.24
N VAL A 287 -52.15 -7.35 7.17
CA VAL A 287 -50.86 -6.71 6.91
C VAL A 287 -49.79 -7.76 6.62
N PHE A 288 -49.94 -8.95 7.23
CA PHE A 288 -49.11 -10.07 6.82
C PHE A 288 -49.35 -10.45 5.36
N LYS A 289 -50.58 -10.82 5.04
CA LYS A 289 -50.90 -11.29 3.70
C LYS A 289 -50.57 -10.27 2.62
N ILE A 290 -50.57 -8.98 2.96
CA ILE A 290 -50.16 -7.97 2.00
C ILE A 290 -48.64 -7.90 1.92
N PHE A 291 -47.94 -8.26 2.99
CA PHE A 291 -46.50 -8.11 3.05
C PHE A 291 -45.74 -9.42 3.23
N ASP A 292 -46.42 -10.57 3.29
CA ASP A 292 -45.72 -11.83 3.39
C ASP A 292 -45.24 -12.30 2.03
N LEU A 293 -44.41 -11.49 1.37
CA LEU A 293 -43.92 -11.78 0.04
C LEU A 293 -42.86 -12.88 0.01
N ASP A 294 -42.69 -13.60 1.12
CA ASP A 294 -41.71 -14.67 1.21
C ASP A 294 -42.31 -15.95 1.78
N GLY A 295 -43.50 -15.89 2.36
CA GLY A 295 -44.12 -17.06 2.94
C GLY A 295 -44.51 -16.90 4.40
N ASP A 296 -44.81 -15.67 4.80
CA ASP A 296 -45.31 -15.33 6.13
C ASP A 296 -44.24 -15.53 7.21
N GLU A 297 -42.98 -15.32 6.89
CA GLU A 297 -41.94 -15.35 7.91
C GLU A 297 -40.98 -14.17 7.74
N CYS A 298 -40.95 -13.60 6.54
CA CYS A 298 -40.04 -12.49 6.22
C CYS A 298 -40.86 -11.32 5.68
N LEU A 299 -41.35 -10.49 6.59
CA LEU A 299 -42.00 -9.25 6.19
C LEU A 299 -40.96 -8.30 5.62
N SER A 300 -41.41 -7.42 4.73
CA SER A 300 -40.50 -6.46 4.10
C SER A 300 -40.24 -5.29 5.03
N HIS A 301 -39.80 -5.60 6.26
CA HIS A 301 -39.67 -4.58 7.30
C HIS A 301 -38.72 -3.46 6.92
N GLU A 302 -37.84 -3.68 5.94
CA GLU A 302 -36.96 -2.61 5.50
C GLU A 302 -37.75 -1.49 4.83
N GLU A 303 -38.82 -1.83 4.12
CA GLU A 303 -39.68 -0.83 3.49
C GLU A 303 -41.15 -1.00 3.80
N PHE A 304 -41.55 -2.05 4.54
CA PHE A 304 -42.91 -2.11 5.05
C PHE A 304 -43.20 -0.86 5.88
N LEU A 305 -42.27 -0.47 6.74
CA LEU A 305 -42.38 0.83 7.38
C LEU A 305 -42.10 1.96 6.40
N GLY A 306 -41.45 1.67 5.28
CA GLY A 306 -41.25 2.69 4.27
C GLY A 306 -42.55 3.18 3.69
N VAL A 307 -43.43 2.26 3.28
CA VAL A 307 -44.73 2.67 2.76
C VAL A 307 -45.54 3.34 3.85
N LEU A 308 -45.24 3.05 5.11
CA LEU A 308 -45.88 3.76 6.21
C LEU A 308 -45.28 5.15 6.40
N LYS A 309 -43.96 5.28 6.20
CA LYS A 309 -43.31 6.57 6.42
C LYS A 309 -43.48 7.51 5.24
N ASN A 310 -43.59 6.99 4.02
CA ASN A 310 -43.89 7.82 2.87
C ASN A 310 -45.39 7.94 2.64
N ARG A 311 -46.21 7.43 3.56
CA ARG A 311 -47.65 7.55 3.44
C ARG A 311 -48.07 9.01 3.46
N MET A 312 -47.69 9.73 4.51
CA MET A 312 -48.01 11.15 4.66
C MET A 312 -46.71 11.87 4.96
N HIS A 313 -46.01 12.28 3.91
CA HIS A 313 -44.70 12.90 4.05
C HIS A 313 -44.55 14.21 3.27
N ARG A 314 -45.43 14.50 2.32
CA ARG A 314 -45.42 15.74 1.54
C ARG A 314 -44.11 15.93 0.77
N GLY A 315 -43.40 14.85 0.50
CA GLY A 315 -42.20 14.88 -0.31
C GLY A 315 -42.42 14.27 -1.68
N LEU A 316 -41.31 14.11 -2.41
CA LEU A 316 -41.35 13.53 -3.74
C LEU A 316 -40.03 12.82 -3.99
N TRP A 317 -39.97 12.12 -5.13
CA TRP A 317 -38.75 11.43 -5.55
C TRP A 317 -37.84 12.42 -6.27
N VAL A 318 -36.55 12.40 -5.91
CA VAL A 318 -35.57 13.28 -6.53
C VAL A 318 -35.41 12.91 -7.99
N PRO A 319 -35.53 13.86 -8.92
CA PRO A 319 -35.29 13.55 -10.32
C PRO A 319 -33.85 13.10 -10.55
N GLN A 320 -33.65 12.31 -11.60
CA GLN A 320 -32.37 11.63 -11.79
C GLN A 320 -31.24 12.64 -11.98
N HIS A 321 -31.47 13.67 -12.80
CA HIS A 321 -30.40 14.65 -13.03
C HIS A 321 -30.14 15.48 -11.78
N GLN A 322 -31.18 15.73 -10.98
CA GLN A 322 -30.97 16.30 -9.66
C GLN A 322 -30.31 15.29 -8.74
N SER A 323 -30.66 14.00 -8.90
CA SER A 323 -29.99 12.97 -8.13
C SER A 323 -28.51 12.89 -8.47
N ILE A 324 -28.13 13.36 -9.66
CA ILE A 324 -26.71 13.45 -10.00
C ILE A 324 -26.02 14.49 -9.12
N GLN A 325 -26.76 15.43 -8.55
CA GLN A 325 -26.21 16.42 -7.63
C GLN A 325 -26.56 16.12 -6.18
N GLU A 326 -27.81 15.79 -5.89
CA GLU A 326 -28.23 15.64 -4.50
C GLU A 326 -27.77 14.34 -3.86
N TYR A 327 -27.26 13.38 -4.63
CA TYR A 327 -26.74 12.17 -3.97
C TYR A 327 -25.50 12.50 -3.16
N TRP A 328 -24.81 13.59 -3.51
CA TRP A 328 -23.75 14.10 -2.67
C TRP A 328 -24.27 14.47 -1.29
N LYS A 329 -25.53 14.87 -1.20
CA LYS A 329 -26.18 15.11 0.08
C LYS A 329 -26.77 13.85 0.68
N CYS A 330 -27.07 12.84 -0.15
CA CYS A 330 -27.49 11.54 0.37
C CYS A 330 -26.47 11.00 1.36
N VAL A 331 -25.23 10.87 0.92
CA VAL A 331 -24.21 10.21 1.73
C VAL A 331 -23.92 11.03 2.98
N LYS A 332 -24.05 12.35 2.90
CA LYS A 332 -23.70 13.20 4.03
C LYS A 332 -24.61 12.91 5.24
N LYS A 333 -25.86 12.53 4.98
CA LYS A 333 -26.79 12.21 6.06
C LYS A 333 -27.08 10.72 6.17
N GLU A 334 -27.04 9.98 5.06
CA GLU A 334 -27.41 8.56 5.11
C GLU A 334 -26.34 7.73 5.81
N SER A 335 -25.07 8.09 5.67
CA SER A 335 -24.00 7.35 6.30
C SER A 335 -24.00 7.55 7.81
N SER B 1 4.37 19.67 27.42
CA SER B 1 5.44 20.65 27.43
C SER B 1 6.55 20.26 26.46
N GLY B 2 6.16 19.95 25.24
CA GLY B 2 7.09 19.55 24.20
C GLY B 2 7.85 18.28 24.51
N PHE B 3 7.49 17.64 25.62
CA PHE B 3 8.13 16.43 26.12
C PHE B 3 7.08 15.33 26.18
N ARG B 4 7.42 14.24 26.85
CA ARG B 4 6.45 13.16 26.97
C ARG B 4 5.38 13.51 28.01
N ASP B 5 4.83 14.69 27.86
CA ASP B 5 3.71 15.18 28.65
C ASP B 5 2.63 15.77 27.75
N ARG B 6 3.00 16.31 26.60
CA ARG B 6 2.05 16.73 25.58
C ARG B 6 2.06 15.82 24.37
N LYS B 7 3.26 15.42 23.90
CA LYS B 7 3.33 14.44 22.83
C LYS B 7 2.81 13.08 23.24
N VAL B 8 2.60 12.84 24.53
CA VAL B 8 1.98 11.63 25.01
C VAL B 8 0.49 11.81 25.22
N MET B 9 0.09 12.90 25.87
CA MET B 9 -1.33 13.19 26.02
C MET B 9 -2.05 13.29 24.69
N GLU B 10 -1.38 13.79 23.66
CA GLU B 10 -1.97 13.81 22.32
C GLU B 10 -1.85 12.47 21.63
N TYR B 11 -1.03 11.57 22.18
CA TYR B 11 -1.11 10.16 21.79
C TYR B 11 -2.19 9.42 22.55
N GLU B 12 -2.44 9.81 23.80
CA GLU B 12 -3.52 9.21 24.57
C GLU B 12 -4.84 9.37 23.84
N ASN B 13 -5.10 10.54 23.26
CA ASN B 13 -6.36 10.76 22.58
C ASN B 13 -6.49 9.89 21.34
N ARG B 14 -5.43 9.78 20.55
CA ARG B 14 -5.46 8.96 19.36
C ARG B 14 -5.52 7.47 19.66
N ILE B 15 -5.24 7.08 20.90
CA ILE B 15 -5.50 5.71 21.34
C ILE B 15 -6.82 5.59 22.06
N ARG B 16 -7.39 6.69 22.54
CA ARG B 16 -8.70 6.66 23.17
C ARG B 16 -9.84 6.74 22.18
N ALA B 17 -9.55 6.94 20.90
CA ALA B 17 -10.61 7.21 19.95
C ALA B 17 -10.53 6.42 18.65
N TYR B 18 -9.48 5.64 18.42
CA TYR B 18 -9.41 4.85 17.20
C TYR B 18 -8.86 3.45 17.37
N SER B 19 -8.41 3.07 18.55
CA SER B 19 -7.82 1.76 18.77
C SER B 19 -8.84 0.80 19.35
N THR B 20 -8.65 -0.48 19.08
CA THR B 20 -9.55 -1.52 19.56
C THR B 20 -9.66 -1.44 21.07
N PRO B 21 -10.83 -1.71 21.66
CA PRO B 21 -10.97 -1.62 23.11
C PRO B 21 -10.08 -2.59 23.87
N ASP B 22 -9.56 -3.63 23.21
CA ASP B 22 -8.56 -4.48 23.85
C ASP B 22 -7.29 -3.69 24.15
N LYS B 23 -6.81 -2.94 23.16
CA LYS B 23 -5.64 -2.10 23.40
C LYS B 23 -5.94 -1.00 24.40
N ILE B 24 -7.15 -0.46 24.38
CA ILE B 24 -7.50 0.59 25.32
C ILE B 24 -7.53 0.04 26.74
N PHE B 25 -8.05 -1.18 26.90
CA PHE B 25 -8.11 -1.78 28.24
C PHE B 25 -6.72 -1.98 28.80
N ARG B 26 -5.91 -2.82 28.15
CA ARG B 26 -4.63 -3.20 28.71
C ARG B 26 -3.61 -2.06 28.69
N TYR B 27 -3.93 -0.94 28.07
CA TYR B 27 -3.08 0.23 28.22
C TYR B 27 -3.37 0.93 29.54
N PHE B 28 -4.63 1.27 29.79
CA PHE B 28 -4.99 2.03 30.98
C PHE B 28 -5.00 1.17 32.23
N ALA B 29 -5.28 -0.13 32.10
CA ALA B 29 -5.22 -1.03 33.25
C ALA B 29 -3.85 -0.96 33.90
N THR B 30 -3.84 -0.96 35.23
CA THR B 30 -2.58 -0.89 35.96
C THR B 30 -2.32 -2.10 36.83
N LEU B 31 -3.34 -2.69 37.44
CA LEU B 31 -3.14 -3.83 38.30
C LEU B 31 -3.23 -5.12 37.49
N LYS B 32 -2.32 -6.05 37.78
CA LYS B 32 -2.27 -7.35 37.12
C LYS B 32 -2.13 -8.40 38.22
N VAL B 33 -3.25 -8.88 38.72
CA VAL B 33 -3.25 -9.80 39.84
C VAL B 33 -2.83 -11.18 39.36
N ILE B 34 -1.97 -11.84 40.11
CA ILE B 34 -1.57 -13.22 39.82
C ILE B 34 -1.80 -14.05 41.07
N SER B 35 -2.66 -13.58 41.97
CA SER B 35 -2.89 -14.28 43.23
C SER B 35 -3.67 -15.55 42.95
N GLU B 36 -3.03 -16.50 42.28
CA GLU B 36 -3.62 -17.75 41.84
C GLU B 36 -2.54 -18.83 41.88
N PRO B 37 -2.86 -20.09 41.57
CA PRO B 37 -1.81 -21.11 41.50
C PRO B 37 -0.89 -20.95 40.28
N GLY B 38 -0.96 -19.81 39.62
CA GLY B 38 -0.11 -19.55 38.47
C GLY B 38 -0.81 -18.86 37.32
N GLU B 39 -2.05 -18.45 37.53
CA GLU B 39 -2.81 -17.72 36.52
C GLU B 39 -2.53 -16.22 36.66
N ALA B 40 -3.04 -15.46 35.69
CA ALA B 40 -2.75 -14.03 35.66
C ALA B 40 -3.84 -13.31 34.88
N GLU B 41 -4.64 -12.51 35.56
CA GLU B 41 -5.58 -11.62 34.91
C GLU B 41 -5.19 -10.18 35.23
N VAL B 42 -5.72 -9.25 34.43
CA VAL B 42 -5.35 -7.84 34.51
C VAL B 42 -6.61 -7.03 34.74
N PHE B 43 -6.65 -6.30 35.85
CA PHE B 43 -7.80 -5.46 36.17
C PHE B 43 -7.42 -3.98 36.06
N MET B 44 -8.38 -3.11 36.32
CA MET B 44 -8.14 -1.69 36.39
C MET B 44 -8.92 -1.12 37.57
N THR B 45 -8.25 -0.35 38.42
CA THR B 45 -8.96 0.29 39.51
C THR B 45 -9.95 1.30 38.96
N PRO B 46 -11.08 1.52 39.65
CA PRO B 46 -12.12 2.42 39.11
C PRO B 46 -11.61 3.75 38.64
N GLU B 47 -10.56 4.29 39.26
CA GLU B 47 -10.03 5.57 38.83
C GLU B 47 -9.50 5.49 37.40
N ASP B 48 -8.89 4.36 37.04
CA ASP B 48 -8.40 4.20 35.67
C ASP B 48 -9.55 4.18 34.68
N PHE B 49 -10.68 3.59 35.08
CA PHE B 49 -11.83 3.51 34.17
C PHE B 49 -12.23 4.89 33.68
N VAL B 50 -12.46 5.82 34.59
CA VAL B 50 -12.86 7.16 34.19
C VAL B 50 -11.77 7.82 33.36
N ARG B 51 -10.51 7.44 33.58
CA ARG B 51 -9.44 7.96 32.74
C ARG B 51 -9.52 7.38 31.34
N SER B 52 -9.97 6.13 31.22
CA SER B 52 -10.15 5.49 29.93
C SER B 52 -11.24 6.14 29.09
N ILE B 53 -11.88 7.19 29.59
CA ILE B 53 -12.96 7.86 28.87
C ILE B 53 -12.63 9.32 28.58
N THR B 54 -12.13 10.04 29.58
CA THR B 54 -11.98 11.47 29.39
C THR B 54 -10.65 11.78 28.71
N PRO B 55 -10.67 12.54 27.62
CA PRO B 55 -9.41 12.88 26.94
C PRO B 55 -8.59 13.87 27.76
N ASN B 56 -7.33 14.00 27.35
CA ASN B 56 -6.37 14.92 27.95
C ASN B 56 -6.02 14.53 29.38
N GLU B 57 -5.96 13.23 29.66
CA GLU B 57 -5.55 12.73 30.96
C GLU B 57 -4.41 11.75 30.76
N LYS B 58 -3.29 12.00 31.40
CA LYS B 58 -2.07 11.22 31.17
C LYS B 58 -1.98 10.08 32.18
N GLN B 59 -1.77 8.87 31.66
CA GLN B 59 -1.50 7.73 32.51
C GLN B 59 -0.27 8.01 33.38
N PRO B 60 -0.22 7.48 34.59
CA PRO B 60 0.99 7.64 35.41
C PRO B 60 2.24 7.25 34.64
N GLU B 61 3.36 7.88 35.04
CA GLU B 61 4.52 7.97 34.16
C GLU B 61 5.08 6.62 33.76
N HIS B 62 4.93 5.60 34.59
CA HIS B 62 5.66 4.35 34.37
C HIS B 62 4.78 3.18 33.97
N LEU B 63 3.58 3.07 34.53
CA LEU B 63 2.70 1.93 34.29
C LEU B 63 1.91 2.13 32.99
N GLY B 64 2.62 1.98 31.88
CA GLY B 64 2.06 2.23 30.56
C GLY B 64 1.34 1.06 29.95
N LEU B 65 1.72 0.67 28.73
CA LEU B 65 0.93 -0.27 27.97
C LEU B 65 1.05 -1.69 28.49
N ASP B 66 2.23 -2.08 28.99
CA ASP B 66 2.32 -3.39 29.61
C ASP B 66 3.18 -3.35 30.85
N GLN B 67 3.28 -2.20 31.50
CA GLN B 67 3.88 -2.08 32.82
C GLN B 67 2.73 -2.07 33.83
N TYR B 68 2.66 -3.11 34.64
CA TYR B 68 1.58 -3.29 35.59
C TYR B 68 2.13 -3.40 37.00
N ILE B 69 1.30 -3.09 37.98
CA ILE B 69 1.63 -3.28 39.38
C ILE B 69 1.14 -4.66 39.77
N ILE B 70 2.06 -5.62 39.83
CA ILE B 70 1.69 -7.00 40.09
C ILE B 70 1.30 -7.17 41.54
N LYS B 71 0.11 -7.70 41.79
CA LYS B 71 -0.37 -7.95 43.14
C LYS B 71 -0.22 -9.43 43.48
N ARG B 72 -0.52 -9.77 44.72
CA ARG B 72 -0.44 -11.16 45.20
C ARG B 72 -1.59 -11.48 46.14
N LYS B 84 -11.29 -2.18 49.27
CA LYS B 84 -9.91 -1.75 49.07
C LYS B 84 -9.83 -0.48 48.22
N PHE B 85 -10.27 -0.57 46.96
CA PHE B 85 -10.07 0.50 46.01
C PHE B 85 -11.26 1.45 45.93
N ALA B 86 -12.44 0.92 45.64
CA ALA B 86 -13.65 1.73 45.56
C ALA B 86 -14.43 1.65 46.87
N ASP B 87 -15.13 2.74 47.19
CA ASP B 87 -15.93 2.78 48.39
C ASP B 87 -17.03 1.71 48.33
N GLU B 88 -17.52 1.32 49.50
CA GLU B 88 -18.56 0.30 49.57
C GLU B 88 -19.84 0.75 48.89
N GLY B 89 -20.23 2.00 49.10
CA GLY B 89 -21.43 2.51 48.46
C GLY B 89 -21.28 2.72 46.97
N SER B 90 -20.04 2.86 46.50
CA SER B 90 -19.79 3.06 45.08
C SER B 90 -20.23 1.84 44.28
N ILE B 91 -20.80 2.10 43.10
CA ILE B 91 -21.36 1.03 42.28
C ILE B 91 -20.30 0.01 41.93
N PHE B 92 -19.05 0.45 41.77
CA PHE B 92 -18.00 -0.46 41.34
C PHE B 92 -17.68 -1.53 42.38
N TYR B 93 -18.25 -1.43 43.57
CA TYR B 93 -18.00 -2.47 44.57
C TYR B 93 -18.77 -3.74 44.26
N THR B 94 -19.92 -3.63 43.59
CA THR B 94 -20.64 -4.83 43.17
C THR B 94 -19.86 -5.62 42.14
N LEU B 95 -18.82 -5.03 41.56
CA LEU B 95 -17.96 -5.70 40.59
C LEU B 95 -16.84 -6.43 41.31
N GLY B 96 -16.33 -7.47 40.65
CA GLY B 96 -15.13 -8.18 41.08
C GLY B 96 -15.02 -8.45 42.56
N GLU B 97 -13.95 -7.95 43.17
CA GLU B 97 -13.69 -8.17 44.58
C GLU B 97 -13.86 -6.90 45.41
N CYS B 98 -13.10 -5.85 45.09
CA CYS B 98 -13.25 -4.58 45.79
C CYS B 98 -13.69 -3.47 44.85
N GLY B 99 -12.92 -3.19 43.81
CA GLY B 99 -13.34 -2.28 42.77
C GLY B 99 -12.75 -2.65 41.44
N LEU B 100 -12.05 -3.78 41.39
CA LEU B 100 -11.21 -4.10 40.24
C LEU B 100 -12.09 -4.57 39.08
N ILE B 101 -12.15 -3.74 38.03
CA ILE B 101 -12.90 -4.09 36.84
C ILE B 101 -12.10 -5.08 36.00
N SER B 102 -12.70 -6.22 35.70
CA SER B 102 -12.09 -7.18 34.78
C SER B 102 -12.22 -6.63 33.37
N PHE B 103 -11.84 -7.44 32.37
CA PHE B 103 -12.05 -6.99 31.00
C PHE B 103 -13.50 -7.19 30.58
N SER B 104 -13.99 -8.42 30.69
CA SER B 104 -15.36 -8.71 30.28
C SER B 104 -16.38 -7.80 30.94
N ASP B 105 -16.04 -7.20 32.08
CA ASP B 105 -16.91 -6.21 32.70
C ASP B 105 -16.70 -4.84 32.11
N TYR B 106 -15.45 -4.44 31.87
CA TYR B 106 -15.20 -3.12 31.30
C TYR B 106 -15.91 -2.92 29.97
N ILE B 107 -15.94 -3.96 29.14
CA ILE B 107 -16.62 -3.83 27.86
C ILE B 107 -18.13 -3.78 28.07
N PHE B 108 -18.63 -4.53 29.05
CA PHE B 108 -20.05 -4.43 29.38
C PHE B 108 -20.34 -3.13 30.09
N LEU B 109 -19.43 -2.68 30.96
CA LEU B 109 -19.66 -1.48 31.74
C LEU B 109 -19.67 -0.23 30.87
N THR B 110 -19.24 -0.33 29.63
CA THR B 110 -19.20 0.81 28.74
C THR B 110 -20.31 0.80 27.69
N THR B 111 -21.04 -0.31 27.55
CA THR B 111 -22.26 -0.28 26.77
C THR B 111 -23.40 0.33 27.57
N VAL B 112 -23.37 0.13 28.90
CA VAL B 112 -24.40 0.69 29.75
C VAL B 112 -24.22 2.20 29.90
N LEU B 113 -22.98 2.67 29.90
CA LEU B 113 -22.74 4.08 30.15
C LEU B 113 -23.19 4.96 28.99
N SER B 114 -23.16 4.45 27.76
CA SER B 114 -23.39 5.27 26.58
C SER B 114 -24.44 4.65 25.68
N THR B 115 -25.57 4.26 26.27
CA THR B 115 -26.69 3.76 25.50
C THR B 115 -27.95 4.51 25.90
N PRO B 116 -28.74 4.99 24.94
CA PRO B 116 -29.98 5.70 25.30
C PRO B 116 -30.91 4.80 26.11
N GLN B 117 -31.66 5.44 27.01
CA GLN B 117 -32.54 4.69 27.88
C GLN B 117 -33.64 3.98 27.10
N ARG B 118 -34.01 4.50 25.93
CA ARG B 118 -35.04 3.85 25.13
C ARG B 118 -34.59 2.48 24.65
N ASN B 119 -33.33 2.36 24.24
CA ASN B 119 -32.85 1.11 23.67
C ASN B 119 -33.01 -0.04 24.66
N PHE B 120 -32.78 0.22 25.94
CA PHE B 120 -33.00 -0.83 26.93
C PHE B 120 -34.49 -1.04 27.17
N GLU B 121 -35.29 0.03 27.07
CA GLU B 121 -36.73 -0.14 27.14
C GLU B 121 -37.24 -1.05 26.05
N ILE B 122 -36.62 -1.02 24.88
CA ILE B 122 -37.05 -1.86 23.76
C ILE B 122 -36.41 -3.23 23.82
N ALA B 123 -35.09 -3.29 24.02
CA ALA B 123 -34.40 -4.58 24.06
C ALA B 123 -35.03 -5.50 25.10
N PHE B 124 -35.24 -4.99 26.32
CA PHE B 124 -35.84 -5.81 27.36
C PHE B 124 -37.26 -6.22 26.98
N LYS B 125 -38.04 -5.29 26.46
CA LYS B 125 -39.44 -5.58 26.14
C LYS B 125 -39.63 -6.34 24.84
N MET B 126 -38.57 -6.75 24.16
CA MET B 126 -38.72 -7.53 22.95
C MET B 126 -38.33 -8.99 23.10
N PHE B 127 -37.33 -9.29 23.93
CA PHE B 127 -36.97 -10.68 24.17
C PHE B 127 -37.84 -11.28 25.26
N ASP B 128 -37.82 -10.68 26.47
CA ASP B 128 -38.91 -10.73 27.45
C ASP B 128 -39.70 -12.03 27.43
N LEU B 129 -39.01 -13.15 27.67
CA LEU B 129 -39.47 -14.48 27.32
C LEU B 129 -40.98 -14.69 27.49
N ASN B 130 -41.53 -14.26 28.62
CA ASN B 130 -42.98 -14.40 28.83
C ASN B 130 -43.67 -13.04 28.90
N GLY B 131 -43.22 -12.18 29.81
CA GLY B 131 -43.91 -10.93 30.04
C GLY B 131 -43.30 -9.76 29.29
N ASP B 132 -43.19 -8.62 29.96
CA ASP B 132 -42.67 -7.40 29.36
C ASP B 132 -41.94 -6.61 30.44
N GLY B 133 -40.62 -6.50 30.31
CA GLY B 133 -39.80 -5.74 31.24
C GLY B 133 -38.87 -6.60 32.08
N GLU B 134 -39.13 -7.89 32.20
CA GLU B 134 -38.31 -8.78 32.98
C GLU B 134 -37.61 -9.78 32.07
N VAL B 135 -36.35 -10.08 32.39
CA VAL B 135 -35.55 -11.06 31.66
C VAL B 135 -34.70 -11.83 32.66
N ASP B 136 -34.52 -13.12 32.41
CA ASP B 136 -33.63 -13.94 33.21
C ASP B 136 -32.21 -13.79 32.69
N MET B 137 -31.31 -14.67 33.13
CA MET B 137 -29.90 -14.54 32.77
C MET B 137 -29.68 -14.83 31.29
N GLU B 138 -30.06 -16.02 30.83
CA GLU B 138 -29.76 -16.42 29.46
C GLU B 138 -30.41 -15.48 28.44
N GLU B 139 -31.52 -14.84 28.82
CA GLU B 139 -32.07 -13.79 27.97
C GLU B 139 -31.32 -12.48 28.13
N PHE B 140 -30.64 -12.26 29.26
CA PHE B 140 -29.83 -11.09 29.44
C PHE B 140 -28.46 -11.22 28.80
N GLU B 141 -28.20 -12.30 28.06
CA GLU B 141 -26.96 -12.37 27.30
C GLU B 141 -27.20 -11.97 25.85
N GLN B 142 -28.31 -12.40 25.27
CA GLN B 142 -28.70 -11.87 23.96
C GLN B 142 -28.87 -10.36 24.03
N VAL B 143 -29.64 -9.88 25.01
CA VAL B 143 -29.90 -8.45 25.12
C VAL B 143 -28.59 -7.68 25.27
N GLN B 144 -27.70 -8.17 26.13
CA GLN B 144 -26.42 -7.49 26.29
C GLN B 144 -25.58 -7.58 25.02
N SER B 145 -25.59 -8.74 24.36
CA SER B 145 -24.82 -8.89 23.14
C SER B 145 -25.39 -8.06 21.99
N ILE B 146 -26.71 -7.97 21.91
CA ILE B 146 -27.33 -7.19 20.84
C ILE B 146 -26.98 -5.72 20.99
N ILE B 147 -27.26 -5.15 22.16
CA ILE B 147 -26.97 -3.73 22.37
C ILE B 147 -25.48 -3.46 22.22
N ARG B 148 -24.64 -4.43 22.60
CA ARG B 148 -23.21 -4.27 22.37
C ARG B 148 -22.87 -4.28 20.89
N SER B 149 -23.59 -5.05 20.08
CA SER B 149 -23.32 -5.14 18.65
C SER B 149 -23.80 -3.93 17.87
N GLN B 150 -24.17 -2.85 18.56
CA GLN B 150 -24.49 -1.59 17.91
C GLN B 150 -23.66 -0.42 18.39
N THR B 151 -23.06 -0.49 19.57
CA THR B 151 -22.24 0.60 20.07
C THR B 151 -20.91 0.63 19.35
N SER B 152 -20.16 1.71 19.55
CA SER B 152 -18.87 1.87 18.89
C SER B 152 -17.90 0.79 19.33
N MET B 153 -17.70 0.65 20.64
CA MET B 153 -16.80 -0.38 21.16
C MET B 153 -17.33 -1.78 20.98
N GLY B 154 -18.46 -1.94 20.29
CA GLY B 154 -18.97 -3.27 20.04
C GLY B 154 -18.54 -3.79 18.67
N MET B 155 -18.54 -2.91 17.67
CA MET B 155 -18.00 -3.29 16.36
C MET B 155 -16.53 -2.93 16.25
N ARG B 156 -15.81 -3.03 17.30
CA ARG B 156 -14.39 -2.79 17.08
C ARG B 156 -13.81 -3.71 18.09
N HIS B 157 -14.32 -4.91 18.15
CA HIS B 157 -13.71 -5.69 19.21
C HIS B 157 -13.71 -7.13 18.74
N ARG B 158 -12.64 -7.57 18.11
CA ARG B 158 -12.58 -8.98 17.69
C ARG B 158 -11.82 -9.68 18.79
N ASP B 159 -12.35 -10.76 19.32
CA ASP B 159 -11.74 -11.37 20.52
C ASP B 159 -10.31 -11.76 20.22
N ARG B 160 -9.40 -11.42 21.11
CA ARG B 160 -7.97 -11.71 21.01
C ARG B 160 -7.55 -12.60 22.17
N PRO B 161 -7.72 -13.92 22.04
CA PRO B 161 -7.32 -14.81 23.13
C PRO B 161 -5.84 -14.84 23.39
N THR B 162 -5.02 -14.40 22.43
CA THR B 162 -3.58 -14.42 22.59
C THR B 162 -3.15 -13.64 23.82
N THR B 163 -3.78 -12.50 24.07
CA THR B 163 -3.48 -11.67 25.23
C THR B 163 -4.46 -11.89 26.36
N GLY B 164 -5.29 -12.92 26.28
CA GLY B 164 -6.24 -13.25 27.33
C GLY B 164 -7.47 -12.37 27.41
N ASN B 165 -7.42 -11.17 26.84
CA ASN B 165 -8.55 -10.25 26.91
C ASN B 165 -9.64 -10.70 25.94
N THR B 166 -10.36 -11.74 26.38
CA THR B 166 -11.49 -12.26 25.61
C THR B 166 -12.79 -11.99 26.36
N LEU B 167 -13.88 -12.11 25.63
CA LEU B 167 -15.18 -11.72 26.19
C LEU B 167 -16.16 -12.85 25.94
N LYS B 168 -15.69 -14.09 26.12
CA LYS B 168 -16.53 -15.30 25.96
C LYS B 168 -17.01 -15.74 27.34
N SER B 169 -16.73 -14.92 28.36
CA SER B 169 -17.16 -15.19 29.74
C SER B 169 -18.58 -14.64 29.94
N GLY B 170 -19.27 -14.98 31.00
CA GLY B 170 -20.62 -14.42 30.93
C GLY B 170 -20.52 -13.02 31.48
N LEU B 171 -21.50 -12.64 32.27
CA LEU B 171 -21.34 -11.37 33.00
C LEU B 171 -20.24 -11.66 34.03
N CYS B 172 -19.74 -10.64 34.70
CA CYS B 172 -18.61 -10.83 35.63
C CYS B 172 -18.90 -11.86 36.74
N SER B 173 -20.14 -11.92 37.25
CA SER B 173 -20.63 -12.88 38.28
C SER B 173 -20.36 -12.39 39.70
N ALA B 174 -19.71 -11.23 39.84
CA ALA B 174 -19.71 -10.56 41.16
C ALA B 174 -20.93 -9.64 41.19
N LEU B 175 -21.54 -9.40 40.03
CA LEU B 175 -22.78 -8.63 39.85
C LEU B 175 -23.83 -9.52 39.20
N THR B 176 -23.51 -10.74 38.82
CA THR B 176 -24.60 -11.53 38.24
C THR B 176 -25.63 -11.73 39.35
N THR B 177 -25.14 -11.98 40.55
CA THR B 177 -25.93 -12.21 41.75
C THR B 177 -26.64 -10.93 42.18
N TYR B 178 -25.97 -9.79 42.03
CA TYR B 178 -26.62 -8.52 42.31
C TYR B 178 -27.85 -8.32 41.44
N PHE B 179 -27.86 -8.92 40.26
CA PHE B 179 -28.98 -8.78 39.34
C PHE B 179 -29.97 -9.93 39.47
N PHE B 180 -29.48 -11.17 39.42
CA PHE B 180 -30.33 -12.35 39.33
C PHE B 180 -30.35 -13.16 40.62
N GLY B 181 -30.06 -12.52 41.75
CA GLY B 181 -30.07 -13.21 43.02
C GLY B 181 -28.99 -14.27 43.14
N ALA B 182 -28.94 -14.96 44.28
CA ALA B 182 -27.93 -15.98 44.48
C ALA B 182 -28.24 -17.24 43.67
N ASP B 183 -29.52 -17.56 43.49
CA ASP B 183 -29.90 -18.76 42.77
C ASP B 183 -29.72 -18.64 41.26
N LEU B 184 -29.40 -17.44 40.77
CA LEU B 184 -29.28 -17.18 39.33
C LEU B 184 -30.60 -17.45 38.61
N LYS B 185 -31.71 -17.10 39.28
CA LYS B 185 -33.04 -17.33 38.73
C LYS B 185 -33.90 -16.07 38.66
N GLY B 186 -33.56 -15.01 39.39
CA GLY B 186 -34.37 -13.82 39.44
C GLY B 186 -34.55 -13.16 38.08
N LYS B 187 -35.77 -12.71 37.80
CA LYS B 187 -36.05 -12.01 36.56
C LYS B 187 -35.82 -10.52 36.77
N LEU B 188 -34.78 -9.99 36.14
CA LEU B 188 -34.44 -8.58 36.28
C LEU B 188 -35.51 -7.72 35.63
N THR B 189 -36.23 -6.95 36.45
CA THR B 189 -37.18 -6.00 35.89
C THR B 189 -36.44 -4.85 35.21
N ILE B 190 -37.07 -4.28 34.19
CA ILE B 190 -36.45 -3.17 33.48
C ILE B 190 -36.32 -1.96 34.39
N LYS B 191 -37.16 -1.87 35.44
CA LYS B 191 -37.21 -0.66 36.24
C LYS B 191 -35.93 -0.47 37.04
N ASN B 192 -35.50 -1.51 37.76
CA ASN B 192 -34.31 -1.35 38.60
C ASN B 192 -33.03 -1.32 37.78
N PHE B 193 -33.07 -1.78 36.54
CA PHE B 193 -31.89 -1.68 35.69
C PHE B 193 -31.62 -0.22 35.32
N LEU B 194 -32.62 0.44 34.73
CA LEU B 194 -32.47 1.86 34.41
C LEU B 194 -32.19 2.69 35.65
N GLU B 195 -32.45 2.15 36.83
CA GLU B 195 -31.95 2.76 38.06
C GLU B 195 -30.49 2.42 38.28
N PHE B 196 -30.08 1.18 37.97
CA PHE B 196 -28.68 0.82 38.07
C PHE B 196 -27.82 1.70 37.16
N GLN B 197 -28.26 1.88 35.91
CA GLN B 197 -27.50 2.70 34.98
C GLN B 197 -27.31 4.12 35.51
N ARG B 198 -28.39 4.71 36.02
CA ARG B 198 -28.28 6.05 36.60
C ARG B 198 -27.34 6.05 37.80
N LYS B 199 -27.36 4.97 38.59
CA LYS B 199 -26.42 4.85 39.68
C LYS B 199 -24.99 4.86 39.17
N LEU B 200 -24.77 4.35 37.96
CA LEU B 200 -23.44 4.38 37.36
C LEU B 200 -23.07 5.78 36.91
N GLN B 201 -23.87 6.35 36.00
CA GLN B 201 -23.54 7.64 35.39
C GLN B 201 -23.33 8.72 36.45
N HIS B 202 -24.01 8.61 37.59
CA HIS B 202 -23.74 9.53 38.67
C HIS B 202 -22.46 9.17 39.41
N ASP B 203 -22.10 7.90 39.43
CA ASP B 203 -20.87 7.51 40.09
C ASP B 203 -19.65 7.89 39.26
N VAL B 204 -19.71 7.69 37.95
CA VAL B 204 -18.62 8.12 37.09
C VAL B 204 -18.44 9.63 37.17
N LEU B 205 -19.55 10.37 37.15
CA LEU B 205 -19.49 11.82 37.27
C LEU B 205 -18.86 12.25 38.59
N LYS B 206 -18.87 11.39 39.60
CA LYS B 206 -18.19 11.71 40.85
C LYS B 206 -16.68 11.52 40.70
N LEU B 207 -16.26 10.37 40.16
CA LEU B 207 -14.84 10.12 39.96
C LEU B 207 -14.20 11.20 39.12
N GLU B 208 -14.84 11.53 37.98
CA GLU B 208 -14.35 12.62 37.15
C GLU B 208 -14.27 13.92 37.92
N PHE B 209 -15.18 14.11 38.88
CA PHE B 209 -15.16 15.32 39.71
C PHE B 209 -14.00 15.29 40.70
N GLU B 210 -13.80 14.17 41.38
CA GLU B 210 -12.70 14.06 42.32
C GLU B 210 -11.35 14.20 41.62
N ARG B 211 -11.30 13.93 40.33
CA ARG B 211 -10.07 14.11 39.56
C ARG B 211 -9.94 15.59 39.22
N HIS B 212 -10.11 16.43 40.24
CA HIS B 212 -9.80 17.86 40.11
C HIS B 212 -9.23 18.42 41.41
N ASP B 213 -8.99 17.58 42.42
CA ASP B 213 -8.50 17.99 43.72
C ASP B 213 -9.44 19.01 44.34
N PRO B 214 -10.63 18.60 44.78
CA PRO B 214 -11.58 19.57 45.33
C PRO B 214 -11.21 20.01 46.72
N VAL B 215 -10.73 21.25 46.86
CA VAL B 215 -10.42 21.81 48.16
C VAL B 215 -11.73 22.15 48.86
N ASP B 216 -11.96 21.52 50.01
CA ASP B 216 -13.19 21.71 50.78
C ASP B 216 -14.42 21.44 49.91
N GLY B 217 -14.33 20.44 49.05
CA GLY B 217 -15.44 20.13 48.15
C GLY B 217 -15.77 21.23 47.17
N ARG B 218 -14.82 22.11 46.87
CA ARG B 218 -15.05 23.20 45.94
C ARG B 218 -14.11 23.10 44.75
N ILE B 219 -14.66 23.35 43.57
CA ILE B 219 -13.91 23.32 42.32
C ILE B 219 -13.97 24.71 41.71
N THR B 220 -12.79 25.29 41.45
CA THR B 220 -12.74 26.63 40.88
C THR B 220 -13.46 26.67 39.54
N GLU B 221 -13.90 27.88 39.17
CA GLU B 221 -14.77 28.04 38.02
C GLU B 221 -14.10 27.58 36.74
N ARG B 222 -12.81 27.87 36.58
CA ARG B 222 -12.11 27.46 35.37
C ARG B 222 -12.03 25.94 35.26
N GLN B 223 -11.84 25.25 36.37
CA GLN B 223 -11.75 23.79 36.33
C GLN B 223 -13.07 23.15 35.99
N PHE B 224 -14.19 23.85 36.23
CA PHE B 224 -15.48 23.32 35.82
C PHE B 224 -15.72 23.53 34.33
N GLY B 225 -15.28 24.68 33.80
CA GLY B 225 -15.35 24.88 32.36
C GLY B 225 -14.61 23.80 31.60
N GLY B 226 -13.37 23.51 32.02
CA GLY B 226 -12.65 22.41 31.41
C GLY B 226 -13.36 21.08 31.55
N MET B 227 -14.09 20.90 32.65
CA MET B 227 -14.86 19.68 32.84
C MET B 227 -16.06 19.61 31.91
N LEU B 228 -16.48 20.74 31.36
CA LEU B 228 -17.67 20.81 30.52
C LEU B 228 -17.35 20.70 29.03
N LEU B 229 -16.20 21.20 28.60
CA LEU B 229 -15.80 21.19 27.20
C LEU B 229 -14.77 20.12 26.88
N ALA B 230 -14.51 19.20 27.82
CA ALA B 230 -13.40 18.28 27.66
C ALA B 230 -13.56 17.40 26.42
N TYR B 231 -14.79 17.13 26.00
CA TYR B 231 -15.04 16.24 24.87
C TYR B 231 -15.19 17.05 23.58
N SER B 232 -14.15 17.82 23.28
CA SER B 232 -14.06 18.60 22.05
C SER B 232 -12.60 18.69 21.66
N GLY B 233 -12.30 19.57 20.71
CA GLY B 233 -10.93 19.77 20.31
C GLY B 233 -10.21 20.67 21.29
N VAL B 234 -9.43 21.62 20.76
CA VAL B 234 -8.77 22.63 21.59
C VAL B 234 -9.61 23.89 21.57
N GLN B 235 -9.98 24.37 22.75
CA GLN B 235 -10.79 25.58 22.89
C GLN B 235 -10.24 26.47 23.99
N SER B 236 -8.91 26.59 24.06
CA SER B 236 -8.29 27.49 25.04
C SER B 236 -8.84 28.90 24.91
N LYS B 237 -9.07 29.35 23.67
CA LYS B 237 -9.62 30.69 23.46
C LYS B 237 -10.95 30.87 24.17
N LYS B 238 -11.71 29.80 24.36
CA LYS B 238 -13.01 29.91 25.01
C LYS B 238 -12.86 29.99 26.52
N LEU B 239 -12.00 29.16 27.11
CA LEU B 239 -11.80 29.21 28.54
C LEU B 239 -11.10 30.49 28.96
N THR B 240 -10.29 31.07 28.06
CA THR B 240 -9.73 32.39 28.36
C THR B 240 -10.77 33.49 28.18
N ALA B 241 -11.83 33.22 27.41
CA ALA B 241 -12.90 34.20 27.28
C ALA B 241 -13.65 34.36 28.60
N MET B 242 -14.07 33.25 29.21
CA MET B 242 -14.68 33.31 30.52
C MET B 242 -13.69 33.77 31.58
N GLN B 243 -12.39 33.60 31.31
CA GLN B 243 -11.38 34.10 32.23
C GLN B 243 -11.49 35.61 32.40
N ARG B 244 -11.89 36.32 31.34
CA ARG B 244 -12.10 37.76 31.45
C ARG B 244 -13.25 38.07 32.39
N GLN B 245 -14.38 37.36 32.24
CA GLN B 245 -15.55 37.65 33.05
C GLN B 245 -15.33 37.34 34.53
N LEU B 246 -14.28 36.59 34.86
CA LEU B 246 -13.98 36.31 36.26
C LEU B 246 -13.82 37.58 37.06
N LYS B 247 -13.27 38.63 36.44
CA LYS B 247 -13.16 39.92 37.09
C LYS B 247 -14.40 40.78 36.90
N LYS B 248 -15.21 40.46 35.88
CA LYS B 248 -16.43 41.23 35.65
C LYS B 248 -17.54 40.83 36.62
N HIS B 249 -17.73 39.52 36.83
CA HIS B 249 -18.74 39.05 37.78
C HIS B 249 -18.21 38.87 39.18
N PHE B 250 -16.90 39.01 39.38
CA PHE B 250 -16.23 38.99 40.69
C PHE B 250 -16.39 37.66 41.42
N LYS B 251 -17.00 36.66 40.80
CA LYS B 251 -17.10 35.32 41.37
C LYS B 251 -15.95 34.44 40.91
N GLU B 252 -14.72 34.91 41.11
CA GLU B 252 -13.53 34.20 40.69
C GLU B 252 -12.83 33.54 41.88
N GLY B 253 -13.52 33.50 43.02
CA GLY B 253 -12.97 32.85 44.20
C GLY B 253 -14.03 32.10 44.98
N LYS B 254 -15.09 31.70 44.30
CA LYS B 254 -16.21 31.02 44.94
C LYS B 254 -16.22 29.52 44.68
N GLY B 255 -16.03 29.09 43.45
CA GLY B 255 -16.02 27.68 43.13
C GLY B 255 -17.40 27.07 43.11
N LEU B 256 -17.42 25.75 42.94
CA LEU B 256 -18.66 24.99 42.88
C LEU B 256 -18.49 23.68 43.65
N THR B 257 -19.58 23.20 44.22
CA THR B 257 -19.57 21.93 44.94
C THR B 257 -20.07 20.82 44.04
N PHE B 258 -19.95 19.59 44.54
CA PHE B 258 -20.34 18.43 43.73
C PHE B 258 -21.83 18.39 43.48
N GLN B 259 -22.64 18.81 44.46
CA GLN B 259 -24.08 18.85 44.24
C GLN B 259 -24.45 19.99 43.32
N GLU B 260 -23.62 21.03 43.25
CA GLU B 260 -23.88 22.14 42.35
C GLU B 260 -23.74 21.71 40.90
N VAL B 261 -22.62 21.04 40.58
CA VAL B 261 -22.37 20.63 39.20
C VAL B 261 -23.30 19.50 38.80
N GLU B 262 -23.63 18.61 39.74
CA GLU B 262 -24.43 17.43 39.40
C GLU B 262 -25.80 17.83 38.89
N ASN B 263 -26.40 18.87 39.46
CA ASN B 263 -27.71 19.33 38.99
C ASN B 263 -27.63 19.75 37.52
N PHE B 264 -26.57 20.45 37.15
CA PHE B 264 -26.42 20.88 35.77
C PHE B 264 -26.37 19.70 34.81
N PHE B 265 -25.77 18.61 35.24
CA PHE B 265 -25.72 17.42 34.39
C PHE B 265 -27.01 16.63 34.42
N THR B 266 -27.86 16.85 35.42
CA THR B 266 -29.21 16.28 35.37
C THR B 266 -30.11 17.09 34.46
N PHE B 267 -29.99 18.41 34.52
CA PHE B 267 -30.56 19.28 33.50
C PHE B 267 -30.06 18.90 32.11
N LEU B 268 -28.79 18.53 32.00
CA LEU B 268 -28.19 18.30 30.70
C LEU B 268 -28.74 17.05 30.02
N LYS B 269 -29.27 16.10 30.80
CA LYS B 269 -29.82 14.88 30.21
C LYS B 269 -31.10 15.13 29.43
N ASN B 270 -31.64 16.34 29.44
CA ASN B 270 -32.85 16.68 28.69
C ASN B 270 -32.53 17.65 27.56
N ILE B 271 -31.31 17.58 27.02
CA ILE B 271 -30.89 18.51 25.98
C ILE B 271 -31.76 18.34 24.74
N ASN B 272 -32.30 17.14 24.51
CA ASN B 272 -33.16 16.91 23.35
C ASN B 272 -34.46 17.70 23.41
N ASP B 273 -34.73 18.37 24.53
CA ASP B 273 -35.87 19.26 24.67
C ASP B 273 -35.47 20.70 24.89
N VAL B 274 -34.39 20.95 25.62
CA VAL B 274 -33.92 22.32 25.81
C VAL B 274 -33.47 22.93 24.48
N ASP B 275 -33.09 22.10 23.51
CA ASP B 275 -32.86 22.60 22.16
C ASP B 275 -34.13 23.23 21.59
N THR B 276 -35.28 22.58 21.82
CA THR B 276 -36.55 23.13 21.37
C THR B 276 -36.87 24.42 22.11
N ALA B 277 -36.74 24.39 23.44
CA ALA B 277 -37.10 25.55 24.25
C ALA B 277 -36.29 26.78 23.86
N LEU B 278 -34.97 26.65 23.83
CA LEU B 278 -34.13 27.79 23.50
C LEU B 278 -34.42 28.29 22.08
N SER B 279 -34.61 27.37 21.14
CA SER B 279 -34.92 27.79 19.77
C SER B 279 -36.23 28.57 19.73
N PHE B 280 -37.19 28.17 20.55
CA PHE B 280 -38.45 28.91 20.63
C PHE B 280 -38.20 30.34 21.11
N TYR B 281 -37.59 30.48 22.29
CA TYR B 281 -37.30 31.80 22.84
C TYR B 281 -36.52 32.66 21.84
N HIS B 282 -35.66 32.02 21.04
CA HIS B 282 -34.92 32.77 20.02
C HIS B 282 -35.86 33.34 18.97
N MET B 283 -36.84 32.55 18.53
CA MET B 283 -37.81 33.00 17.54
C MET B 283 -39.13 33.45 18.15
N ALA B 284 -39.23 33.47 19.48
CA ALA B 284 -40.36 34.08 20.16
C ALA B 284 -40.09 35.53 20.55
N GLY B 285 -39.04 36.14 20.00
CA GLY B 285 -38.75 37.53 20.29
C GLY B 285 -38.26 37.80 21.69
N ALA B 286 -37.47 36.89 22.25
CA ALA B 286 -36.91 37.06 23.59
C ALA B 286 -35.41 36.86 23.54
N SER B 287 -34.69 37.68 24.30
CA SER B 287 -33.24 37.61 24.35
C SER B 287 -32.80 36.65 25.45
N LEU B 288 -31.93 35.71 25.11
CA LEU B 288 -31.52 34.68 26.05
C LEU B 288 -30.53 35.25 27.06
N ASP B 289 -30.82 35.06 28.35
CA ASP B 289 -29.94 35.52 29.42
C ASP B 289 -30.17 34.64 30.64
N LYS B 290 -29.67 35.11 31.79
CA LYS B 290 -29.77 34.31 33.01
C LYS B 290 -31.22 34.04 33.37
N VAL B 291 -32.08 35.06 33.32
CA VAL B 291 -33.47 34.86 33.68
C VAL B 291 -34.20 33.96 32.70
N THR B 292 -33.66 33.78 31.49
CA THR B 292 -34.29 32.87 30.54
C THR B 292 -33.99 31.43 30.89
N MET B 293 -32.70 31.05 30.90
CA MET B 293 -32.35 29.65 31.10
C MET B 293 -32.61 29.21 32.53
N GLN B 294 -32.47 30.13 33.50
CA GLN B 294 -32.83 29.79 34.88
C GLN B 294 -34.27 29.31 34.97
N GLN B 295 -35.16 29.95 34.20
CA GLN B 295 -36.56 29.54 34.22
C GLN B 295 -36.76 28.20 33.50
N VAL B 296 -36.15 28.05 32.32
CA VAL B 296 -36.44 26.86 31.51
C VAL B 296 -35.95 25.61 32.23
N ALA B 297 -34.87 25.73 33.00
CA ALA B 297 -34.38 24.58 33.76
C ALA B 297 -35.43 24.10 34.75
N ARG B 298 -36.38 24.96 35.11
CA ARG B 298 -37.43 24.60 36.05
C ARG B 298 -38.66 24.05 35.36
N THR B 299 -38.91 24.41 34.10
CA THR B 299 -40.15 24.03 33.43
C THR B 299 -40.03 22.78 32.56
N VAL B 300 -38.84 22.44 32.08
CA VAL B 300 -38.65 21.24 31.26
C VAL B 300 -37.87 20.17 32.02
N ALA B 301 -36.81 20.58 32.72
CA ALA B 301 -36.02 19.63 33.50
C ALA B 301 -36.45 19.59 34.96
N LYS B 302 -37.20 20.58 35.43
CA LYS B 302 -37.76 20.62 36.78
C LYS B 302 -36.66 20.71 37.84
N VAL B 303 -35.40 20.80 37.41
CA VAL B 303 -34.27 20.87 38.32
C VAL B 303 -33.88 22.34 38.51
N GLU B 304 -33.61 22.72 39.75
CA GLU B 304 -33.27 24.09 40.06
C GLU B 304 -31.78 24.32 39.89
N LEU B 305 -31.41 25.22 38.99
CA LEU B 305 -30.03 25.60 38.78
C LEU B 305 -29.70 26.85 39.59
N SER B 306 -28.48 26.92 40.09
CA SER B 306 -28.03 28.12 40.77
C SER B 306 -27.56 29.17 39.77
N ASP B 307 -27.53 30.41 40.22
CA ASP B 307 -27.07 31.48 39.35
C ASP B 307 -25.60 31.31 38.99
N HIS B 308 -24.79 30.80 39.92
CA HIS B 308 -23.36 30.67 39.67
C HIS B 308 -23.07 29.75 38.50
N VAL B 309 -23.81 28.63 38.39
CA VAL B 309 -23.70 27.78 37.22
C VAL B 309 -24.19 28.52 35.99
N CYS B 310 -25.34 29.18 36.10
CA CYS B 310 -25.83 30.01 35.01
C CYS B 310 -24.98 31.25 34.77
N ASP B 311 -24.02 31.54 35.65
CA ASP B 311 -23.05 32.59 35.40
C ASP B 311 -21.94 32.11 34.47
N VAL B 312 -21.34 30.96 34.78
CA VAL B 312 -20.18 30.49 34.04
C VAL B 312 -20.56 29.91 32.68
N VAL B 313 -21.80 29.47 32.50
CA VAL B 313 -22.20 28.92 31.21
C VAL B 313 -22.22 30.02 30.16
N PHE B 314 -22.91 31.12 30.45
CA PHE B 314 -22.91 32.26 29.52
C PHE B 314 -21.53 32.88 29.42
N ALA B 315 -20.70 32.70 30.44
CA ALA B 315 -19.34 33.23 30.39
C ALA B 315 -18.51 32.62 29.26
N LEU B 316 -18.94 31.48 28.72
CA LEU B 316 -18.20 30.87 27.62
C LEU B 316 -19.11 30.44 26.47
N PHE B 317 -20.39 30.79 26.51
CA PHE B 317 -21.30 30.37 25.45
C PHE B 317 -22.17 31.49 24.88
N ASP B 318 -22.04 32.72 25.35
CA ASP B 318 -22.89 33.80 24.88
C ASP B 318 -22.34 34.35 23.55
N CYS B 319 -22.93 35.45 23.09
CA CYS B 319 -22.41 36.13 21.90
C CYS B 319 -21.31 37.11 22.28
N ASP B 320 -20.27 36.61 22.94
CA ASP B 320 -19.05 37.36 23.21
C ASP B 320 -19.32 38.62 24.03
N GLY B 321 -19.79 38.41 25.25
CA GLY B 321 -19.85 39.48 26.23
C GLY B 321 -21.18 40.14 26.39
N ASN B 322 -22.27 39.42 26.11
CA ASN B 322 -23.60 40.01 26.22
C ASN B 322 -24.62 39.07 26.87
N GLY B 323 -24.20 37.92 27.39
CA GLY B 323 -25.11 36.98 27.99
C GLY B 323 -26.06 36.29 27.04
N GLU B 324 -26.10 36.68 25.76
CA GLU B 324 -26.95 36.04 24.78
C GLU B 324 -26.39 34.68 24.41
N LEU B 325 -26.88 33.62 25.06
CA LEU B 325 -26.36 32.28 24.82
C LEU B 325 -26.54 31.89 23.36
N SER B 326 -25.43 31.60 22.69
CA SER B 326 -25.48 31.12 21.31
C SER B 326 -25.98 29.68 21.29
N ASN B 327 -27.28 29.51 21.04
CA ASN B 327 -27.91 28.20 21.16
C ASN B 327 -27.19 27.14 20.33
N LYS B 328 -27.11 27.37 19.02
CA LYS B 328 -26.56 26.36 18.12
C LYS B 328 -25.11 26.02 18.43
N GLU B 329 -24.41 26.87 19.17
CA GLU B 329 -23.10 26.48 19.67
C GLU B 329 -23.22 25.73 20.99
N PHE B 330 -24.18 26.12 21.83
CA PHE B 330 -24.33 25.50 23.14
C PHE B 330 -24.81 24.05 23.01
N VAL B 331 -25.95 23.86 22.33
CA VAL B 331 -26.51 22.52 22.24
C VAL B 331 -25.57 21.58 21.50
N SER B 332 -24.81 22.10 20.54
CA SER B 332 -23.93 21.25 19.76
C SER B 332 -22.82 20.65 20.63
N ILE B 333 -22.30 21.43 21.57
CA ILE B 333 -21.25 20.92 22.44
C ILE B 333 -21.85 19.99 23.49
N MET B 334 -22.90 20.45 24.18
CA MET B 334 -23.55 19.61 25.18
C MET B 334 -24.05 18.31 24.58
N LYS B 335 -24.41 18.32 23.30
CA LYS B 335 -24.83 17.08 22.65
C LYS B 335 -23.70 16.07 22.65
N GLN B 336 -22.47 16.52 22.43
CA GLN B 336 -21.33 15.63 22.35
C GLN B 336 -20.64 15.40 23.69
N ARG B 337 -20.99 16.18 24.72
CA ARG B 337 -20.46 15.94 26.05
C ARG B 337 -21.39 15.14 26.94
N LEU B 338 -22.70 15.19 26.66
CA LEU B 338 -23.64 14.35 27.41
C LEU B 338 -23.33 12.88 27.20
N MET B 339 -23.46 12.41 25.97
CA MET B 339 -22.89 11.12 25.60
C MET B 339 -21.40 11.31 25.43
N ARG B 340 -20.61 10.67 26.30
CA ARG B 340 -19.18 10.88 26.27
C ARG B 340 -18.61 10.43 24.93
N GLY B 341 -17.34 10.72 24.71
CA GLY B 341 -16.77 10.56 23.40
C GLY B 341 -16.61 9.11 22.98
N LEU B 342 -17.72 8.38 23.00
CA LEU B 342 -17.72 6.98 22.56
C LEU B 342 -18.96 6.66 21.74
N GLU B 343 -19.58 7.66 21.12
CA GLU B 343 -20.60 7.45 20.11
C GLU B 343 -20.04 7.55 18.71
N LYS B 344 -18.82 8.08 18.56
CA LYS B 344 -18.19 8.19 17.26
C LYS B 344 -18.00 6.80 16.65
N PRO B 345 -17.90 6.71 15.33
CA PRO B 345 -17.71 5.39 14.71
C PRO B 345 -16.47 4.67 15.19
N LYS B 346 -15.43 5.41 15.60
CA LYS B 346 -14.19 4.83 16.11
C LYS B 346 -13.63 3.82 15.12
N ASP B 347 -13.58 4.22 13.86
CA ASP B 347 -13.14 3.34 12.78
C ASP B 347 -13.00 4.13 11.48
N MET B 348 -12.61 3.44 10.41
CA MET B 348 -12.54 4.06 9.09
C MET B 348 -13.90 4.60 8.71
N GLY B 349 -13.91 5.56 7.79
CA GLY B 349 -15.13 6.05 7.20
C GLY B 349 -15.39 5.55 5.80
N PHE B 350 -14.68 4.52 5.36
CA PHE B 350 -14.74 4.13 3.95
C PHE B 350 -15.95 3.26 3.66
N THR B 351 -16.03 2.09 4.29
CA THR B 351 -17.09 1.15 3.95
C THR B 351 -18.46 1.71 4.25
N ARG B 352 -18.60 2.45 5.35
CA ARG B 352 -19.87 3.08 5.67
C ARG B 352 -20.16 4.29 4.79
N LEU B 353 -19.27 4.62 3.86
CA LEU B 353 -19.52 5.63 2.85
C LEU B 353 -19.64 5.04 1.45
N MET B 354 -18.75 4.12 1.10
CA MET B 354 -18.79 3.50 -0.22
C MET B 354 -20.11 2.80 -0.45
N GLN B 355 -20.48 1.87 0.43
CA GLN B 355 -21.78 1.23 0.31
C GLN B 355 -22.91 2.23 0.51
N ALA B 356 -22.66 3.29 1.27
CA ALA B 356 -23.66 4.36 1.37
C ALA B 356 -23.78 5.14 0.07
N MET B 357 -22.69 5.21 -0.70
CA MET B 357 -22.74 5.89 -1.98
C MET B 357 -23.49 5.06 -3.02
N TRP B 358 -23.30 3.74 -2.98
CA TRP B 358 -23.99 2.84 -3.90
C TRP B 358 -25.50 3.03 -3.82
N LYS B 359 -26.03 3.08 -2.60
CA LYS B 359 -27.48 2.97 -2.42
C LYS B 359 -28.21 4.21 -2.91
N CYS B 360 -27.63 5.39 -2.75
CA CYS B 360 -28.38 6.58 -3.16
C CYS B 360 -27.98 7.04 -4.57
N ALA B 361 -26.70 6.87 -4.93
CA ALA B 361 -26.27 7.33 -6.25
C ALA B 361 -26.88 6.50 -7.37
N GLN B 362 -27.38 5.29 -7.06
CA GLN B 362 -28.01 4.49 -8.09
C GLN B 362 -29.36 5.03 -8.52
N GLU B 363 -29.93 5.97 -7.78
CA GLU B 363 -31.18 6.61 -8.18
C GLU B 363 -31.15 8.09 -7.86
N VAL C 1 33.65 -18.34 -11.27
CA VAL C 1 34.20 -17.48 -10.22
C VAL C 1 35.10 -18.31 -9.30
N ILE C 2 34.83 -19.61 -9.22
CA ILE C 2 35.71 -20.51 -8.49
C ILE C 2 37.06 -20.62 -9.20
N VAL C 3 37.03 -20.90 -10.51
CA VAL C 3 38.24 -21.03 -11.30
C VAL C 3 38.16 -20.05 -12.46
N THR C 4 39.32 -19.66 -12.97
CA THR C 4 39.38 -18.64 -14.00
C THR C 4 39.02 -19.26 -15.35
N ARG C 5 39.27 -18.52 -16.42
CA ARG C 5 38.92 -18.98 -17.76
C ARG C 5 39.63 -20.29 -18.10
N SER C 6 40.84 -20.48 -17.57
CA SER C 6 41.68 -21.61 -17.95
C SER C 6 41.81 -22.67 -16.86
N GLY C 7 40.96 -22.63 -15.83
CA GLY C 7 40.99 -23.64 -14.81
C GLY C 7 41.97 -23.40 -13.67
N ALA C 8 42.53 -22.21 -13.56
CA ALA C 8 43.46 -21.86 -12.50
C ALA C 8 42.68 -21.24 -11.35
N ILE C 9 42.90 -21.74 -10.14
CA ILE C 9 42.15 -21.24 -8.99
C ILE C 9 42.43 -19.76 -8.81
N LEU C 10 41.37 -19.01 -8.53
CA LEU C 10 41.51 -17.57 -8.34
C LEU C 10 42.42 -17.29 -7.15
N PRO C 11 43.11 -16.15 -7.14
CA PRO C 11 43.97 -15.83 -5.99
C PRO C 11 43.13 -15.60 -4.75
N LYS C 12 43.72 -15.91 -3.60
CA LYS C 12 43.04 -15.78 -2.32
C LYS C 12 42.61 -14.33 -2.12
N PRO C 13 41.31 -14.06 -2.00
CA PRO C 13 40.86 -12.68 -1.87
C PRO C 13 41.38 -12.06 -0.58
N VAL C 14 41.87 -10.83 -0.69
CA VAL C 14 42.50 -10.18 0.44
C VAL C 14 41.45 -9.75 1.45
N LYS C 15 41.69 -10.05 2.71
CA LYS C 15 40.80 -9.64 3.79
C LYS C 15 41.22 -8.27 4.31
N MET C 16 40.50 -7.78 5.31
CA MET C 16 40.82 -6.52 5.96
C MET C 16 41.55 -6.82 7.26
N SER C 17 42.80 -6.37 7.35
CA SER C 17 43.57 -6.58 8.57
C SER C 17 42.88 -5.91 9.75
N PHE C 18 42.67 -6.68 10.81
CA PHE C 18 41.85 -6.25 11.95
C PHE C 18 40.47 -5.84 11.47
N GLY C 19 39.87 -6.69 10.63
CA GLY C 19 38.59 -6.39 10.02
C GLY C 19 37.46 -6.31 11.02
N LEU C 20 37.26 -7.38 11.77
CA LEU C 20 36.18 -7.43 12.76
C LEU C 20 36.49 -6.59 13.99
N LEU C 21 37.59 -5.84 13.98
CA LEU C 21 37.89 -4.86 15.03
C LEU C 21 37.78 -3.43 14.54
N ARG C 22 38.15 -3.16 13.30
CA ARG C 22 37.91 -1.83 12.74
C ARG C 22 36.42 -1.51 12.73
N VAL C 23 35.57 -2.52 12.64
CA VAL C 23 34.14 -2.29 12.59
C VAL C 23 33.57 -2.05 13.98
N PHE C 24 34.06 -2.78 14.99
CA PHE C 24 33.53 -2.60 16.33
C PHE C 24 33.98 -1.29 16.95
N SER C 25 35.16 -0.81 16.58
CA SER C 25 35.61 0.49 17.06
C SER C 25 34.86 1.65 16.41
N ILE C 26 34.06 1.37 15.39
CA ILE C 26 33.26 2.42 14.74
C ILE C 26 31.77 2.19 14.91
N VAL C 27 31.34 1.01 15.34
CA VAL C 27 29.93 0.74 15.56
C VAL C 27 29.56 0.83 17.03
N ILE C 28 30.49 0.54 17.94
CA ILE C 28 30.19 0.59 19.36
C ILE C 28 30.16 2.02 19.86
N PRO C 29 31.23 2.83 19.70
CA PRO C 29 31.16 4.19 20.25
C PRO C 29 30.07 5.03 19.63
N PHE C 30 29.78 4.86 18.35
CA PHE C 30 28.72 5.62 17.72
C PHE C 30 27.34 5.07 18.06
N LEU C 31 27.26 3.82 18.50
CA LEU C 31 26.00 3.32 19.04
C LEU C 31 25.68 3.99 20.36
N TYR C 32 26.69 4.20 21.20
CA TYR C 32 26.48 4.92 22.45
C TYR C 32 26.17 6.39 22.18
N VAL C 33 27.01 7.06 21.39
CA VAL C 33 26.78 8.45 21.05
C VAL C 33 25.42 8.63 20.40
N GLY C 34 24.93 7.60 19.71
CA GLY C 34 23.59 7.66 19.18
C GLY C 34 22.54 7.85 20.25
N THR C 35 22.79 7.35 21.47
CA THR C 35 21.89 7.59 22.57
C THR C 35 22.11 8.98 23.16
N LEU C 36 23.35 9.31 23.47
CA LEU C 36 23.67 10.55 24.16
C LEU C 36 23.20 11.78 23.40
N ILE C 37 23.06 11.70 22.08
CA ILE C 37 22.62 12.88 21.34
C ILE C 37 21.12 13.11 21.51
N SER C 38 20.34 12.04 21.63
CA SER C 38 18.90 12.21 21.84
C SER C 38 18.59 12.66 23.26
N LYS C 39 19.29 12.09 24.23
CA LYS C 39 19.13 12.50 25.62
C LYS C 39 19.31 14.01 25.78
N ASN C 40 20.49 14.50 25.43
CA ASN C 40 20.75 15.93 25.55
C ASN C 40 20.04 16.75 24.52
N PHE C 41 19.19 16.17 23.68
CA PHE C 41 18.31 16.96 22.82
C PHE C 41 16.91 17.07 23.41
N ALA C 42 16.31 15.94 23.78
CA ALA C 42 15.01 15.98 24.43
C ALA C 42 15.09 16.68 25.78
N ALA C 43 16.15 16.43 26.54
CA ALA C 43 16.31 17.10 27.83
C ALA C 43 16.46 18.60 27.65
N LEU C 44 17.33 19.02 26.73
CA LEU C 44 17.49 20.43 26.40
C LEU C 44 16.40 20.95 25.49
N LEU C 45 15.31 20.19 25.34
CA LEU C 45 14.08 20.68 24.75
C LEU C 45 13.08 21.12 25.81
N GLU C 46 13.53 21.27 27.06
CA GLU C 46 12.68 21.68 28.17
C GLU C 46 13.11 23.03 28.74
N GLU C 47 14.37 23.17 29.12
CA GLU C 47 14.85 24.42 29.70
C GLU C 47 14.80 25.55 28.67
N HIS C 48 15.44 25.36 27.52
CA HIS C 48 15.40 26.33 26.45
C HIS C 48 14.22 26.14 25.52
N ASP C 49 13.16 25.50 26.00
CA ASP C 49 11.97 25.26 25.18
C ASP C 49 11.24 26.57 24.93
N ILE C 50 10.92 26.82 23.66
CA ILE C 50 9.97 27.85 23.28
C ILE C 50 8.66 27.26 22.78
N PHE C 51 8.71 26.49 21.71
CA PHE C 51 7.55 25.73 21.23
C PHE C 51 8.02 24.55 20.40
N SER D 1 70.29 -7.52 -61.43
CA SER D 1 69.25 -6.53 -61.20
C SER D 1 69.73 -5.44 -60.24
N HIS D 2 70.33 -5.88 -59.13
CA HIS D 2 70.88 -5.00 -58.11
C HIS D 2 69.79 -4.18 -57.41
N GLU D 3 68.53 -4.41 -57.78
CA GLU D 3 67.40 -3.66 -57.23
C GLU D 3 66.12 -4.38 -57.62
N ASN D 4 64.99 -3.71 -57.41
CA ASN D 4 63.68 -4.18 -57.86
C ASN D 4 63.60 -4.34 -59.37
N ALA D 5 64.65 -3.96 -60.10
CA ALA D 5 64.60 -3.85 -61.55
C ALA D 5 64.17 -5.15 -62.22
N ALA D 6 64.97 -6.21 -62.05
CA ALA D 6 64.74 -7.44 -62.80
C ALA D 6 64.37 -8.63 -61.94
N THR D 7 65.10 -8.88 -60.85
CA THR D 7 64.89 -10.11 -60.10
C THR D 7 63.47 -10.21 -59.57
N LEU D 8 62.93 -9.10 -59.07
CA LEU D 8 61.52 -9.10 -58.65
C LEU D 8 60.60 -9.10 -59.87
N ASN D 9 60.96 -8.34 -60.91
CA ASN D 9 60.17 -8.38 -62.13
C ASN D 9 60.21 -9.75 -62.78
N ASP D 10 61.18 -10.58 -62.42
CA ASP D 10 61.16 -11.97 -62.85
C ASP D 10 60.16 -12.76 -62.03
N VAL D 11 60.35 -12.78 -60.71
CA VAL D 11 59.52 -13.61 -59.84
C VAL D 11 58.06 -13.15 -59.85
N LYS D 12 57.82 -11.84 -60.04
CA LYS D 12 56.45 -11.37 -60.07
C LYS D 12 55.75 -11.72 -61.37
N THR D 13 56.52 -12.01 -62.42
CA THR D 13 55.92 -12.51 -63.66
C THR D 13 56.13 -14.01 -63.82
N LEU D 14 57.15 -14.57 -63.17
CA LEU D 14 57.30 -16.03 -63.17
C LEU D 14 56.13 -16.69 -62.48
N VAL D 15 55.63 -16.07 -61.40
CA VAL D 15 54.46 -16.61 -60.71
C VAL D 15 53.24 -16.60 -61.63
N GLN D 16 53.22 -15.68 -62.59
CA GLN D 16 52.05 -15.53 -63.44
C GLN D 16 51.77 -16.80 -64.24
N GLN D 17 52.82 -17.50 -64.65
CA GLN D 17 52.62 -18.77 -65.38
C GLN D 17 51.87 -19.77 -64.50
N LEU D 18 52.36 -19.99 -63.28
CA LEU D 18 51.71 -20.96 -62.41
C LEU D 18 50.27 -20.55 -62.11
N TYR D 19 49.99 -19.25 -62.10
CA TYR D 19 48.62 -18.81 -61.82
C TYR D 19 47.70 -19.06 -63.01
N THR D 20 48.24 -19.10 -64.23
CA THR D 20 47.42 -19.26 -65.41
C THR D 20 47.49 -20.66 -66.03
N THR D 21 48.66 -21.29 -66.01
CA THR D 21 48.79 -22.63 -66.57
C THR D 21 48.33 -23.73 -65.61
N LEU D 22 47.88 -23.37 -64.42
CA LEU D 22 47.33 -24.33 -63.47
C LEU D 22 45.84 -24.15 -63.23
N CYS D 23 45.23 -23.12 -63.81
CA CYS D 23 43.79 -22.86 -63.66
C CYS D 23 43.42 -22.73 -62.18
N ILE D 24 44.22 -21.95 -61.45
CA ILE D 24 44.01 -21.80 -60.01
C ILE D 24 42.75 -21.00 -59.70
N GLU D 25 42.28 -20.18 -60.64
CA GLU D 25 41.06 -19.41 -60.38
C GLU D 25 39.85 -20.32 -60.26
N GLN D 26 39.88 -21.48 -60.90
CA GLN D 26 38.83 -22.46 -60.68
C GLN D 26 38.99 -23.17 -59.34
N HIS D 27 40.20 -23.17 -58.79
CA HIS D 27 40.39 -23.78 -57.47
C HIS D 27 39.73 -22.94 -56.38
N GLN D 28 39.84 -21.62 -56.47
CA GLN D 28 39.20 -20.75 -55.48
C GLN D 28 37.69 -20.78 -55.62
N LEU D 29 37.19 -20.62 -56.85
CA LEU D 29 35.75 -20.66 -57.09
C LEU D 29 35.15 -22.01 -56.76
N ASN D 30 35.96 -23.05 -56.55
CA ASN D 30 35.46 -24.35 -56.13
C ASN D 30 35.74 -24.64 -54.67
N LYS D 31 36.92 -24.25 -54.14
CA LYS D 31 37.14 -24.36 -52.71
C LYS D 31 36.17 -23.48 -51.93
N GLU D 32 35.62 -22.45 -52.57
CA GLU D 32 34.53 -21.70 -51.98
C GLU D 32 33.19 -22.36 -52.28
N ARG D 33 33.10 -23.04 -53.43
CA ARG D 33 31.86 -23.73 -53.77
C ARG D 33 31.62 -24.92 -52.86
N GLU D 34 32.68 -25.63 -52.48
CA GLU D 34 32.52 -26.80 -51.63
C GLU D 34 31.93 -26.43 -50.27
N LEU D 35 32.27 -25.24 -49.77
CA LEU D 35 31.76 -24.81 -48.47
C LEU D 35 30.24 -24.62 -48.52
N ILE D 36 29.75 -23.91 -49.54
CA ILE D 36 28.32 -23.71 -49.69
C ILE D 36 27.60 -25.05 -49.77
N GLU D 37 28.16 -25.99 -50.54
CA GLU D 37 27.60 -27.34 -50.55
C GLU D 37 27.71 -27.99 -49.19
N ARG D 38 28.84 -27.79 -48.51
CA ARG D 38 29.00 -28.31 -47.16
C ARG D 38 28.05 -27.62 -46.17
N LEU D 39 27.61 -26.40 -46.47
CA LEU D 39 26.69 -25.69 -45.61
C LEU D 39 25.23 -25.92 -45.99
N GLU D 40 24.96 -26.21 -47.25
CA GLU D 40 23.57 -26.39 -47.67
C GLU D 40 22.98 -27.67 -47.10
N ASP D 41 23.73 -28.77 -47.15
CA ASP D 41 23.21 -30.02 -46.62
C ASP D 41 23.07 -29.98 -45.11
N LEU D 42 23.88 -29.16 -44.44
CA LEU D 42 23.72 -29.00 -42.99
C LEU D 42 22.38 -28.37 -42.65
N LYS D 43 21.99 -27.33 -43.38
CA LYS D 43 20.68 -26.72 -43.21
C LYS D 43 19.60 -27.65 -43.74
N GLU D 44 19.98 -28.83 -44.21
CA GLU D 44 19.02 -29.84 -44.62
C GLU D 44 18.83 -30.94 -43.60
N GLN D 45 19.86 -31.28 -42.84
CA GLN D 45 19.67 -32.22 -41.73
C GLN D 45 19.03 -31.54 -40.54
N LEU D 46 19.10 -30.21 -40.48
CA LEU D 46 18.53 -29.48 -39.35
C LEU D 46 17.02 -29.27 -39.51
N ALA D 47 16.56 -29.09 -40.75
CA ALA D 47 15.14 -28.83 -40.98
C ALA D 47 14.22 -29.88 -40.38
N PRO D 48 14.51 -31.18 -40.41
CA PRO D 48 13.66 -32.12 -39.67
C PRO D 48 13.84 -32.04 -38.17
N LEU D 49 15.04 -31.69 -37.70
CA LEU D 49 15.30 -31.49 -36.28
C LEU D 49 15.02 -30.07 -35.82
N GLU D 50 14.20 -29.33 -36.56
CA GLU D 50 13.81 -27.98 -36.17
C GLU D 50 12.31 -27.80 -36.12
N LYS D 51 11.57 -28.41 -37.03
CA LYS D 51 10.11 -28.33 -36.95
C LYS D 51 9.59 -29.07 -35.73
N VAL D 52 10.36 -30.01 -35.19
CA VAL D 52 9.90 -30.72 -34.00
C VAL D 52 10.39 -30.02 -32.74
N ARG D 53 11.54 -29.36 -32.80
CA ARG D 53 11.98 -28.58 -31.64
C ARG D 53 11.13 -27.33 -31.48
N ILE D 54 10.79 -26.67 -32.59
CA ILE D 54 9.94 -25.50 -32.53
C ILE D 54 8.55 -25.82 -32.00
N GLU D 55 8.18 -27.10 -31.97
CA GLU D 55 6.98 -27.52 -31.27
C GLU D 55 7.22 -27.60 -29.78
N ILE D 56 8.35 -28.20 -29.37
CA ILE D 56 8.68 -28.31 -27.96
C ILE D 56 8.86 -26.93 -27.35
N SER D 57 9.60 -26.05 -28.02
CA SER D 57 9.85 -24.73 -27.47
C SER D 57 8.62 -23.83 -27.52
N ARG D 58 7.47 -24.37 -27.88
CA ARG D 58 6.19 -23.68 -27.77
C ARG D 58 5.28 -24.34 -26.75
N LYS D 59 5.29 -25.67 -26.68
CA LYS D 59 4.59 -26.35 -25.60
C LYS D 59 5.26 -26.07 -24.26
N ALA D 60 6.59 -26.10 -24.22
CA ALA D 60 7.32 -25.78 -23.01
C ALA D 60 7.47 -24.29 -22.78
N GLU D 61 6.89 -23.47 -23.64
CA GLU D 61 6.83 -22.03 -23.40
C GLU D 61 5.49 -21.58 -22.86
N LYS D 62 4.40 -22.14 -23.37
CA LYS D 62 3.09 -21.90 -22.76
C LYS D 62 3.04 -22.46 -21.35
N ARG D 63 3.58 -23.67 -21.16
CA ARG D 63 3.64 -24.27 -19.83
C ARG D 63 4.55 -23.50 -18.89
N THR D 64 5.29 -22.51 -19.37
CA THR D 64 6.06 -21.61 -18.53
C THR D 64 5.39 -20.26 -18.34
N THR D 65 4.84 -19.68 -19.40
CA THR D 65 4.08 -18.44 -19.24
C THR D 65 2.77 -18.65 -18.51
N LEU D 66 2.48 -19.88 -18.09
CA LEU D 66 1.36 -20.19 -17.22
C LEU D 66 1.76 -20.23 -15.76
N VAL D 67 3.00 -20.63 -15.46
CA VAL D 67 3.51 -20.52 -14.10
C VAL D 67 3.73 -19.05 -13.75
N LEU D 68 4.06 -18.21 -14.73
CA LEU D 68 4.23 -16.80 -14.47
C LEU D 68 2.93 -16.18 -13.97
N TRP D 69 1.81 -16.48 -14.63
CA TRP D 69 0.52 -16.04 -14.14
C TRP D 69 0.18 -16.72 -12.83
N GLY D 70 0.42 -18.03 -12.75
CA GLY D 70 0.11 -18.79 -11.57
C GLY D 70 0.92 -18.40 -10.35
N GLY D 71 1.71 -17.34 -10.48
CA GLY D 71 2.39 -16.75 -9.36
C GLY D 71 1.82 -15.39 -9.05
N LEU D 72 1.13 -14.81 -10.04
CA LEU D 72 0.43 -13.55 -9.84
C LEU D 72 -0.96 -13.75 -9.26
N ALA D 73 -1.60 -14.88 -9.57
CA ALA D 73 -2.85 -15.22 -8.88
C ALA D 73 -2.60 -15.44 -7.40
N TYR D 74 -1.53 -16.15 -7.06
CA TYR D 74 -1.16 -16.33 -5.66
C TYR D 74 -0.97 -15.00 -4.97
N MET D 75 -0.13 -14.13 -5.54
CA MET D 75 0.10 -12.83 -4.94
C MET D 75 -1.13 -11.94 -4.97
N ALA D 76 -2.23 -12.41 -5.57
CA ALA D 76 -3.52 -11.72 -5.47
C ALA D 76 -4.43 -12.38 -4.45
N THR D 77 -4.55 -13.71 -4.48
CA THR D 77 -5.34 -14.39 -3.46
C THR D 77 -4.69 -14.35 -2.09
N GLN D 78 -3.39 -14.10 -2.02
CA GLN D 78 -2.72 -13.80 -0.77
C GLN D 78 -2.82 -12.32 -0.42
N PHE D 79 -3.57 -11.57 -1.22
CA PHE D 79 -3.88 -10.17 -0.94
C PHE D 79 -5.35 -9.93 -0.71
N GLY D 80 -6.22 -10.83 -1.16
CA GLY D 80 -7.63 -10.77 -0.85
C GLY D 80 -7.92 -11.41 0.48
N ILE D 81 -7.16 -12.46 0.82
CA ILE D 81 -7.27 -13.07 2.14
C ILE D 81 -6.95 -12.04 3.21
N LEU D 82 -5.78 -11.42 3.11
CA LEU D 82 -5.36 -10.48 4.15
C LEU D 82 -6.16 -9.20 4.16
N ALA D 83 -6.73 -8.78 3.02
CA ALA D 83 -7.52 -7.56 3.04
C ALA D 83 -8.86 -7.78 3.71
N ARG D 84 -9.35 -9.02 3.74
CA ARG D 84 -10.59 -9.34 4.41
C ARG D 84 -10.34 -9.66 5.88
N LEU D 85 -9.40 -10.56 6.14
CA LEU D 85 -9.11 -10.99 7.50
C LEU D 85 -8.41 -9.93 8.33
N THR D 86 -8.26 -8.70 7.84
CA THR D 86 -7.64 -7.66 8.66
C THR D 86 -8.51 -6.44 8.88
N TRP D 87 -9.55 -6.22 8.08
CA TRP D 87 -10.44 -5.09 8.30
C TRP D 87 -11.73 -5.51 8.99
N TRP D 88 -12.46 -6.47 8.42
CA TRP D 88 -13.73 -6.85 9.01
C TRP D 88 -13.90 -8.35 9.10
N GLU D 89 -12.85 -9.05 9.50
CA GLU D 89 -13.03 -10.42 9.99
C GLU D 89 -12.26 -10.61 11.28
N TYR D 90 -11.16 -9.87 11.42
CA TYR D 90 -10.34 -9.86 12.62
C TYR D 90 -9.89 -8.42 12.84
N SER D 91 -9.04 -8.22 13.84
CA SER D 91 -8.47 -6.90 14.05
C SER D 91 -7.33 -6.72 13.07
N TRP D 92 -6.58 -5.63 13.22
CA TRP D 92 -5.32 -5.54 12.51
C TRP D 92 -4.19 -6.18 13.29
N ASP D 93 -4.21 -6.07 14.62
CA ASP D 93 -3.12 -6.58 15.42
C ASP D 93 -3.19 -8.07 15.67
N ILE D 94 -4.33 -8.71 15.39
CA ILE D 94 -4.32 -10.17 15.32
C ILE D 94 -3.66 -10.62 14.03
N MET D 95 -3.69 -9.78 13.00
CA MET D 95 -3.16 -10.12 11.69
C MET D 95 -1.88 -9.36 11.36
N GLU D 96 -1.24 -8.74 12.34
CA GLU D 96 0.08 -8.21 12.06
C GLU D 96 1.14 -9.30 12.18
N PRO D 97 1.14 -10.13 13.21
CA PRO D 97 2.14 -11.21 13.26
C PRO D 97 2.04 -12.14 12.06
N VAL D 98 0.82 -12.57 11.72
CA VAL D 98 0.64 -13.50 10.63
C VAL D 98 1.05 -12.89 9.29
N THR D 99 1.02 -11.57 9.17
CA THR D 99 1.43 -10.92 7.93
C THR D 99 2.88 -10.48 7.97
N TYR D 100 3.56 -10.63 9.10
CA TYR D 100 4.99 -10.41 9.16
C TYR D 100 5.80 -11.68 9.05
N PHE D 101 5.29 -12.79 9.56
CA PHE D 101 5.97 -14.07 9.46
C PHE D 101 5.79 -14.72 8.09
N ILE D 102 5.29 -13.95 7.12
CA ILE D 102 5.36 -14.32 5.72
C ILE D 102 6.28 -13.39 4.94
N THR D 103 6.27 -12.10 5.27
CA THR D 103 7.34 -11.22 4.83
C THR D 103 8.70 -11.75 5.24
N TYR D 104 8.80 -12.37 6.41
CA TYR D 104 10.01 -13.06 6.79
C TYR D 104 10.01 -14.52 6.35
N GLY D 105 8.85 -15.13 6.22
CA GLY D 105 8.78 -16.48 5.71
C GLY D 105 9.13 -16.62 4.25
N SER D 106 9.28 -15.51 3.53
CA SER D 106 9.73 -15.53 2.15
C SER D 106 11.24 -15.33 2.05
N ALA D 107 11.79 -14.43 2.88
CA ALA D 107 13.24 -14.23 2.90
C ALA D 107 13.95 -15.47 3.42
N MET D 108 13.18 -16.49 3.78
CA MET D 108 13.71 -17.81 4.04
C MET D 108 13.35 -18.82 2.96
N ALA D 109 12.37 -18.51 2.11
CA ALA D 109 12.03 -19.37 1.00
C ALA D 109 12.72 -18.97 -0.29
N MET D 110 13.15 -17.72 -0.41
CA MET D 110 13.96 -17.29 -1.54
C MET D 110 15.44 -17.38 -1.22
N TYR D 111 15.80 -17.81 -0.02
CA TYR D 111 17.16 -18.24 0.28
C TYR D 111 17.29 -19.75 0.15
N ALA D 112 16.33 -20.50 0.67
CA ALA D 112 16.31 -21.94 0.44
C ALA D 112 16.18 -22.28 -1.03
N TYR D 113 15.80 -21.32 -1.88
CA TYR D 113 15.87 -21.51 -3.31
C TYR D 113 17.31 -21.37 -3.79
N PHE D 114 18.05 -20.43 -3.21
CA PHE D 114 19.45 -20.26 -3.56
C PHE D 114 20.24 -21.52 -3.23
N VAL D 115 20.13 -21.99 -2.00
CA VAL D 115 20.83 -23.20 -1.59
C VAL D 115 20.43 -24.38 -2.47
N MET D 116 19.17 -24.42 -2.89
CA MET D 116 18.66 -25.57 -3.62
C MET D 116 19.09 -25.59 -5.08
N THR D 117 19.44 -24.45 -5.67
CA THR D 117 19.84 -24.40 -7.07
C THR D 117 21.15 -23.67 -7.30
N ARG D 118 21.85 -23.27 -6.24
CA ARG D 118 23.11 -22.56 -6.32
C ARG D 118 22.99 -21.26 -7.11
N GLN D 119 21.77 -20.83 -7.42
CA GLN D 119 21.49 -19.62 -8.17
C GLN D 119 20.89 -18.57 -7.23
N GLU D 120 20.71 -17.37 -7.75
CA GLU D 120 20.07 -16.28 -7.01
C GLU D 120 18.65 -16.11 -7.53
N TYR D 121 17.72 -15.83 -6.63
CA TYR D 121 16.32 -15.72 -7.04
C TYR D 121 16.04 -14.29 -7.51
N VAL D 122 16.10 -14.09 -8.81
CA VAL D 122 15.57 -12.88 -9.44
C VAL D 122 14.72 -13.31 -10.61
N TYR D 123 13.66 -12.55 -10.89
CA TYR D 123 12.65 -12.96 -11.86
C TYR D 123 13.21 -13.30 -13.24
N PRO D 124 14.05 -12.49 -13.89
CA PRO D 124 14.41 -12.80 -15.28
C PRO D 124 15.17 -14.11 -15.44
N GLU D 125 16.13 -14.39 -14.56
CA GLU D 125 16.96 -15.58 -14.70
C GLU D 125 16.44 -16.76 -13.90
N ALA D 126 15.33 -16.59 -13.18
CA ALA D 126 14.64 -17.72 -12.57
C ALA D 126 13.47 -18.21 -13.39
N ARG D 127 13.03 -17.42 -14.36
CA ARG D 127 11.97 -17.89 -15.26
C ARG D 127 12.52 -18.86 -16.28
N ASP D 128 13.58 -18.44 -16.99
CA ASP D 128 14.13 -19.29 -18.06
C ASP D 128 14.61 -20.62 -17.51
N ARG D 129 15.20 -20.62 -16.31
CA ARG D 129 15.61 -21.88 -15.70
C ARG D 129 14.43 -22.83 -15.60
N GLN D 130 13.25 -22.31 -15.25
CA GLN D 130 12.06 -23.15 -15.29
C GLN D 130 11.59 -23.40 -16.71
N TYR D 131 11.87 -22.49 -17.63
CA TYR D 131 11.59 -22.80 -19.03
C TYR D 131 12.60 -23.81 -19.56
N LEU D 132 13.87 -23.63 -19.22
CA LEU D 132 14.89 -24.58 -19.64
C LEU D 132 14.66 -25.95 -18.99
N LEU D 133 13.99 -25.97 -17.84
CA LEU D 133 13.68 -27.25 -17.21
C LEU D 133 12.48 -27.92 -17.85
N PHE D 134 11.53 -27.14 -18.37
CA PHE D 134 10.38 -27.71 -19.05
C PHE D 134 10.71 -28.19 -20.45
N PHE D 135 11.79 -27.67 -21.04
CA PHE D 135 12.21 -28.13 -22.36
C PHE D 135 12.71 -29.56 -22.29
N HIS D 136 13.77 -29.79 -21.53
CA HIS D 136 14.38 -31.12 -21.47
C HIS D 136 13.39 -32.14 -20.92
N LYS D 137 12.52 -31.72 -20.00
CA LYS D 137 11.47 -32.61 -19.54
C LYS D 137 10.53 -32.99 -20.68
N GLY D 138 10.42 -32.14 -21.68
CA GLY D 138 9.67 -32.49 -22.88
C GLY D 138 10.54 -33.21 -23.89
N ALA D 139 11.82 -32.84 -23.94
CA ALA D 139 12.74 -33.48 -24.87
C ALA D 139 12.92 -34.95 -24.54
N LYS D 140 13.15 -35.25 -23.26
CA LYS D 140 13.23 -36.64 -22.81
C LYS D 140 11.97 -37.40 -23.17
N LYS D 141 10.84 -36.71 -23.28
CA LYS D 141 9.58 -37.38 -23.64
C LYS D 141 9.55 -37.70 -25.13
N SER D 142 9.76 -36.69 -25.97
CA SER D 142 9.67 -36.86 -27.42
C SER D 142 10.98 -37.31 -28.05
N ARG D 143 12.04 -37.44 -27.26
CA ARG D 143 13.33 -38.02 -27.66
C ARG D 143 13.75 -37.57 -29.08
N PHE D 144 13.84 -36.26 -29.27
CA PHE D 144 14.17 -35.72 -30.57
C PHE D 144 15.67 -35.62 -30.80
N ASP D 145 16.48 -36.18 -29.90
CA ASP D 145 17.94 -36.20 -30.02
C ASP D 145 18.51 -34.77 -30.06
N LEU D 146 18.35 -34.09 -28.92
CA LEU D 146 18.94 -32.78 -28.77
C LEU D 146 20.46 -32.83 -28.90
N GLU D 147 21.07 -33.98 -28.61
CA GLU D 147 22.53 -34.05 -28.64
C GLU D 147 23.07 -33.80 -30.04
N LYS D 148 22.32 -34.21 -31.07
CA LYS D 148 22.72 -33.87 -32.43
C LYS D 148 22.36 -32.44 -32.76
N TYR D 149 21.14 -32.02 -32.42
CA TYR D 149 20.65 -30.70 -32.79
C TYR D 149 21.59 -29.61 -32.28
N ASN D 150 21.82 -29.57 -30.97
CA ASN D 150 22.65 -28.50 -30.41
C ASN D 150 24.05 -28.53 -30.99
N GLN D 151 24.57 -29.73 -31.26
CA GLN D 151 25.90 -29.83 -31.85
C GLN D 151 25.88 -29.43 -33.31
N LEU D 152 24.89 -29.92 -34.06
CA LEU D 152 24.80 -29.57 -35.48
C LEU D 152 24.56 -28.08 -35.68
N LYS D 153 23.88 -27.44 -34.73
CA LYS D 153 23.72 -25.99 -34.79
C LYS D 153 25.06 -25.27 -34.70
N ASP D 154 26.05 -25.89 -34.06
CA ASP D 154 27.37 -25.28 -34.00
C ASP D 154 28.09 -25.36 -35.34
N ALA D 155 27.90 -26.48 -36.06
CA ALA D 155 28.53 -26.62 -37.36
C ALA D 155 28.05 -25.54 -38.32
N ILE D 156 26.74 -25.35 -38.42
CA ILE D 156 26.19 -24.32 -39.29
C ILE D 156 26.70 -22.94 -38.87
N ALA D 157 26.93 -22.74 -37.57
CA ALA D 157 27.46 -21.46 -37.13
C ALA D 157 28.93 -21.33 -37.48
N GLN D 158 29.68 -22.43 -37.40
CA GLN D 158 31.11 -22.40 -37.69
C GLN D 158 31.38 -22.51 -39.19
N ALA D 159 30.71 -23.42 -39.88
CA ALA D 159 30.87 -23.55 -41.32
C ALA D 159 30.28 -22.38 -42.07
N GLU D 160 29.78 -21.36 -41.38
CA GLU D 160 29.39 -20.10 -41.99
C GLU D 160 30.27 -18.94 -41.57
N MET D 161 30.91 -19.02 -40.40
CA MET D 161 31.79 -17.95 -39.97
C MET D 161 32.98 -17.81 -40.92
N ASP D 162 33.46 -18.93 -41.46
CA ASP D 162 34.56 -18.87 -42.42
C ASP D 162 34.10 -18.46 -43.81
N LEU D 163 32.91 -18.91 -44.21
CA LEU D 163 32.37 -18.53 -45.51
C LEU D 163 32.28 -17.02 -45.65
N LYS D 164 31.66 -16.36 -44.66
CA LYS D 164 31.64 -14.90 -44.65
C LYS D 164 33.02 -14.31 -44.40
N ARG D 165 33.96 -15.11 -43.90
CA ARG D 165 35.34 -14.66 -43.73
C ARG D 165 36.17 -14.89 -44.98
N LEU D 166 35.87 -15.95 -45.74
CA LEU D 166 36.58 -16.20 -46.98
C LEU D 166 36.34 -15.09 -47.99
N ARG D 167 35.16 -14.48 -47.97
CA ARG D 167 34.81 -13.42 -48.90
C ARG D 167 35.19 -12.04 -48.40
N ASP D 168 36.22 -11.95 -47.56
CA ASP D 168 36.65 -10.67 -46.99
C ASP D 168 36.99 -9.69 -48.11
N PRO D 169 36.40 -8.50 -48.12
CA PRO D 169 36.68 -7.54 -49.20
C PRO D 169 38.11 -7.00 -49.19
N LEU D 170 38.87 -7.24 -48.13
CA LEU D 170 40.27 -6.79 -48.11
C LEU D 170 41.17 -7.81 -48.79
N GLN D 171 41.20 -9.04 -48.29
CA GLN D 171 41.97 -10.09 -48.91
C GLN D 171 41.31 -10.52 -50.22
N VAL D 172 42.02 -11.33 -50.99
CA VAL D 172 41.55 -11.81 -52.28
C VAL D 172 41.39 -13.32 -52.22
N HIS D 173 40.24 -13.81 -52.70
CA HIS D 173 39.94 -15.24 -52.72
C HIS D 173 39.01 -15.57 -53.87
N VAL E 1 20.94 0.30 -22.23
CA VAL E 1 21.50 1.41 -22.98
C VAL E 1 20.56 1.74 -24.14
N ILE E 2 20.59 3.00 -24.58
CA ILE E 2 19.68 3.43 -25.64
C ILE E 2 20.17 2.97 -27.00
N VAL E 3 21.35 3.42 -27.39
CA VAL E 3 21.89 3.12 -28.71
C VAL E 3 22.74 1.86 -28.64
N THR E 4 22.93 1.23 -29.80
CA THR E 4 23.77 0.05 -29.89
C THR E 4 25.24 0.45 -29.95
N ARG E 5 26.11 -0.50 -30.28
CA ARG E 5 27.54 -0.21 -30.31
C ARG E 5 27.89 0.71 -31.48
N SER E 6 27.37 0.40 -32.66
CA SER E 6 27.73 1.18 -33.84
C SER E 6 27.19 2.61 -33.75
N GLY E 7 26.03 2.78 -33.13
CA GLY E 7 25.41 4.09 -33.06
C GLY E 7 23.94 4.04 -33.44
N ALA E 8 23.53 2.93 -34.03
CA ALA E 8 22.14 2.76 -34.42
C ALA E 8 21.26 2.71 -33.18
N ILE E 9 19.95 2.82 -33.39
CA ILE E 9 18.96 2.88 -32.33
C ILE E 9 18.31 1.50 -32.20
N LEU E 10 18.26 1.00 -30.97
CA LEU E 10 17.74 -0.33 -30.72
C LEU E 10 16.29 -0.44 -31.18
N PRO E 11 15.83 -1.64 -31.51
CA PRO E 11 14.46 -1.80 -32.00
C PRO E 11 13.45 -1.52 -30.91
N LYS E 12 12.24 -1.15 -31.33
CA LYS E 12 11.17 -0.85 -30.41
C LYS E 12 10.88 -2.07 -29.54
N PRO E 13 10.87 -1.94 -28.22
CA PRO E 13 10.53 -3.08 -27.36
C PRO E 13 9.10 -3.54 -27.62
N VAL E 14 8.88 -4.83 -27.43
CA VAL E 14 7.61 -5.47 -27.75
C VAL E 14 6.74 -5.47 -26.49
N LYS E 15 5.76 -4.59 -26.46
CA LYS E 15 4.78 -4.60 -25.39
C LYS E 15 3.82 -5.76 -25.58
N MET E 16 3.43 -6.39 -24.47
CA MET E 16 2.53 -7.54 -24.55
C MET E 16 1.17 -7.09 -25.08
N SER E 17 0.70 -7.80 -26.11
CA SER E 17 -0.58 -7.46 -26.73
C SER E 17 -1.71 -7.60 -25.72
N PHE E 18 -2.45 -6.52 -25.52
CA PHE E 18 -3.51 -6.45 -24.51
C PHE E 18 -2.95 -6.80 -23.14
N GLY E 19 -1.92 -6.04 -22.74
CA GLY E 19 -1.24 -6.29 -21.50
C GLY E 19 -2.09 -6.09 -20.27
N LEU E 20 -2.54 -4.85 -20.04
CA LEU E 20 -3.28 -4.54 -18.82
C LEU E 20 -4.59 -5.31 -18.74
N LEU E 21 -5.15 -5.71 -19.88
CA LEU E 21 -6.33 -6.58 -19.84
C LEU E 21 -6.00 -7.91 -19.18
N ARG E 22 -4.93 -8.56 -19.66
CA ARG E 22 -4.53 -9.83 -19.05
C ARG E 22 -4.17 -9.67 -17.59
N VAL E 23 -3.57 -8.53 -17.22
CA VAL E 23 -3.17 -8.32 -15.84
C VAL E 23 -4.40 -8.11 -14.96
N PHE E 24 -5.16 -7.07 -15.25
CA PHE E 24 -6.33 -6.72 -14.43
C PHE E 24 -7.48 -7.66 -14.60
N SER E 25 -7.36 -8.74 -15.37
CA SER E 25 -8.40 -9.76 -15.40
C SER E 25 -7.91 -11.10 -14.88
N ILE E 26 -6.78 -11.13 -14.18
CA ILE E 26 -6.34 -12.33 -13.48
C ILE E 26 -6.03 -11.95 -12.04
N VAL E 27 -5.97 -10.65 -11.76
CA VAL E 27 -5.71 -10.19 -10.40
C VAL E 27 -7.03 -9.88 -9.72
N ILE E 28 -8.02 -9.45 -10.50
CA ILE E 28 -9.33 -9.12 -9.95
C ILE E 28 -10.14 -10.37 -9.62
N PRO E 29 -10.35 -11.31 -10.55
CA PRO E 29 -11.11 -12.51 -10.18
C PRO E 29 -10.35 -13.43 -9.25
N PHE E 30 -9.09 -13.18 -8.97
CA PHE E 30 -8.34 -13.91 -7.97
C PHE E 30 -8.11 -13.11 -6.70
N LEU E 31 -8.51 -11.84 -6.69
CA LEU E 31 -8.59 -11.07 -5.46
C LEU E 31 -9.95 -11.25 -4.79
N TYR E 32 -11.00 -11.43 -5.58
CA TYR E 32 -12.31 -11.74 -5.02
C TYR E 32 -12.34 -13.16 -4.46
N VAL E 33 -11.85 -14.14 -5.24
CA VAL E 33 -11.74 -15.50 -4.75
C VAL E 33 -10.83 -15.57 -3.54
N GLY E 34 -9.85 -14.67 -3.44
CA GLY E 34 -9.06 -14.58 -2.23
C GLY E 34 -9.82 -14.06 -1.03
N THR E 35 -10.94 -13.36 -1.27
CA THR E 35 -11.79 -12.94 -0.17
C THR E 35 -12.77 -14.04 0.21
N LEU E 36 -13.46 -14.60 -0.79
CA LEU E 36 -14.45 -15.63 -0.53
C LEU E 36 -13.85 -16.86 0.14
N ILE E 37 -12.58 -17.15 -0.12
CA ILE E 37 -11.94 -18.29 0.52
C ILE E 37 -11.67 -18.03 2.00
N SER E 38 -11.69 -16.76 2.42
CA SER E 38 -11.43 -16.38 3.80
C SER E 38 -12.72 -16.27 4.61
N LYS E 39 -13.78 -15.71 4.01
CA LYS E 39 -15.05 -15.60 4.70
C LYS E 39 -15.55 -16.95 5.17
N ASN E 40 -15.57 -17.94 4.28
CA ASN E 40 -16.01 -19.27 4.65
C ASN E 40 -14.95 -20.08 5.36
N PHE E 41 -13.82 -19.47 5.72
CA PHE E 41 -12.81 -20.14 6.53
C PHE E 41 -12.94 -19.77 8.00
N ALA E 42 -12.90 -18.47 8.30
CA ALA E 42 -13.08 -18.02 9.67
C ALA E 42 -14.44 -18.47 10.21
N ALA E 43 -15.50 -18.30 9.42
CA ALA E 43 -16.81 -18.79 9.82
C ALA E 43 -16.82 -20.30 10.03
N LEU E 44 -15.84 -21.01 9.47
CA LEU E 44 -15.66 -22.42 9.76
C LEU E 44 -14.67 -22.65 10.89
N LEU E 45 -13.82 -21.67 11.18
CA LEU E 45 -12.82 -21.82 12.23
C LEU E 45 -13.44 -21.84 13.62
N GLU E 46 -14.48 -21.03 13.84
CA GLU E 46 -15.13 -20.97 15.15
C GLU E 46 -15.96 -22.21 15.46
N GLU E 47 -16.20 -23.08 14.48
CA GLU E 47 -16.93 -24.31 14.77
C GLU E 47 -16.06 -25.29 15.54
N HIS E 48 -14.94 -25.72 14.96
CA HIS E 48 -14.04 -26.64 15.62
C HIS E 48 -13.06 -25.91 16.54
N ALA F 5 65.53 2.28 -48.50
CA ALA F 5 64.85 3.30 -49.30
C ALA F 5 63.39 2.91 -49.52
N ALA F 6 62.56 3.93 -49.81
CA ALA F 6 61.14 3.68 -50.02
C ALA F 6 60.89 2.72 -51.16
N THR F 7 61.76 2.70 -52.17
CA THR F 7 61.61 1.77 -53.28
C THR F 7 62.00 0.35 -52.91
N LEU F 8 62.84 0.18 -51.88
CA LEU F 8 63.35 -1.14 -51.54
C LEU F 8 62.97 -1.63 -50.15
N ASN F 9 62.55 -0.74 -49.24
CA ASN F 9 62.16 -1.21 -47.92
C ASN F 9 60.85 -2.00 -48.00
N ASP F 10 59.91 -1.55 -48.83
CA ASP F 10 58.65 -2.27 -48.96
C ASP F 10 58.83 -3.62 -49.62
N VAL F 11 59.63 -3.68 -50.68
CA VAL F 11 59.88 -4.96 -51.32
C VAL F 11 60.64 -5.89 -50.38
N LYS F 12 61.44 -5.32 -49.48
CA LYS F 12 62.07 -6.13 -48.45
C LYS F 12 61.02 -6.77 -47.55
N THR F 13 59.99 -6.00 -47.18
CA THR F 13 58.83 -6.61 -46.53
C THR F 13 58.11 -7.57 -47.47
N LEU F 14 58.04 -7.21 -48.75
CA LEU F 14 57.36 -8.06 -49.73
C LEU F 14 58.04 -9.42 -49.83
N VAL F 15 59.37 -9.42 -50.05
CA VAL F 15 60.08 -10.68 -50.12
C VAL F 15 60.07 -11.36 -48.76
N GLN F 16 60.03 -10.59 -47.68
CA GLN F 16 59.80 -11.17 -46.37
C GLN F 16 58.44 -11.86 -46.32
N GLN F 17 57.40 -11.17 -46.80
CA GLN F 17 56.11 -11.82 -46.94
C GLN F 17 56.14 -12.95 -47.95
N LEU F 18 57.17 -13.00 -48.79
CA LEU F 18 57.28 -14.08 -49.77
C LEU F 18 57.96 -15.31 -49.17
N TYR F 19 59.08 -15.11 -48.47
CA TYR F 19 59.80 -16.25 -47.92
C TYR F 19 58.94 -17.02 -46.92
N THR F 20 58.28 -16.31 -46.01
CA THR F 20 57.36 -16.96 -45.10
C THR F 20 56.28 -17.71 -45.85
N THR F 21 55.77 -17.12 -46.93
CA THR F 21 54.77 -17.81 -47.74
C THR F 21 55.35 -19.03 -48.42
N LEU F 22 56.67 -19.15 -48.48
CA LEU F 22 57.32 -20.36 -48.96
C LEU F 22 57.76 -21.28 -47.84
N CYS F 23 57.59 -20.88 -46.58
CA CYS F 23 58.12 -21.64 -45.46
C CYS F 23 57.07 -22.03 -44.43
N ILE F 24 56.10 -21.16 -44.15
CA ILE F 24 55.22 -21.42 -43.02
C ILE F 24 54.29 -22.59 -43.28
N GLU F 25 53.99 -22.91 -44.55
CA GLU F 25 53.08 -24.01 -44.83
C GLU F 25 53.60 -25.33 -44.26
N GLN F 26 54.92 -25.51 -44.22
CA GLN F 26 55.49 -26.67 -43.57
C GLN F 26 55.92 -26.38 -42.14
N HIS F 27 56.16 -25.10 -41.81
CA HIS F 27 56.53 -24.73 -40.45
C HIS F 27 55.41 -25.00 -39.45
N GLN F 28 54.16 -25.13 -39.92
CA GLN F 28 53.10 -25.56 -39.01
C GLN F 28 53.24 -27.04 -38.69
N LEU F 29 53.50 -27.86 -39.70
CA LEU F 29 53.74 -29.28 -39.46
C LEU F 29 54.96 -29.50 -38.57
N ASN F 30 55.94 -28.58 -38.65
CA ASN F 30 57.03 -28.60 -37.68
C ASN F 30 56.52 -28.21 -36.29
N LYS F 31 55.60 -27.25 -36.23
CA LYS F 31 55.09 -26.81 -34.93
C LYS F 31 54.18 -27.87 -34.31
N GLU F 32 53.16 -28.30 -35.06
CA GLU F 32 52.24 -29.31 -34.54
C GLU F 32 52.96 -30.62 -34.24
N ARG F 33 54.17 -30.81 -34.77
CA ARG F 33 54.97 -31.96 -34.38
C ARG F 33 55.21 -31.97 -32.88
N GLU F 34 55.56 -30.81 -32.32
CA GLU F 34 55.90 -30.71 -30.91
C GLU F 34 54.82 -30.05 -30.07
N LEU F 35 54.04 -29.14 -30.65
CA LEU F 35 53.01 -28.46 -29.86
C LEU F 35 51.91 -29.42 -29.44
N ILE F 36 51.74 -30.53 -30.17
CA ILE F 36 50.86 -31.58 -29.70
C ILE F 36 51.58 -32.51 -28.75
N GLU F 37 52.88 -32.31 -28.54
CA GLU F 37 53.65 -33.07 -27.58
C GLU F 37 53.99 -32.26 -26.33
N ARG F 38 54.33 -30.99 -26.48
CA ARG F 38 54.46 -30.13 -25.31
C ARG F 38 53.16 -30.08 -24.53
N LEU F 39 52.04 -30.14 -25.22
CA LEU F 39 50.73 -30.27 -24.59
C LEU F 39 50.52 -31.65 -23.99
N GLU F 40 51.44 -32.58 -24.20
CA GLU F 40 51.28 -33.94 -23.71
C GLU F 40 52.14 -34.27 -22.50
N ASP F 41 53.32 -33.68 -22.36
CA ASP F 41 54.07 -33.89 -21.14
C ASP F 41 53.52 -33.05 -20.00
N LEU F 42 52.93 -31.90 -20.31
CA LEU F 42 52.26 -31.11 -19.28
C LEU F 42 51.11 -31.89 -18.68
N LYS F 43 50.39 -32.65 -19.49
CA LYS F 43 49.27 -33.45 -18.98
C LYS F 43 49.75 -34.52 -18.02
N GLU F 44 50.69 -35.35 -18.46
CA GLU F 44 51.20 -36.42 -17.60
C GLU F 44 51.99 -35.89 -16.42
N GLN F 45 52.34 -34.61 -16.43
CA GLN F 45 52.91 -33.96 -15.26
C GLN F 45 51.84 -33.34 -14.37
N LEU F 46 50.73 -32.93 -14.96
CA LEU F 46 49.65 -32.33 -14.17
C LEU F 46 48.86 -33.38 -13.41
N ALA F 47 48.65 -34.55 -14.01
CA ALA F 47 47.83 -35.58 -13.38
C ALA F 47 48.26 -35.93 -11.95
N PRO F 48 49.54 -36.09 -11.61
CA PRO F 48 49.89 -36.32 -10.21
C PRO F 48 49.70 -35.09 -9.35
N LEU F 49 49.88 -33.89 -9.91
CA LEU F 49 49.68 -32.66 -9.16
C LEU F 49 48.21 -32.34 -8.97
N GLU F 50 47.38 -32.68 -9.94
CA GLU F 50 45.96 -32.35 -9.90
C GLU F 50 45.15 -33.36 -9.10
N LYS F 51 45.70 -34.53 -8.79
CA LYS F 51 44.99 -35.48 -7.94
C LYS F 51 44.88 -34.96 -6.51
N VAL F 52 45.77 -34.05 -6.11
CA VAL F 52 45.64 -33.43 -4.80
C VAL F 52 44.54 -32.37 -4.83
N ARG F 53 44.53 -31.53 -5.86
CA ARG F 53 43.57 -30.43 -5.91
C ARG F 53 42.14 -30.94 -5.97
N ILE F 54 41.91 -32.09 -6.60
CA ILE F 54 40.55 -32.63 -6.63
C ILE F 54 40.09 -33.07 -5.24
N GLU F 55 41.02 -33.21 -4.30
CA GLU F 55 40.70 -33.49 -2.91
C GLU F 55 40.64 -32.22 -2.07
N ILE F 56 41.60 -31.32 -2.24
CA ILE F 56 41.56 -30.05 -1.51
C ILE F 56 40.27 -29.31 -1.81
N SER F 57 39.78 -29.42 -3.04
CA SER F 57 38.54 -28.77 -3.44
C SER F 57 37.31 -29.61 -3.11
N ARG F 58 37.43 -30.55 -2.18
CA ARG F 58 36.27 -31.23 -1.63
C ARG F 58 36.22 -31.17 -0.12
N LYS F 59 37.36 -31.30 0.55
CA LYS F 59 37.44 -31.09 1.99
C LYS F 59 37.40 -29.61 2.36
N ALA F 60 37.44 -28.73 1.36
CA ALA F 60 37.17 -27.31 1.56
C ALA F 60 35.93 -26.90 0.78
N GLU F 61 35.17 -27.87 0.31
CA GLU F 61 33.89 -27.64 -0.35
C GLU F 61 32.71 -28.10 0.48
N LYS F 62 32.83 -29.21 1.21
CA LYS F 62 31.80 -29.53 2.18
C LYS F 62 31.90 -28.70 3.43
N ARG F 63 33.04 -28.03 3.65
CA ARG F 63 33.12 -27.05 4.72
C ARG F 63 32.31 -25.81 4.41
N THR F 64 32.02 -25.56 3.14
CA THR F 64 31.17 -24.44 2.74
C THR F 64 29.81 -24.87 2.24
N THR F 65 29.51 -26.17 2.27
CA THR F 65 28.13 -26.58 2.00
C THR F 65 27.31 -26.53 3.28
N LEU F 66 27.95 -26.70 4.44
CA LEU F 66 27.24 -26.61 5.70
C LEU F 66 27.26 -25.22 6.30
N VAL F 67 28.01 -24.29 5.71
CA VAL F 67 27.77 -22.89 6.02
C VAL F 67 26.50 -22.42 5.30
N LEU F 68 26.16 -23.04 4.17
CA LEU F 68 24.89 -22.75 3.53
C LEU F 68 23.73 -23.26 4.37
N TRP F 69 23.85 -24.47 4.92
CA TRP F 69 22.82 -24.98 5.81
C TRP F 69 22.83 -24.25 7.13
N GLY F 70 24.00 -24.15 7.76
CA GLY F 70 24.11 -23.40 9.01
C GLY F 70 23.55 -21.99 8.88
N GLY F 71 23.74 -21.38 7.70
CA GLY F 71 23.11 -20.10 7.45
C GLY F 71 21.61 -20.16 7.32
N LEU F 72 21.05 -21.34 7.05
CA LEU F 72 19.62 -21.51 6.95
C LEU F 72 18.98 -21.97 8.25
N ALA F 73 19.67 -22.82 9.02
CA ALA F 73 19.16 -23.19 10.33
C ALA F 73 19.02 -21.95 11.22
N TYR F 74 20.05 -21.11 11.26
CA TYR F 74 19.93 -19.84 11.99
C TYR F 74 18.74 -19.03 11.49
N MET F 75 18.50 -19.01 10.18
CA MET F 75 17.37 -18.28 9.66
C MET F 75 16.05 -18.94 10.03
N ALA F 76 16.07 -20.21 10.43
CA ALA F 76 14.86 -20.87 10.89
C ALA F 76 14.71 -20.80 12.41
N THR F 77 15.82 -20.92 13.15
CA THR F 77 15.76 -20.76 14.59
C THR F 77 15.32 -19.35 14.97
N GLN F 78 15.90 -18.34 14.31
CA GLN F 78 15.46 -16.97 14.50
C GLN F 78 14.02 -16.75 14.07
N PHE F 79 13.39 -17.78 13.51
CA PHE F 79 11.96 -17.77 13.22
C PHE F 79 11.19 -18.66 14.17
N GLY F 80 11.85 -19.55 14.89
CA GLY F 80 11.19 -20.41 15.85
C GLY F 80 11.19 -19.83 17.24
N ILE F 81 12.19 -19.01 17.57
CA ILE F 81 12.17 -18.31 18.86
C ILE F 81 11.33 -17.05 18.79
N LEU F 82 10.78 -16.72 17.63
CA LEU F 82 9.87 -15.59 17.48
C LEU F 82 8.43 -16.02 17.23
N ALA F 83 8.20 -17.29 16.90
CA ALA F 83 6.84 -17.79 16.73
C ALA F 83 6.25 -18.35 18.02
N ARG F 84 7.10 -18.73 18.97
CA ARG F 84 6.63 -19.11 20.30
C ARG F 84 6.58 -17.91 21.23
N LEU F 85 7.57 -17.04 21.15
CA LEU F 85 7.63 -15.83 21.97
C LEU F 85 6.70 -14.74 21.49
N THR F 86 5.77 -15.05 20.60
CA THR F 86 4.80 -14.06 20.15
C THR F 86 3.36 -14.50 20.39
N TRP F 87 3.04 -15.77 20.15
CA TRP F 87 1.69 -16.23 20.36
C TRP F 87 1.48 -16.94 21.70
N TRP F 88 2.56 -17.36 22.37
CA TRP F 88 2.43 -18.11 23.62
C TRP F 88 2.92 -17.32 24.82
N GLU F 89 4.17 -16.88 24.84
CA GLU F 89 4.70 -16.24 26.04
C GLU F 89 4.30 -14.77 26.11
N TYR F 90 4.77 -13.97 25.17
CA TYR F 90 4.50 -12.55 25.19
C TYR F 90 3.44 -12.21 24.16
N SER F 91 3.18 -10.94 23.97
CA SER F 91 2.26 -10.46 22.96
C SER F 91 3.05 -9.74 21.88
N TRP F 92 2.41 -9.57 20.72
CA TRP F 92 3.11 -8.95 19.61
C TRP F 92 3.49 -7.52 19.90
N ASP F 93 2.65 -6.79 20.65
CA ASP F 93 2.94 -5.39 20.91
C ASP F 93 4.16 -5.19 21.80
N ILE F 94 4.70 -6.26 22.36
CA ILE F 94 5.94 -6.18 23.14
C ILE F 94 7.10 -6.88 22.46
N MET F 95 6.86 -7.62 21.38
CA MET F 95 7.90 -8.24 20.59
C MET F 95 8.22 -7.48 19.32
N GLU F 96 7.36 -6.56 18.91
CA GLU F 96 7.58 -5.76 17.71
C GLU F 96 8.87 -4.94 17.77
N PRO F 97 9.24 -4.38 18.94
CA PRO F 97 10.55 -3.69 19.00
C PRO F 97 11.71 -4.58 18.61
N VAL F 98 11.83 -5.75 19.23
CA VAL F 98 12.94 -6.64 18.92
C VAL F 98 12.94 -7.01 17.44
N THR F 99 11.81 -7.46 16.94
CA THR F 99 11.82 -7.90 15.55
C THR F 99 11.85 -6.76 14.58
N TYR F 100 12.06 -5.52 15.01
CA TYR F 100 12.43 -4.46 14.08
C TYR F 100 13.91 -4.14 14.16
N PHE F 101 14.48 -4.12 15.36
CA PHE F 101 15.92 -3.91 15.48
C PHE F 101 16.72 -5.09 14.97
N ILE F 102 16.08 -6.21 14.66
CA ILE F 102 16.73 -7.28 13.92
C ILE F 102 16.74 -6.96 12.43
N THR F 103 15.58 -6.61 11.88
CA THR F 103 15.49 -6.20 10.50
C THR F 103 16.43 -5.04 10.19
N TYR F 104 16.59 -4.11 11.13
CA TYR F 104 17.59 -3.07 10.98
C TYR F 104 18.96 -3.50 11.45
N GLY F 105 19.06 -4.59 12.20
CA GLY F 105 20.37 -5.10 12.57
C GLY F 105 21.09 -5.77 11.42
N SER F 106 20.33 -6.35 10.48
CA SER F 106 20.95 -6.95 9.31
C SER F 106 21.39 -5.88 8.32
N ALA F 107 20.54 -4.87 8.09
CA ALA F 107 20.86 -3.81 7.14
C ALA F 107 22.08 -3.01 7.58
N MET F 108 22.58 -3.29 8.79
CA MET F 108 23.86 -2.77 9.24
C MET F 108 24.95 -3.83 9.24
N ALA F 109 24.61 -5.08 8.96
CA ALA F 109 25.59 -6.13 8.74
C ALA F 109 25.79 -6.44 7.26
N MET F 110 24.73 -6.35 6.46
CA MET F 110 24.88 -6.51 5.02
C MET F 110 25.61 -5.32 4.43
N TYR F 111 25.81 -4.27 5.23
CA TYR F 111 26.62 -3.14 4.85
C TYR F 111 28.02 -3.19 5.43
N ALA F 112 28.17 -3.68 6.66
CA ALA F 112 29.50 -3.90 7.20
C ALA F 112 30.27 -4.88 6.32
N TYR F 113 29.59 -5.94 5.88
CA TYR F 113 30.24 -6.90 4.99
C TYR F 113 30.75 -6.23 3.72
N PHE F 114 30.07 -5.20 3.24
CA PHE F 114 30.57 -4.47 2.09
C PHE F 114 31.86 -3.73 2.45
N VAL F 115 31.81 -2.91 3.50
CA VAL F 115 32.99 -2.14 3.86
C VAL F 115 34.08 -3.04 4.44
N MET F 116 33.74 -4.25 4.88
CA MET F 116 34.75 -5.17 5.40
C MET F 116 35.48 -5.88 4.27
N THR F 117 34.74 -6.34 3.26
CA THR F 117 35.32 -6.85 2.04
C THR F 117 34.54 -6.28 0.87
N ARG F 118 35.25 -5.73 -0.11
CA ARG F 118 34.64 -4.82 -1.05
C ARG F 118 33.71 -5.54 -2.01
N GLN F 119 32.60 -6.05 -1.50
CA GLN F 119 31.61 -6.77 -2.29
C GLN F 119 30.22 -6.21 -2.04
N GLU F 120 29.23 -6.82 -2.68
CA GLU F 120 27.83 -6.44 -2.54
C GLU F 120 27.07 -7.33 -1.57
N TYR F 121 27.58 -8.52 -1.28
CA TYR F 121 26.85 -9.55 -0.53
C TYR F 121 25.55 -9.92 -1.24
N VAL F 122 25.69 -10.49 -2.41
CA VAL F 122 24.63 -11.29 -3.00
C VAL F 122 24.99 -12.73 -2.71
N TYR F 123 23.97 -13.58 -2.60
CA TYR F 123 24.20 -14.98 -2.21
C TYR F 123 25.18 -15.68 -3.15
N PRO F 124 24.98 -15.71 -4.47
CA PRO F 124 25.82 -16.59 -5.30
C PRO F 124 27.27 -16.18 -5.38
N GLU F 125 27.64 -14.98 -4.94
CA GLU F 125 29.04 -14.60 -4.95
C GLU F 125 29.68 -14.67 -3.57
N ALA F 126 28.90 -14.52 -2.51
CA ALA F 126 29.44 -14.65 -1.17
C ALA F 126 29.70 -16.09 -0.80
N ARG F 127 29.16 -17.05 -1.56
CA ARG F 127 29.47 -18.45 -1.30
C ARG F 127 30.89 -18.77 -1.76
N ASP F 128 31.21 -18.44 -3.01
CA ASP F 128 32.52 -18.78 -3.54
C ASP F 128 33.64 -18.03 -2.82
N ARG F 129 33.41 -16.78 -2.44
CA ARG F 129 34.42 -16.08 -1.66
C ARG F 129 34.71 -16.81 -0.36
N GLN F 130 33.65 -17.19 0.37
CA GLN F 130 33.85 -17.99 1.56
C GLN F 130 34.26 -19.41 1.23
N TYR F 131 34.36 -19.73 -0.05
CA TYR F 131 34.93 -21.02 -0.47
C TYR F 131 36.43 -20.87 -0.72
N LEU F 132 36.83 -19.79 -1.39
CA LEU F 132 38.25 -19.57 -1.63
C LEU F 132 39.02 -19.42 -0.33
N LEU F 133 38.43 -18.73 0.65
CA LEU F 133 39.05 -18.66 1.97
C LEU F 133 39.24 -20.06 2.55
N PHE F 134 38.24 -20.93 2.37
CA PHE F 134 38.39 -22.31 2.80
C PHE F 134 39.38 -23.08 1.96
N PHE F 135 39.56 -22.70 0.69
CA PHE F 135 40.44 -23.44 -0.18
C PHE F 135 41.91 -23.15 0.10
N HIS F 136 42.29 -21.88 -0.03
CA HIS F 136 43.69 -21.52 0.16
C HIS F 136 44.19 -21.94 1.53
N LYS F 137 43.38 -21.73 2.57
CA LYS F 137 43.76 -22.21 3.89
C LYS F 137 43.90 -23.72 3.90
N GLY F 138 43.07 -24.42 3.13
CA GLY F 138 43.25 -25.86 2.96
C GLY F 138 44.40 -26.24 2.05
N ALA F 139 44.86 -25.30 1.21
CA ALA F 139 46.04 -25.54 0.40
C ALA F 139 47.32 -25.25 1.18
N LYS F 140 47.28 -24.26 2.07
CA LYS F 140 48.46 -23.92 2.84
C LYS F 140 48.76 -24.99 3.89
N LYS F 141 47.73 -25.52 4.54
CA LYS F 141 47.95 -26.54 5.56
C LYS F 141 48.47 -27.84 4.96
N SER F 142 47.95 -28.21 3.79
CA SER F 142 48.36 -29.46 3.14
C SER F 142 49.64 -29.31 2.32
N ARG F 143 50.39 -28.22 2.51
CA ARG F 143 51.65 -27.96 1.82
C ARG F 143 51.49 -27.98 0.31
N PHE F 144 50.29 -27.69 -0.19
CA PHE F 144 50.05 -27.67 -1.62
C PHE F 144 50.88 -26.57 -2.27
N ASP F 145 51.40 -26.86 -3.46
CA ASP F 145 52.22 -25.91 -4.21
C ASP F 145 51.32 -25.24 -5.25
N LEU F 146 50.52 -24.27 -4.79
CA LEU F 146 49.51 -23.66 -5.65
C LEU F 146 50.15 -22.92 -6.81
N GLU F 147 51.24 -22.19 -6.54
CA GLU F 147 51.86 -21.39 -7.59
C GLU F 147 52.27 -22.23 -8.78
N LYS F 148 52.68 -23.47 -8.54
CA LYS F 148 53.03 -24.35 -9.66
C LYS F 148 51.80 -24.87 -10.37
N TYR F 149 50.72 -25.16 -9.66
CA TYR F 149 49.54 -25.73 -10.29
C TYR F 149 48.89 -24.77 -11.28
N ASN F 150 48.46 -23.61 -10.79
CA ASN F 150 47.73 -22.67 -11.64
C ASN F 150 48.61 -22.16 -12.77
N GLN F 151 49.89 -21.93 -12.50
CA GLN F 151 50.81 -21.55 -13.57
C GLN F 151 50.94 -22.66 -14.60
N LEU F 152 50.89 -23.90 -14.15
CA LEU F 152 50.91 -25.03 -15.09
C LEU F 152 49.56 -25.25 -15.75
N LYS F 153 48.48 -24.76 -15.15
CA LYS F 153 47.14 -24.96 -15.69
C LYS F 153 46.81 -24.02 -16.84
N ASP F 154 47.55 -22.92 -16.98
CA ASP F 154 47.37 -22.02 -18.10
C ASP F 154 48.24 -22.38 -19.30
N ALA F 155 49.49 -22.77 -19.06
CA ALA F 155 50.34 -23.22 -20.15
C ALA F 155 49.77 -24.45 -20.82
N ILE F 156 48.95 -25.23 -20.12
CA ILE F 156 48.28 -26.36 -20.74
C ILE F 156 47.05 -25.94 -21.50
N ALA F 157 46.63 -24.67 -21.38
CA ALA F 157 45.56 -24.13 -22.19
C ALA F 157 46.09 -23.17 -23.24
N GLN F 158 47.21 -22.50 -22.95
CA GLN F 158 47.89 -21.71 -23.98
C GLN F 158 48.25 -22.57 -25.17
N ALA F 159 48.74 -23.79 -24.91
CA ALA F 159 49.01 -24.72 -26.00
C ALA F 159 47.72 -25.15 -26.69
N GLU F 160 46.66 -25.35 -25.91
CA GLU F 160 45.39 -25.76 -26.49
C GLU F 160 44.80 -24.67 -27.37
N MET F 161 44.87 -23.42 -26.92
CA MET F 161 44.36 -22.32 -27.73
C MET F 161 45.28 -22.00 -28.90
N ASP F 162 46.51 -22.49 -28.89
CA ASP F 162 47.40 -22.31 -30.03
C ASP F 162 47.15 -23.39 -31.08
N LEU F 163 46.90 -24.62 -30.66
CA LEU F 163 46.63 -25.69 -31.62
C LEU F 163 45.35 -25.42 -32.39
N LYS F 164 44.28 -25.06 -31.69
CA LYS F 164 43.02 -24.78 -32.37
C LYS F 164 43.12 -23.57 -33.28
N ARG F 165 43.93 -22.58 -32.89
CA ARG F 165 44.17 -21.44 -33.75
C ARG F 165 44.95 -21.82 -34.99
N LEU F 166 45.66 -22.94 -34.96
CA LEU F 166 46.46 -23.40 -36.09
C LEU F 166 45.73 -24.39 -36.97
N ARG F 167 44.60 -24.92 -36.51
CA ARG F 167 43.88 -25.94 -37.28
C ARG F 167 43.33 -25.38 -38.58
N ASP F 168 42.57 -24.28 -38.50
CA ASP F 168 41.86 -23.79 -39.67
C ASP F 168 42.78 -23.32 -40.80
N PRO F 169 43.98 -22.76 -40.53
CA PRO F 169 44.91 -22.53 -41.64
C PRO F 169 45.38 -23.80 -42.32
N LEU F 170 45.17 -24.97 -41.70
CA LEU F 170 45.61 -26.22 -42.28
C LEU F 170 44.48 -27.12 -42.75
N GLN F 171 43.26 -26.94 -42.24
CA GLN F 171 42.16 -27.77 -42.73
C GLN F 171 41.32 -27.05 -43.77
N VAL F 172 41.02 -25.77 -43.56
CA VAL F 172 40.28 -24.98 -44.54
C VAL F 172 41.16 -23.97 -45.24
N HIS F 173 42.42 -23.84 -44.84
CA HIS F 173 43.41 -22.99 -45.52
C HIS F 173 42.98 -21.52 -45.49
N LEU F 174 42.88 -20.99 -44.29
CA LEU F 174 42.55 -19.60 -44.02
C LEU F 174 43.71 -18.92 -43.29
N PRO F 175 43.81 -17.60 -43.38
CA PRO F 175 44.90 -16.90 -42.68
C PRO F 175 44.78 -17.03 -41.17
N LEU F 176 45.91 -16.87 -40.51
CA LEU F 176 45.98 -16.92 -39.05
C LEU F 176 45.21 -15.73 -38.48
N ARG F 177 44.27 -16.01 -37.57
CA ARG F 177 43.50 -14.98 -36.89
C ARG F 177 44.16 -14.69 -35.55
N GLN F 178 44.79 -13.52 -35.44
CA GLN F 178 45.48 -13.15 -34.21
C GLN F 178 44.98 -11.81 -33.68
N VAL G 1 21.13 -16.70 -21.65
CA VAL G 1 19.69 -16.65 -21.60
C VAL G 1 19.16 -18.07 -21.68
N ILE G 2 18.53 -18.43 -22.79
CA ILE G 2 18.07 -19.77 -23.03
C ILE G 2 18.88 -20.51 -24.08
N VAL G 3 19.30 -19.83 -25.14
CA VAL G 3 20.10 -20.43 -26.21
C VAL G 3 21.45 -19.74 -26.24
N THR G 4 22.49 -20.52 -26.52
CA THR G 4 23.81 -19.94 -26.68
C THR G 4 23.85 -19.10 -27.95
N ARG G 5 24.93 -18.32 -28.09
CA ARG G 5 25.06 -17.43 -29.23
C ARG G 5 24.98 -18.18 -30.55
N SER G 6 25.39 -19.44 -30.57
CA SER G 6 25.31 -20.23 -31.79
C SER G 6 23.89 -20.65 -32.11
N GLY G 7 23.00 -20.67 -31.12
CA GLY G 7 21.64 -21.13 -31.32
C GLY G 7 21.34 -22.50 -30.75
N ALA G 8 22.26 -23.08 -29.99
CA ALA G 8 22.05 -24.38 -29.37
C ALA G 8 21.39 -24.22 -28.01
N ILE G 9 20.56 -25.20 -27.65
CA ILE G 9 19.89 -25.17 -26.36
C ILE G 9 20.91 -25.36 -25.25
N LEU G 10 20.82 -24.53 -24.20
CA LEU G 10 21.73 -24.66 -23.09
C LEU G 10 21.51 -26.00 -22.39
N PRO G 11 22.54 -26.51 -21.69
CA PRO G 11 22.40 -27.82 -21.05
C PRO G 11 21.42 -27.77 -19.89
N LYS G 12 20.82 -28.92 -19.62
CA LYS G 12 19.82 -29.00 -18.57
C LYS G 12 20.43 -28.60 -17.23
N PRO G 13 19.82 -27.67 -16.50
CA PRO G 13 20.33 -27.32 -15.18
C PRO G 13 20.14 -28.49 -14.21
N VAL G 14 20.96 -28.52 -13.17
CA VAL G 14 21.02 -29.63 -12.25
C VAL G 14 20.34 -29.23 -10.94
N LYS G 15 19.38 -30.06 -10.57
CA LYS G 15 18.56 -29.82 -9.38
C LYS G 15 19.15 -30.70 -8.29
N MET G 16 19.56 -30.08 -7.20
CA MET G 16 20.17 -30.85 -6.10
C MET G 16 19.21 -31.99 -5.81
N SER G 17 19.66 -33.24 -5.98
CA SER G 17 18.79 -34.43 -5.79
C SER G 17 18.15 -34.37 -4.40
N PHE G 18 16.87 -34.67 -4.31
CA PHE G 18 16.15 -34.66 -3.02
C PHE G 18 16.29 -33.27 -2.42
N GLY G 19 16.18 -32.27 -3.29
CA GLY G 19 16.34 -30.90 -2.78
C GLY G 19 15.30 -30.63 -1.74
N LEU G 20 14.02 -30.90 -1.98
CA LEU G 20 13.09 -30.57 -0.87
C LEU G 20 13.33 -31.41 0.40
N LEU G 21 13.53 -32.72 0.33
CA LEU G 21 13.72 -33.35 1.65
C LEU G 21 14.93 -32.76 2.36
N ARG G 22 15.99 -32.49 1.62
CA ARG G 22 17.23 -31.99 2.22
C ARG G 22 16.86 -30.70 2.92
N VAL G 23 16.02 -29.91 2.28
CA VAL G 23 15.58 -28.60 2.84
C VAL G 23 14.53 -28.69 3.94
N PHE G 24 13.54 -29.56 3.87
CA PHE G 24 12.62 -29.55 5.02
C PHE G 24 13.34 -30.05 6.27
N SER G 25 14.11 -31.10 6.15
CA SER G 25 14.77 -31.69 7.33
C SER G 25 15.69 -30.69 8.00
N ILE G 26 16.38 -29.81 7.27
CA ILE G 26 17.19 -28.82 8.00
C ILE G 26 16.34 -27.67 8.51
N VAL G 27 15.07 -27.53 8.14
CA VAL G 27 14.33 -26.39 8.74
C VAL G 27 13.17 -26.86 9.61
N ILE G 28 13.08 -28.13 9.99
CA ILE G 28 11.98 -28.48 10.92
C ILE G 28 12.58 -28.46 12.32
N PRO G 29 13.63 -29.22 12.63
CA PRO G 29 14.25 -29.19 13.92
C PRO G 29 14.76 -27.79 14.20
N PHE G 30 15.42 -27.19 13.23
CA PHE G 30 15.96 -25.85 13.56
C PHE G 30 14.87 -24.86 13.94
N LEU G 31 13.72 -24.95 13.28
CA LEU G 31 12.57 -24.09 13.65
C LEU G 31 12.02 -24.59 14.97
N TYR G 32 11.92 -25.91 15.13
CA TYR G 32 11.38 -26.51 16.37
C TYR G 32 12.30 -26.27 17.55
N VAL G 33 13.60 -26.37 17.39
CA VAL G 33 14.46 -26.13 18.57
C VAL G 33 14.38 -24.63 18.78
N GLY G 34 13.71 -23.98 17.87
CA GLY G 34 13.51 -22.55 18.03
C GLY G 34 12.49 -22.23 19.10
N THR G 35 11.33 -22.90 19.05
CA THR G 35 10.34 -22.70 20.10
C THR G 35 10.84 -23.27 21.42
N LEU G 36 11.40 -24.49 21.39
CA LEU G 36 11.83 -25.17 22.60
C LEU G 36 12.85 -24.38 23.39
N ILE G 37 13.61 -23.49 22.75
CA ILE G 37 14.58 -22.66 23.45
C ILE G 37 13.97 -21.34 23.89
N SER G 38 12.80 -20.99 23.37
CA SER G 38 12.06 -19.82 23.87
C SER G 38 11.14 -20.17 25.02
N LYS G 39 10.53 -21.35 24.99
CA LYS G 39 9.75 -21.82 26.12
C LYS G 39 10.61 -21.93 27.38
N ASN G 40 11.75 -22.60 27.25
CA ASN G 40 12.64 -22.78 28.40
C ASN G 40 13.44 -21.56 28.71
N PHE G 41 13.13 -20.40 28.15
CA PHE G 41 13.87 -19.17 28.44
C PHE G 41 13.04 -18.15 29.19
N ALA G 42 11.79 -17.92 28.75
CA ALA G 42 10.92 -17.02 29.50
C ALA G 42 10.66 -17.55 30.91
N ALA G 43 10.58 -18.87 31.06
CA ALA G 43 10.44 -19.46 32.39
C ALA G 43 11.67 -19.23 33.25
N LEU G 44 12.79 -18.86 32.66
CA LEU G 44 14.01 -18.54 33.40
C LEU G 44 14.19 -17.04 33.60
N LEU G 45 13.47 -16.22 32.87
CA LEU G 45 13.58 -14.77 32.99
C LEU G 45 12.68 -14.19 34.08
N GLU G 46 11.56 -14.83 34.37
CA GLU G 46 10.60 -14.28 35.32
C GLU G 46 10.76 -14.86 36.72
N GLU G 47 11.23 -16.09 36.86
CA GLU G 47 11.27 -16.76 38.14
C GLU G 47 12.65 -16.76 38.78
N HIS G 48 13.66 -17.28 38.09
CA HIS G 48 14.99 -17.32 38.68
C HIS G 48 15.66 -15.95 38.67
N ASP G 49 15.52 -15.21 37.57
CA ASP G 49 16.10 -13.88 37.43
C ASP G 49 17.61 -13.89 37.66
N ASN H 9 46.97 -30.30 -56.60
CA ASN H 9 46.65 -30.65 -55.23
C ASN H 9 47.23 -29.65 -54.24
N ASP H 10 48.10 -30.13 -53.34
CA ASP H 10 48.69 -29.27 -52.32
C ASP H 10 49.54 -28.16 -52.93
N VAL H 11 50.11 -28.38 -54.11
CA VAL H 11 50.93 -27.34 -54.73
C VAL H 11 50.06 -26.17 -55.18
N LYS H 12 48.81 -26.43 -55.55
CA LYS H 12 47.91 -25.35 -55.95
C LYS H 12 47.61 -24.38 -54.81
N THR H 13 47.79 -24.82 -53.57
CA THR H 13 47.45 -23.96 -52.43
C THR H 13 48.52 -22.90 -52.20
N LEU H 14 49.78 -23.32 -52.06
CA LEU H 14 50.83 -22.37 -51.69
C LEU H 14 50.99 -21.28 -52.74
N VAL H 15 50.85 -21.63 -54.02
CA VAL H 15 50.96 -20.63 -55.06
C VAL H 15 49.81 -19.63 -54.97
N GLN H 16 48.68 -20.05 -54.41
CA GLN H 16 47.60 -19.10 -54.16
C GLN H 16 48.00 -18.11 -53.07
N GLN H 17 48.67 -18.59 -52.02
CA GLN H 17 49.03 -17.71 -50.92
C GLN H 17 50.09 -16.69 -51.34
N LEU H 18 51.07 -17.12 -52.13
CA LEU H 18 52.11 -16.22 -52.57
C LEU H 18 51.69 -15.38 -53.78
N TYR H 19 50.47 -15.53 -54.27
CA TYR H 19 49.98 -14.60 -55.26
C TYR H 19 49.31 -13.38 -54.62
N THR H 20 48.62 -13.59 -53.50
CA THR H 20 48.00 -12.49 -52.80
C THR H 20 49.03 -11.44 -52.41
N THR H 21 50.09 -11.87 -51.72
CA THR H 21 51.13 -10.94 -51.28
C THR H 21 51.74 -10.16 -52.44
N LEU H 22 51.62 -10.68 -53.66
CA LEU H 22 52.08 -9.96 -54.84
C LEU H 22 50.98 -9.10 -55.47
N CYS H 23 49.78 -9.10 -54.89
CA CYS H 23 48.70 -8.29 -55.43
C CYS H 23 47.99 -7.47 -54.35
N ILE H 24 47.99 -7.96 -53.10
CA ILE H 24 47.21 -7.29 -52.06
C ILE H 24 47.87 -5.99 -51.63
N GLU H 25 49.19 -5.87 -51.84
CA GLU H 25 49.85 -4.60 -51.57
C GLU H 25 49.25 -3.47 -52.39
N GLN H 26 48.70 -3.78 -53.56
CA GLN H 26 47.94 -2.83 -54.34
C GLN H 26 46.45 -2.90 -54.05
N HIS H 27 46.01 -3.90 -53.30
CA HIS H 27 44.60 -3.98 -52.88
C HIS H 27 44.36 -3.12 -51.65
N GLN H 28 45.18 -3.29 -50.62
CA GLN H 28 45.05 -2.46 -49.42
C GLN H 28 45.38 -1.00 -49.71
N LEU H 29 46.38 -0.74 -50.55
CA LEU H 29 46.64 0.62 -50.97
C LEU H 29 45.54 1.19 -51.84
N ASN H 30 44.63 0.35 -52.33
CA ASN H 30 43.47 0.82 -53.08
C ASN H 30 42.26 1.02 -52.18
N LYS H 31 42.00 0.06 -51.27
CA LYS H 31 40.85 0.16 -50.39
C LYS H 31 40.93 1.36 -49.47
N GLU H 32 42.13 1.85 -49.18
CA GLU H 32 42.25 3.06 -48.38
C GLU H 32 41.69 4.27 -49.13
N ARG H 33 42.05 4.40 -50.41
CA ARG H 33 41.48 5.46 -51.22
C ARG H 33 40.06 5.16 -51.69
N GLU H 34 39.59 3.92 -51.51
CA GLU H 34 38.24 3.57 -51.91
C GLU H 34 37.26 3.69 -50.76
N LEU H 35 37.69 3.37 -49.53
CA LEU H 35 36.80 3.51 -48.38
C LEU H 35 36.40 4.96 -48.19
N ILE H 36 37.35 5.89 -48.35
CA ILE H 36 37.06 7.31 -48.13
C ILE H 36 35.92 7.76 -49.03
N GLU H 37 36.10 7.64 -50.35
CA GLU H 37 35.04 8.02 -51.28
C GLU H 37 33.77 7.22 -51.06
N ARG H 38 33.85 6.08 -50.38
CA ARG H 38 32.66 5.31 -50.05
C ARG H 38 32.11 5.66 -48.69
N LEU H 39 32.96 6.15 -47.78
CA LEU H 39 32.49 6.53 -46.47
C LEU H 39 31.96 7.96 -46.44
N GLU H 40 32.44 8.82 -47.33
CA GLU H 40 32.09 10.24 -47.26
C GLU H 40 30.66 10.49 -47.74
N ASP H 41 30.23 9.81 -48.80
CA ASP H 41 28.86 10.02 -49.28
C ASP H 41 27.84 9.59 -48.24
N LEU H 42 28.18 8.59 -47.42
CA LEU H 42 27.34 8.26 -46.28
C LEU H 42 27.31 9.42 -45.29
N LYS H 43 28.48 9.95 -44.95
CA LYS H 43 28.54 11.11 -44.06
C LYS H 43 27.87 12.34 -44.64
N GLU H 44 27.44 12.30 -45.91
CA GLU H 44 26.55 13.31 -46.44
C GLU H 44 25.13 12.81 -46.62
N GLN H 45 24.93 11.50 -46.70
CA GLN H 45 23.58 10.95 -46.62
C GLN H 45 23.11 10.82 -45.18
N LEU H 46 23.94 11.21 -44.21
CA LEU H 46 23.61 11.09 -42.79
C LEU H 46 23.32 12.42 -42.13
N ALA H 47 24.09 13.46 -42.44
CA ALA H 47 23.91 14.75 -41.77
C ALA H 47 22.51 15.31 -41.92
N PRO H 48 21.90 15.37 -43.10
CA PRO H 48 20.52 15.87 -43.17
C PRO H 48 19.54 14.95 -42.50
N LEU H 49 19.84 13.66 -42.41
CA LEU H 49 18.97 12.74 -41.68
C LEU H 49 19.27 12.78 -40.18
N GLU H 50 20.51 13.08 -39.80
CA GLU H 50 20.85 13.12 -38.39
C GLU H 50 20.19 14.30 -37.69
N LYS H 51 20.03 15.42 -38.40
CA LYS H 51 19.48 16.61 -37.76
C LYS H 51 18.04 16.41 -37.32
N VAL H 52 17.33 15.45 -37.91
CA VAL H 52 15.99 15.13 -37.46
C VAL H 52 16.05 14.24 -36.23
N ARG H 53 16.83 13.16 -36.30
CA ARG H 53 16.94 12.24 -35.17
C ARG H 53 17.48 12.93 -33.93
N ILE H 54 18.39 13.89 -34.10
CA ILE H 54 18.94 14.60 -32.96
C ILE H 54 17.89 15.46 -32.25
N GLU H 55 16.74 15.66 -32.86
CA GLU H 55 15.63 16.39 -32.27
C GLU H 55 14.55 15.48 -31.69
N ILE H 56 14.25 14.38 -32.38
CA ILE H 56 13.34 13.38 -31.81
C ILE H 56 13.97 12.73 -30.60
N SER H 57 15.29 12.60 -30.59
CA SER H 57 15.99 12.09 -29.41
C SER H 57 16.17 13.13 -28.33
N ARG H 58 15.46 14.26 -28.43
CA ARG H 58 15.40 15.23 -27.36
C ARG H 58 13.97 15.56 -26.95
N LYS H 59 13.02 15.54 -27.88
CA LYS H 59 11.61 15.62 -27.54
C LYS H 59 11.04 14.25 -27.19
N ALA H 60 11.89 13.24 -27.09
CA ALA H 60 11.54 11.99 -26.43
C ALA H 60 12.41 11.76 -25.19
N GLU H 61 13.23 12.75 -24.84
CA GLU H 61 13.98 12.77 -23.59
C GLU H 61 13.21 13.54 -22.52
N LYS H 62 12.65 14.69 -22.89
CA LYS H 62 11.83 15.45 -21.95
C LYS H 62 10.59 14.68 -21.56
N ARG H 63 10.04 13.88 -22.48
CA ARG H 63 8.90 13.04 -22.13
C ARG H 63 9.27 11.93 -21.17
N THR H 64 10.55 11.59 -21.07
CA THR H 64 10.99 10.57 -20.12
C THR H 64 11.91 11.13 -19.04
N THR H 65 12.03 12.45 -18.93
CA THR H 65 12.69 13.05 -17.79
C THR H 65 11.69 13.71 -16.85
N LEU H 66 10.44 13.85 -17.26
CA LEU H 66 9.38 14.22 -16.34
C LEU H 66 8.56 13.02 -15.88
N VAL H 67 8.81 11.84 -16.44
CA VAL H 67 8.32 10.63 -15.82
C VAL H 67 9.25 10.22 -14.68
N LEU H 68 10.53 10.58 -14.78
CA LEU H 68 11.44 10.37 -13.66
C LEU H 68 11.06 11.25 -12.49
N TRP H 69 10.96 12.56 -12.72
CA TRP H 69 10.53 13.47 -11.66
C TRP H 69 9.13 13.14 -11.20
N GLY H 70 8.20 12.98 -12.15
CA GLY H 70 6.84 12.62 -11.77
C GLY H 70 6.77 11.36 -10.94
N GLY H 71 7.67 10.41 -11.18
CA GLY H 71 7.73 9.24 -10.33
C GLY H 71 8.25 9.50 -8.94
N LEU H 72 8.88 10.65 -8.71
CA LEU H 72 9.34 11.02 -7.39
C LEU H 72 8.30 11.87 -6.66
N ALA H 73 7.58 12.73 -7.38
CA ALA H 73 6.50 13.47 -6.77
C ALA H 73 5.44 12.53 -6.20
N TYR H 74 5.13 11.46 -6.92
CA TYR H 74 4.20 10.47 -6.40
C TYR H 74 4.71 9.85 -5.12
N MET H 75 6.01 9.68 -4.99
CA MET H 75 6.58 9.21 -3.73
C MET H 75 6.63 10.29 -2.67
N ALA H 76 6.20 11.51 -2.99
CA ALA H 76 6.14 12.59 -2.01
C ALA H 76 4.72 12.84 -1.53
N THR H 77 3.75 12.88 -2.45
CA THR H 77 2.36 13.01 -2.04
C THR H 77 1.93 11.80 -1.22
N GLN H 78 2.22 10.60 -1.72
CA GLN H 78 1.94 9.39 -0.96
C GLN H 78 2.70 9.35 0.36
N PHE H 79 3.69 10.21 0.54
CA PHE H 79 4.32 10.39 1.85
C PHE H 79 3.70 11.51 2.65
N GLY H 80 2.93 12.38 2.02
CA GLY H 80 2.23 13.44 2.73
C GLY H 80 0.79 13.05 3.02
N ILE H 81 0.26 12.13 2.24
CA ILE H 81 -1.07 11.61 2.51
C ILE H 81 -1.07 10.80 3.80
N LEU H 82 0.03 10.12 4.09
CA LEU H 82 0.10 9.26 5.26
C LEU H 82 0.75 9.92 6.47
N ALA H 83 1.57 10.94 6.28
CA ALA H 83 2.06 11.70 7.41
C ALA H 83 1.03 12.64 7.98
N ARG H 84 -0.10 12.81 7.31
CA ARG H 84 -1.22 13.60 7.79
C ARG H 84 -2.30 12.73 8.41
N LEU H 85 -2.61 11.61 7.78
CA LEU H 85 -3.60 10.69 8.35
C LEU H 85 -3.10 10.10 9.65
N THR H 86 -1.84 9.65 9.68
CA THR H 86 -1.34 8.92 10.84
C THR H 86 -1.32 9.80 12.09
N TRP H 87 -0.95 11.06 11.95
CA TRP H 87 -0.74 11.91 13.11
C TRP H 87 -1.90 12.86 13.39
N TRP H 88 -2.36 13.60 12.39
CA TRP H 88 -3.36 14.63 12.65
C TRP H 88 -4.77 14.05 12.69
N GLU H 89 -5.25 13.50 11.58
CA GLU H 89 -6.64 13.10 11.50
C GLU H 89 -6.89 11.78 12.22
N TYR H 90 -6.28 10.70 11.73
CA TYR H 90 -6.53 9.38 12.29
C TYR H 90 -5.36 8.97 13.17
N SER H 91 -5.36 7.74 13.64
CA SER H 91 -4.27 7.23 14.45
C SER H 91 -3.34 6.40 13.60
N TRP H 92 -2.34 5.81 14.23
CA TRP H 92 -1.48 4.85 13.53
C TRP H 92 -2.07 3.46 13.50
N ASP H 93 -2.83 3.08 14.53
CA ASP H 93 -3.43 1.75 14.55
C ASP H 93 -4.48 1.59 13.46
N ILE H 94 -5.04 2.69 12.99
CA ILE H 94 -6.01 2.64 11.89
C ILE H 94 -5.37 2.97 10.55
N MET H 95 -4.17 3.52 10.54
CA MET H 95 -3.48 3.86 9.30
C MET H 95 -2.36 2.89 8.96
N GLU H 96 -2.06 1.94 9.84
CA GLU H 96 -1.01 0.97 9.53
C GLU H 96 -1.46 -0.10 8.57
N PRO H 97 -2.61 -0.75 8.74
CA PRO H 97 -2.97 -1.84 7.82
C PRO H 97 -3.16 -1.38 6.39
N VAL H 98 -3.18 -0.07 6.16
CA VAL H 98 -3.26 0.46 4.80
C VAL H 98 -1.91 0.90 4.27
N THR H 99 -0.94 1.16 5.14
CA THR H 99 0.43 1.40 4.68
C THR H 99 1.24 0.12 4.66
N TYR H 100 0.58 -1.02 4.76
CA TYR H 100 1.18 -2.31 4.45
C TYR H 100 0.66 -2.89 3.15
N PHE H 101 -0.63 -2.73 2.87
CA PHE H 101 -1.20 -3.24 1.63
C PHE H 101 -0.82 -2.41 0.42
N ILE H 102 0.07 -1.44 0.58
CA ILE H 102 0.70 -0.79 -0.55
C ILE H 102 2.20 -1.09 -0.60
N THR H 103 2.87 -1.19 0.55
CA THR H 103 4.21 -1.76 0.57
C THR H 103 4.21 -3.19 0.09
N TYR H 104 3.10 -3.91 0.24
CA TYR H 104 2.90 -5.16 -0.48
C TYR H 104 2.13 -4.98 -1.77
N GLY H 105 1.34 -3.92 -1.89
CA GLY H 105 0.66 -3.66 -3.15
C GLY H 105 1.62 -3.34 -4.27
N SER H 106 2.68 -2.60 -3.95
CA SER H 106 3.68 -2.28 -4.97
C SER H 106 4.53 -3.49 -5.31
N ALA H 107 4.78 -4.36 -4.33
CA ALA H 107 5.51 -5.59 -4.58
C ALA H 107 4.71 -6.53 -5.46
N MET H 108 3.48 -6.15 -5.78
CA MET H 108 2.67 -6.82 -6.79
C MET H 108 2.65 -6.07 -8.11
N ALA H 109 3.11 -4.83 -8.13
CA ALA H 109 3.28 -4.10 -9.39
C ALA H 109 4.67 -4.33 -9.97
N MET H 110 5.69 -4.41 -9.12
CA MET H 110 7.03 -4.74 -9.60
C MET H 110 7.12 -6.16 -10.14
N TYR H 111 6.16 -7.02 -9.83
CA TYR H 111 6.07 -8.32 -10.48
C TYR H 111 5.13 -8.33 -11.66
N ALA H 112 4.04 -7.57 -11.60
CA ALA H 112 3.18 -7.47 -12.77
C ALA H 112 3.85 -6.67 -13.89
N TYR H 113 4.84 -5.85 -13.55
CA TYR H 113 5.61 -5.19 -14.60
C TYR H 113 6.56 -6.18 -15.27
N PHE H 114 7.14 -7.09 -14.49
CA PHE H 114 8.04 -8.09 -15.07
C PHE H 114 7.30 -8.95 -16.09
N VAL H 115 6.25 -9.64 -15.64
CA VAL H 115 5.49 -10.50 -16.53
C VAL H 115 4.88 -9.74 -17.70
N MET H 116 4.82 -8.41 -17.60
CA MET H 116 4.30 -7.60 -18.70
C MET H 116 5.35 -7.35 -19.76
N THR H 117 6.63 -7.37 -19.41
CA THR H 117 7.68 -7.05 -20.36
C THR H 117 8.89 -7.97 -20.26
N ARG H 118 8.76 -9.08 -19.54
CA ARG H 118 9.79 -10.11 -19.50
C ARG H 118 11.11 -9.59 -18.92
N GLN H 119 11.10 -8.39 -18.37
CA GLN H 119 12.31 -7.75 -17.84
C GLN H 119 12.06 -7.29 -16.41
N GLU H 120 13.01 -7.58 -15.52
CA GLU H 120 12.87 -7.19 -14.13
C GLU H 120 12.85 -5.66 -14.01
N TYR H 121 12.15 -5.18 -12.99
CA TYR H 121 11.99 -3.74 -12.77
C TYR H 121 13.23 -3.22 -12.06
N VAL H 122 14.11 -2.57 -12.81
CA VAL H 122 15.27 -1.89 -12.26
C VAL H 122 15.27 -0.47 -12.80
N TYR H 123 15.68 0.48 -11.96
CA TYR H 123 15.52 1.89 -12.32
C TYR H 123 16.21 2.26 -13.63
N PRO H 124 17.48 1.89 -13.88
CA PRO H 124 18.07 2.24 -15.18
C PRO H 124 17.40 1.54 -16.35
N GLU H 125 17.19 0.23 -16.22
CA GLU H 125 16.61 -0.53 -17.33
C GLU H 125 15.18 -0.07 -17.61
N ALA H 126 14.37 0.08 -16.56
CA ALA H 126 13.00 0.53 -16.75
C ALA H 126 12.91 1.98 -17.17
N ARG H 127 14.01 2.73 -17.15
CA ARG H 127 14.02 4.08 -17.70
C ARG H 127 14.38 4.07 -19.17
N ASP H 128 15.32 3.22 -19.57
CA ASP H 128 15.70 3.14 -20.97
C ASP H 128 14.58 2.55 -21.80
N ARG H 129 14.02 1.43 -21.35
CA ARG H 129 12.92 0.81 -22.09
C ARG H 129 11.76 1.78 -22.27
N GLN H 130 11.49 2.61 -21.27
CA GLN H 130 10.45 3.62 -21.43
C GLN H 130 10.85 4.66 -22.47
N TYR H 131 12.14 5.02 -22.49
CA TYR H 131 12.62 5.99 -23.48
C TYR H 131 12.42 5.44 -24.89
N LEU H 132 12.81 4.18 -25.11
CA LEU H 132 12.64 3.57 -26.42
C LEU H 132 11.19 3.61 -26.86
N LEU H 133 10.27 3.24 -25.96
CA LEU H 133 8.86 3.27 -26.31
C LEU H 133 8.38 4.68 -26.64
N PHE H 134 9.03 5.70 -26.08
CA PHE H 134 8.69 7.06 -26.44
C PHE H 134 9.31 7.46 -27.78
N PHE H 135 10.49 6.93 -28.09
CA PHE H 135 11.17 7.31 -29.32
C PHE H 135 10.41 6.82 -30.53
N HIS H 136 10.23 5.50 -30.64
CA HIS H 136 9.55 4.93 -31.80
C HIS H 136 8.14 5.47 -31.94
N LYS H 137 7.42 5.58 -30.82
CA LYS H 137 6.11 6.22 -30.84
C LYS H 137 6.21 7.69 -31.22
N GLY H 138 7.38 8.30 -31.04
CA GLY H 138 7.59 9.67 -31.47
C GLY H 138 8.21 9.73 -32.85
N ALA H 139 9.06 8.75 -33.16
CA ALA H 139 9.65 8.69 -34.49
C ALA H 139 8.63 8.34 -35.55
N LYS H 140 7.55 7.65 -35.17
CA LYS H 140 6.49 7.34 -36.11
C LYS H 140 5.69 8.58 -36.50
N LYS H 141 5.72 9.63 -35.67
CA LYS H 141 4.93 10.82 -35.94
C LYS H 141 5.66 11.83 -36.81
N SER H 142 6.97 11.99 -36.62
CA SER H 142 7.75 12.85 -37.51
C SER H 142 8.03 12.17 -38.85
N ARG H 143 7.83 10.86 -38.93
CA ARG H 143 7.93 10.09 -40.18
C ARG H 143 9.31 10.19 -40.82
N PHE H 144 10.38 10.08 -40.03
CA PHE H 144 11.70 9.93 -40.61
C PHE H 144 12.07 8.45 -40.61
N ASP H 145 12.63 7.98 -41.72
CA ASP H 145 12.87 6.56 -41.92
C ASP H 145 13.90 6.05 -40.92
N LEU H 146 13.44 5.28 -39.93
CA LEU H 146 14.36 4.69 -38.97
C LEU H 146 15.11 3.52 -39.57
N GLU H 147 14.52 2.85 -40.57
CA GLU H 147 15.19 1.71 -41.17
C GLU H 147 16.42 2.15 -41.96
N LYS H 148 16.27 3.18 -42.79
CA LYS H 148 17.42 3.67 -43.54
C LYS H 148 18.45 4.28 -42.59
N TYR H 149 17.99 4.94 -41.53
CA TYR H 149 18.93 5.59 -40.61
C TYR H 149 19.86 4.56 -39.97
N ASN H 150 19.30 3.61 -39.24
CA ASN H 150 20.13 2.65 -38.52
C ASN H 150 20.97 1.81 -39.48
N GLN H 151 20.52 1.65 -40.72
CA GLN H 151 21.34 0.95 -41.70
C GLN H 151 22.36 1.85 -42.38
N LEU H 152 22.30 3.16 -42.13
CA LEU H 152 23.41 4.04 -42.46
C LEU H 152 24.39 4.20 -41.31
N LYS H 153 23.99 3.84 -40.09
CA LYS H 153 24.89 3.94 -38.95
C LYS H 153 25.76 2.70 -38.84
N ASP H 154 25.17 1.52 -39.05
CA ASP H 154 25.98 0.31 -39.05
C ASP H 154 26.88 0.23 -40.29
N ALA H 155 26.42 0.78 -41.42
CA ALA H 155 27.27 0.80 -42.61
C ALA H 155 28.49 1.67 -42.41
N ILE H 156 28.40 2.67 -41.54
CA ILE H 156 29.58 3.46 -41.19
C ILE H 156 30.53 2.63 -40.34
N ALA H 157 29.99 1.86 -39.40
CA ALA H 157 30.83 0.99 -38.59
C ALA H 157 31.63 0.03 -39.45
N GLN H 158 31.02 -0.49 -40.51
CA GLN H 158 31.76 -1.35 -41.44
C GLN H 158 32.90 -0.59 -42.09
N ALA H 159 32.61 0.55 -42.70
CA ALA H 159 33.64 1.36 -43.33
C ALA H 159 34.61 1.96 -42.33
N GLU H 160 34.39 1.76 -41.03
CA GLU H 160 35.34 2.20 -40.01
C GLU H 160 36.06 1.06 -39.32
N MET H 161 35.39 -0.09 -39.15
CA MET H 161 36.03 -1.22 -38.50
C MET H 161 37.22 -1.72 -39.31
N ASP H 162 37.13 -1.64 -40.64
CA ASP H 162 38.19 -2.14 -41.50
C ASP H 162 39.28 -1.12 -41.76
N LEU H 163 38.93 0.17 -41.86
CA LEU H 163 39.96 1.19 -42.06
C LEU H 163 40.89 1.27 -40.86
N LYS H 164 40.44 0.82 -39.67
CA LYS H 164 41.35 0.60 -38.56
C LYS H 164 42.08 -0.72 -38.66
N ARG H 165 41.51 -1.68 -39.39
CA ARG H 165 42.16 -2.96 -39.66
C ARG H 165 43.15 -2.86 -40.82
N LEU H 166 43.42 -1.66 -41.31
CA LEU H 166 44.37 -1.43 -42.39
C LEU H 166 45.59 -0.65 -41.90
N ARG H 167 46.09 -1.01 -40.71
CA ARG H 167 47.31 -0.39 -40.21
C ARG H 167 48.48 -0.61 -41.16
N ASP H 168 48.50 -1.76 -41.85
CA ASP H 168 49.57 -2.09 -42.77
C ASP H 168 49.37 -1.40 -44.12
N VAL I 1 34.16 0.06 -11.95
CA VAL I 1 35.61 -0.13 -11.93
C VAL I 1 36.27 1.21 -12.20
N ILE I 2 37.42 1.44 -11.57
CA ILE I 2 38.09 2.73 -11.69
C ILE I 2 38.72 2.90 -13.06
N VAL I 3 39.59 1.96 -13.44
CA VAL I 3 40.36 2.08 -14.67
C VAL I 3 39.89 1.04 -15.66
N THR I 4 40.15 1.30 -16.94
CA THR I 4 39.84 0.34 -17.97
C THR I 4 40.95 -0.69 -18.10
N ARG I 5 40.77 -1.63 -19.03
CA ARG I 5 41.75 -2.69 -19.20
C ARG I 5 43.12 -2.14 -19.56
N SER I 6 43.17 -1.09 -20.36
CA SER I 6 44.43 -0.49 -20.77
C SER I 6 45.13 0.26 -19.64
N GLY I 7 44.47 0.47 -18.51
CA GLY I 7 45.03 1.24 -17.43
C GLY I 7 44.63 2.70 -17.41
N ALA I 8 43.89 3.17 -18.42
CA ALA I 8 43.43 4.54 -18.46
C ALA I 8 42.32 4.74 -17.45
N ILE I 9 42.47 5.72 -16.57
CA ILE I 9 41.46 5.95 -15.54
C ILE I 9 40.22 6.55 -16.18
N LEU I 10 39.06 6.03 -15.78
CA LEU I 10 37.80 6.36 -16.45
C LEU I 10 37.53 7.86 -16.36
N PRO I 11 36.74 8.41 -17.28
CA PRO I 11 36.51 9.85 -17.27
C PRO I 11 35.69 10.28 -16.06
N LYS I 12 35.70 11.59 -15.82
CA LYS I 12 34.98 12.13 -14.69
C LYS I 12 33.49 11.84 -14.83
N PRO I 13 32.83 11.33 -13.80
CA PRO I 13 31.39 11.14 -13.86
C PRO I 13 30.68 12.48 -13.76
N VAL I 14 29.60 12.62 -14.52
CA VAL I 14 28.90 13.88 -14.64
C VAL I 14 27.86 13.99 -13.53
N LYS I 15 27.81 15.15 -12.89
CA LYS I 15 26.85 15.45 -11.84
C LYS I 15 25.82 16.44 -12.36
N MET I 16 24.59 16.28 -11.90
CA MET I 16 23.53 17.20 -12.30
C MET I 16 23.75 18.55 -11.65
N SER I 17 23.75 19.61 -12.46
CA SER I 17 23.96 20.95 -11.96
C SER I 17 22.86 21.33 -10.97
N PHE I 18 23.25 21.66 -9.74
CA PHE I 18 22.31 21.91 -8.65
C PHE I 18 21.40 20.71 -8.41
N GLY I 19 21.88 19.53 -8.79
CA GLY I 19 21.07 18.31 -8.74
C GLY I 19 20.50 18.00 -7.38
N LEU I 20 21.07 18.56 -6.31
CA LEU I 20 20.48 18.40 -4.99
C LEU I 20 19.32 19.36 -4.80
N LEU I 21 19.40 20.55 -5.37
CA LEU I 21 18.32 21.52 -5.25
C LEU I 21 17.17 21.21 -6.19
N ARG I 22 17.46 20.61 -7.34
CA ARG I 22 16.41 20.28 -8.30
C ARG I 22 15.53 19.14 -7.84
N VAL I 23 15.87 18.46 -6.75
CA VAL I 23 15.02 17.43 -6.16
C VAL I 23 14.48 17.87 -4.79
N PHE I 24 15.29 18.59 -4.02
CA PHE I 24 14.84 19.09 -2.73
C PHE I 24 13.84 20.22 -2.89
N SER I 25 13.59 20.68 -4.11
CA SER I 25 12.56 21.67 -4.39
C SER I 25 11.43 21.09 -5.23
N ILE I 26 11.43 19.78 -5.48
CA ILE I 26 10.30 19.11 -6.09
C ILE I 26 9.62 18.14 -5.15
N VAL I 27 10.23 17.82 -4.01
CA VAL I 27 9.59 17.00 -2.99
C VAL I 27 8.90 17.86 -1.94
N ILE I 28 9.46 19.02 -1.61
CA ILE I 28 8.87 19.91 -0.61
C ILE I 28 7.52 20.41 -1.10
N PRO I 29 7.41 21.10 -2.26
CA PRO I 29 6.10 21.61 -2.67
C PRO I 29 5.20 20.51 -3.20
N PHE I 30 5.66 19.25 -3.12
CA PHE I 30 4.83 18.11 -3.44
C PHE I 30 4.62 17.21 -2.23
N LEU I 31 5.26 17.51 -1.11
CA LEU I 31 4.93 16.88 0.17
C LEU I 31 3.79 17.61 0.84
N TYR I 32 3.77 18.94 0.77
CA TYR I 32 2.67 19.71 1.32
C TYR I 32 1.36 19.36 0.63
N VAL I 33 1.38 19.30 -0.71
CA VAL I 33 0.19 18.91 -1.46
C VAL I 33 -0.25 17.51 -1.07
N GLY I 34 0.65 16.71 -0.49
CA GLY I 34 0.25 15.43 0.04
C GLY I 34 -0.69 15.52 1.23
N THR I 35 -0.72 16.67 1.90
CA THR I 35 -1.64 16.87 3.02
C THR I 35 -3.01 17.36 2.56
N LEU I 36 -3.03 18.35 1.66
CA LEU I 36 -4.30 18.92 1.23
C LEU I 36 -5.20 17.87 0.61
N ILE I 37 -4.63 16.95 -0.18
CA ILE I 37 -5.40 15.87 -0.77
C ILE I 37 -5.94 14.93 0.30
N SER I 38 -5.35 14.92 1.49
CA SER I 38 -5.85 14.14 2.61
C SER I 38 -6.63 14.95 3.63
N LYS I 39 -6.20 16.18 3.91
CA LYS I 39 -6.96 17.03 4.83
C LYS I 39 -8.35 17.31 4.32
N ASN I 40 -8.51 17.48 3.01
CA ASN I 40 -9.84 17.63 2.42
C ASN I 40 -10.51 16.29 2.18
N PHE I 41 -9.81 15.18 2.42
CA PHE I 41 -10.42 13.86 2.27
C PHE I 41 -11.16 13.46 3.54
N ALA I 42 -10.49 13.57 4.68
CA ALA I 42 -11.15 13.27 5.94
C ALA I 42 -12.30 14.23 6.21
N ALA I 43 -12.11 15.52 5.91
CA ALA I 43 -13.20 16.48 6.01
C ALA I 43 -14.34 16.18 5.07
N LEU I 44 -14.17 15.22 4.17
CA LEU I 44 -15.26 14.70 3.36
C LEU I 44 -15.76 13.36 3.86
N LEU I 45 -14.91 12.59 4.53
CA LEU I 45 -15.28 11.29 5.06
C LEU I 45 -16.02 11.39 6.40
N GLU I 46 -16.02 12.54 7.03
CA GLU I 46 -16.68 12.72 8.32
C GLU I 46 -18.19 12.80 8.14
N HIS J 2 57.32 -34.09 -62.43
CA HIS J 2 56.35 -33.52 -63.36
C HIS J 2 56.91 -32.22 -63.95
N GLU J 3 56.03 -31.24 -64.16
CA GLU J 3 56.44 -29.94 -64.66
C GLU J 3 56.14 -28.80 -63.71
N ASN J 4 55.14 -28.96 -62.84
CA ASN J 4 54.85 -27.92 -61.85
C ASN J 4 56.01 -27.75 -60.88
N ALA J 5 56.52 -28.87 -60.35
CA ALA J 5 57.61 -28.81 -59.39
C ALA J 5 58.87 -28.20 -59.99
N ALA J 6 59.02 -28.29 -61.31
CA ALA J 6 60.14 -27.64 -61.98
C ALA J 6 60.11 -26.14 -61.75
N THR J 7 59.02 -25.49 -62.16
CA THR J 7 58.88 -24.06 -61.91
C THR J 7 58.72 -23.78 -60.42
N LEU J 8 58.12 -24.72 -59.67
CA LEU J 8 57.97 -24.54 -58.24
C LEU J 8 59.32 -24.47 -57.54
N ASN J 9 60.24 -25.37 -57.92
CA ASN J 9 61.59 -25.28 -57.38
C ASN J 9 62.35 -24.08 -57.92
N ASP J 10 61.89 -23.51 -59.04
CA ASP J 10 62.54 -22.33 -59.59
C ASP J 10 62.22 -21.10 -58.77
N VAL J 11 60.94 -20.91 -58.42
CA VAL J 11 60.58 -19.77 -57.59
C VAL J 11 61.12 -19.95 -56.17
N LYS J 12 61.28 -21.20 -55.73
CA LYS J 12 61.89 -21.46 -54.43
C LYS J 12 63.33 -20.96 -54.38
N THR J 13 64.13 -21.32 -55.38
CA THR J 13 65.55 -21.03 -55.36
C THR J 13 65.88 -19.59 -55.73
N LEU J 14 64.96 -18.88 -56.39
CA LEU J 14 65.23 -17.48 -56.70
C LEU J 14 65.02 -16.60 -55.47
N VAL J 15 63.85 -16.68 -54.85
CA VAL J 15 63.57 -15.86 -53.67
C VAL J 15 64.48 -16.24 -52.53
N GLN J 16 65.01 -17.46 -52.51
CA GLN J 16 65.98 -17.83 -51.50
C GLN J 16 67.22 -16.94 -51.58
N GLN J 17 67.66 -16.62 -52.80
CA GLN J 17 68.74 -15.67 -52.97
C GLN J 17 68.37 -14.31 -52.41
N LEU J 18 67.13 -13.87 -52.71
CA LEU J 18 66.65 -12.61 -52.16
C LEU J 18 66.71 -12.61 -50.63
N TYR J 19 66.26 -13.70 -50.01
CA TYR J 19 66.26 -13.79 -48.56
C TYR J 19 67.68 -13.76 -48.00
N THR J 20 68.68 -14.04 -48.84
CA THR J 20 70.07 -14.06 -48.41
C THR J 20 70.87 -12.86 -48.87
N THR J 21 70.70 -12.44 -50.13
CA THR J 21 71.48 -11.30 -50.62
C THR J 21 70.89 -9.96 -50.21
N LEU J 22 69.71 -9.95 -49.61
CA LEU J 22 69.09 -8.70 -49.16
C LEU J 22 69.03 -8.59 -47.63
N CYS J 23 69.71 -9.47 -46.91
CA CYS J 23 69.78 -9.46 -45.45
C CYS J 23 68.40 -9.26 -44.81
N ILE J 24 67.43 -10.01 -45.31
CA ILE J 24 66.07 -9.93 -44.78
C ILE J 24 66.03 -10.39 -43.34
N GLU J 25 66.75 -11.47 -43.03
CA GLU J 25 66.77 -11.98 -41.65
C GLU J 25 67.26 -10.94 -40.67
N GLN J 26 68.11 -10.02 -41.12
CA GLN J 26 68.60 -8.96 -40.25
C GLN J 26 67.78 -7.68 -40.37
N HIS J 27 67.10 -7.47 -41.49
CA HIS J 27 66.30 -6.26 -41.65
C HIS J 27 65.14 -6.23 -40.67
N GLN J 28 64.25 -7.23 -40.76
CA GLN J 28 63.09 -7.28 -39.88
C GLN J 28 63.50 -7.22 -38.41
N LEU J 29 64.73 -7.63 -38.09
CA LEU J 29 65.16 -7.66 -36.71
C LEU J 29 65.38 -6.25 -36.17
N ASN J 30 65.88 -5.33 -37.00
CA ASN J 30 66.24 -4.01 -36.48
C ASN J 30 65.00 -3.14 -36.23
N LYS J 31 63.93 -3.35 -37.01
CA LYS J 31 62.73 -2.54 -36.80
C LYS J 31 61.92 -3.08 -35.61
N GLU J 32 61.96 -4.39 -35.37
CA GLU J 32 61.44 -4.91 -34.11
C GLU J 32 62.22 -4.33 -32.94
N ARG J 33 63.54 -4.22 -33.10
CA ARG J 33 64.36 -3.50 -32.13
C ARG J 33 63.95 -2.05 -32.03
N GLU J 34 63.34 -1.50 -33.08
CA GLU J 34 62.96 -0.09 -33.06
C GLU J 34 61.71 0.14 -32.24
N LEU J 35 60.69 -0.69 -32.42
CA LEU J 35 59.45 -0.48 -31.68
C LEU J 35 59.61 -0.87 -30.22
N ILE J 36 60.49 -1.82 -29.92
CA ILE J 36 60.78 -2.19 -28.54
C ILE J 36 61.62 -1.08 -27.91
N GLU J 37 62.02 -0.11 -28.73
CA GLU J 37 62.67 1.09 -28.24
C GLU J 37 61.72 2.26 -28.11
N ARG J 38 60.73 2.38 -29.00
CA ARG J 38 59.71 3.40 -28.80
C ARG J 38 58.76 3.03 -27.68
N LEU J 39 58.84 1.80 -27.17
CA LEU J 39 58.09 1.42 -25.98
C LEU J 39 58.88 1.69 -24.71
N GLU J 40 60.13 2.10 -24.82
CA GLU J 40 60.93 2.43 -23.64
C GLU J 40 60.95 3.93 -23.37
N ASP J 41 61.17 4.73 -24.42
CA ASP J 41 61.02 6.17 -24.25
C ASP J 41 59.58 6.56 -23.94
N LEU J 42 58.63 5.67 -24.23
CA LEU J 42 57.26 5.91 -23.84
C LEU J 42 57.04 5.50 -22.39
N LYS J 43 57.52 4.31 -22.01
CA LYS J 43 57.44 3.89 -20.61
C LYS J 43 58.23 4.81 -19.71
N GLU J 44 59.30 5.41 -20.22
CA GLU J 44 60.01 6.43 -19.46
C GLU J 44 59.24 7.74 -19.47
N GLN J 45 58.35 7.94 -20.46
CA GLN J 45 57.67 9.22 -20.57
C GLN J 45 56.61 9.41 -19.50
N LEU J 46 55.90 8.35 -19.12
CA LEU J 46 54.87 8.50 -18.10
C LEU J 46 55.43 8.26 -16.71
N ALA J 47 56.66 7.77 -16.61
CA ALA J 47 57.30 7.53 -15.32
C ALA J 47 57.27 8.76 -14.42
N PRO J 48 57.44 9.99 -14.94
CA PRO J 48 57.23 11.17 -14.07
C PRO J 48 55.79 11.39 -13.68
N LEU J 49 54.83 10.71 -14.32
CA LEU J 49 53.43 10.83 -13.96
C LEU J 49 52.96 9.68 -13.08
N GLU J 50 53.39 8.45 -13.36
CA GLU J 50 53.04 7.32 -12.51
C GLU J 50 53.56 7.46 -11.10
N LYS J 51 54.46 8.41 -10.84
CA LYS J 51 54.86 8.73 -9.48
C LYS J 51 54.06 9.88 -8.90
N VAL J 52 53.20 10.52 -9.69
CA VAL J 52 52.30 11.56 -9.22
C VAL J 52 50.87 11.07 -9.15
N ARG J 53 50.39 10.40 -10.20
CA ARG J 53 49.07 9.80 -10.14
C ARG J 53 48.97 8.78 -9.03
N ILE J 54 50.06 8.06 -8.74
CA ILE J 54 50.06 7.14 -7.62
C ILE J 54 49.94 7.85 -6.29
N GLU J 55 50.16 9.16 -6.25
CA GLU J 55 49.92 9.97 -5.07
C GLU J 55 48.46 10.41 -4.99
N ILE J 56 47.88 10.79 -6.13
CA ILE J 56 46.47 11.15 -6.16
C ILE J 56 45.60 9.94 -5.83
N SER J 57 45.92 8.80 -6.44
CA SER J 57 45.13 7.60 -6.25
C SER J 57 45.27 7.00 -4.87
N ARG J 58 46.04 7.56 -3.95
CA ARG J 58 45.96 7.15 -2.55
C ARG J 58 45.33 8.21 -1.67
N LYS J 59 45.50 9.48 -2.02
CA LYS J 59 44.76 10.54 -1.32
C LYS J 59 43.27 10.42 -1.61
N ALA J 60 42.90 10.34 -2.88
CA ALA J 60 41.50 10.14 -3.24
C ALA J 60 40.98 8.78 -2.85
N GLU J 61 41.86 7.86 -2.46
CA GLU J 61 41.43 6.59 -1.88
C GLU J 61 41.34 6.64 -0.36
N LYS J 62 42.18 7.46 0.28
CA LYS J 62 42.07 7.67 1.71
C LYS J 62 40.75 8.35 2.09
N ARG J 63 40.15 9.10 1.18
CA ARG J 63 38.89 9.76 1.46
C ARG J 63 37.69 8.88 1.14
N THR J 64 37.78 8.05 0.10
CA THR J 64 36.68 7.13 -0.20
C THR J 64 36.52 6.11 0.92
N THR J 65 37.62 5.61 1.49
CA THR J 65 37.51 4.70 2.61
C THR J 65 37.10 5.41 3.89
N LEU J 66 37.01 6.73 3.88
CA LEU J 66 36.55 7.49 5.04
C LEU J 66 35.03 7.63 5.01
N VAL J 67 34.49 8.08 3.88
CA VAL J 67 33.04 8.18 3.72
C VAL J 67 32.38 6.82 3.92
N LEU J 68 33.08 5.74 3.58
CA LEU J 68 32.52 4.41 3.83
C LEU J 68 32.25 4.20 5.31
N TRP J 69 33.18 4.60 6.16
CA TRP J 69 32.96 4.48 7.60
C TRP J 69 31.91 5.48 8.07
N GLY J 70 31.96 6.70 7.55
CA GLY J 70 30.97 7.71 7.87
C GLY J 70 29.59 7.36 7.34
N GLY J 71 29.44 6.15 6.83
CA GLY J 71 28.15 5.65 6.42
C GLY J 71 27.74 4.49 7.28
N LEU J 72 28.71 3.86 7.93
CA LEU J 72 28.42 2.85 8.94
C LEU J 72 28.28 3.47 10.32
N ALA J 73 29.04 4.54 10.60
CA ALA J 73 28.84 5.27 11.85
C ALA J 73 27.45 5.91 11.88
N TYR J 74 27.10 6.64 10.82
CA TYR J 74 25.77 7.23 10.75
C TYR J 74 24.68 6.17 10.87
N MET J 75 24.85 5.05 10.18
CA MET J 75 23.87 3.98 10.28
C MET J 75 23.82 3.40 11.69
N ALA J 76 24.91 3.51 12.45
CA ALA J 76 24.90 3.07 13.84
C ALA J 76 24.37 4.16 14.77
N THR J 77 24.75 5.41 14.54
CA THR J 77 24.27 6.49 15.40
C THR J 77 22.79 6.77 15.21
N GLN J 78 22.16 6.18 14.20
CA GLN J 78 20.71 6.19 14.10
C GLN J 78 20.09 5.04 14.89
N PHE J 79 20.74 3.89 14.92
CA PHE J 79 20.32 2.80 15.79
C PHE J 79 20.43 3.17 17.26
N GLY J 80 21.25 4.16 17.59
CA GLY J 80 21.40 4.57 18.97
C GLY J 80 20.35 5.58 19.38
N ILE J 81 19.85 6.36 18.42
CA ILE J 81 18.75 7.27 18.69
C ILE J 81 17.46 6.48 18.89
N LEU J 82 17.10 5.66 17.92
CA LEU J 82 15.84 4.92 17.93
C LEU J 82 15.79 3.84 19.00
N ALA J 83 16.88 3.57 19.71
CA ALA J 83 16.87 2.60 20.80
C ALA J 83 16.95 3.27 22.16
N ARG J 84 17.26 4.56 22.22
CA ARG J 84 17.22 5.32 23.45
C ARG J 84 16.03 6.26 23.50
N LEU J 85 15.46 6.62 22.36
CA LEU J 85 14.19 7.30 22.29
C LEU J 85 13.02 6.32 22.31
N THR J 86 13.25 5.10 22.74
CA THR J 86 12.21 4.08 22.68
C THR J 86 11.98 3.36 24.00
N TRP J 87 13.04 3.06 24.76
CA TRP J 87 12.91 2.18 25.90
C TRP J 87 12.97 2.89 27.23
N TRP J 88 13.78 3.93 27.38
CA TRP J 88 13.69 4.80 28.53
C TRP J 88 13.42 6.24 28.08
N GLU J 89 12.51 6.36 27.14
CA GLU J 89 11.95 7.60 26.62
C GLU J 89 10.54 7.28 26.15
N TYR J 90 10.02 8.09 25.24
CA TYR J 90 8.76 7.82 24.56
C TYR J 90 8.59 6.33 24.31
N SER J 91 7.44 5.78 24.68
CA SER J 91 7.21 4.35 24.53
C SER J 91 7.38 3.92 23.08
N TRP J 92 7.56 2.62 22.88
CA TRP J 92 7.83 2.11 21.54
C TRP J 92 6.69 2.43 20.58
N ASP J 93 5.45 2.33 21.05
CA ASP J 93 4.32 2.55 20.15
C ASP J 93 4.19 4.00 19.73
N ILE J 94 4.90 4.92 20.37
CA ILE J 94 4.93 6.29 19.88
C ILE J 94 5.95 6.46 18.75
N MET J 95 6.93 5.57 18.67
CA MET J 95 7.96 5.66 17.64
C MET J 95 7.62 4.87 16.38
N GLU J 96 6.80 3.83 16.49
CA GLU J 96 6.51 3.02 15.32
C GLU J 96 5.96 3.80 14.13
N PRO J 97 5.22 4.89 14.28
CA PRO J 97 4.93 5.73 13.12
C PRO J 97 6.07 6.62 12.68
N VAL J 98 7.09 6.84 13.52
CA VAL J 98 8.25 7.63 13.13
C VAL J 98 9.40 6.77 12.66
N THR J 99 9.41 5.48 13.01
CA THR J 99 10.43 4.57 12.53
C THR J 99 10.05 3.96 11.19
N TYR J 100 8.85 4.23 10.70
CA TYR J 100 8.47 3.84 9.36
C TYR J 100 8.59 4.97 8.36
N PHE J 101 8.50 6.22 8.80
CA PHE J 101 8.72 7.36 7.93
C PHE J 101 10.20 7.69 7.78
N ILE J 102 11.08 6.86 8.32
CA ILE J 102 12.49 6.88 7.93
C ILE J 102 12.92 5.55 7.34
N THR J 103 12.00 4.61 7.18
CA THR J 103 12.19 3.45 6.31
C THR J 103 11.67 3.72 4.91
N TYR J 104 10.47 4.29 4.82
CA TYR J 104 10.00 4.84 3.55
C TYR J 104 10.69 6.15 3.21
N GLY J 105 11.37 6.78 4.17
CA GLY J 105 12.18 7.93 3.85
C GLY J 105 13.48 7.59 3.18
N SER J 106 13.95 6.34 3.30
CA SER J 106 15.15 5.92 2.60
C SER J 106 14.83 5.50 1.17
N ALA J 107 13.80 4.67 1.00
CA ALA J 107 13.41 4.19 -0.32
C ALA J 107 12.95 5.34 -1.21
N MET J 108 12.93 6.54 -0.66
CA MET J 108 12.72 7.75 -1.42
C MET J 108 14.00 8.57 -1.56
N ALA J 109 15.02 8.30 -0.74
CA ALA J 109 16.33 8.90 -0.91
C ALA J 109 17.30 7.98 -1.64
N MET J 110 16.95 6.72 -1.83
CA MET J 110 17.66 5.84 -2.75
C MET J 110 17.11 5.93 -4.15
N TYR J 111 16.07 6.72 -4.36
CA TYR J 111 15.55 7.03 -5.69
C TYR J 111 15.96 8.42 -6.13
N ALA J 112 15.86 9.41 -5.26
CA ALA J 112 16.35 10.74 -5.58
C ALA J 112 17.83 10.73 -5.90
N TYR J 113 18.54 9.67 -5.52
CA TYR J 113 19.92 9.48 -5.95
C TYR J 113 19.98 8.89 -7.34
N PHE J 114 19.01 8.07 -7.72
CA PHE J 114 18.99 7.53 -9.08
C PHE J 114 18.66 8.61 -10.10
N VAL J 115 17.83 9.59 -9.73
CA VAL J 115 17.57 10.70 -10.62
C VAL J 115 18.74 11.65 -10.66
N MET J 116 19.40 11.87 -9.51
CA MET J 116 20.51 12.79 -9.43
C MET J 116 21.73 12.28 -10.20
N THR J 117 21.80 10.99 -10.48
CA THR J 117 22.88 10.43 -11.29
C THR J 117 22.39 9.11 -11.86
N ARG J 118 22.27 9.01 -13.18
CA ARG J 118 21.42 8.00 -13.77
C ARG J 118 21.99 6.60 -13.62
N GLN J 119 22.06 6.12 -12.37
CA GLN J 119 22.46 4.76 -12.11
C GLN J 119 21.92 4.37 -10.74
N GLU J 120 21.30 3.20 -10.66
CA GLU J 120 20.70 2.76 -9.41
C GLU J 120 21.74 2.70 -8.30
N TYR J 121 21.27 2.84 -7.07
CA TYR J 121 22.16 2.93 -5.91
C TYR J 121 22.47 1.53 -5.42
N VAL J 122 23.66 1.04 -5.76
CA VAL J 122 24.19 -0.19 -5.19
C VAL J 122 25.60 0.10 -4.69
N TYR J 123 25.98 -0.52 -3.58
CA TYR J 123 27.21 -0.17 -2.88
C TYR J 123 28.46 -0.21 -3.74
N PRO J 124 28.78 -1.30 -4.47
CA PRO J 124 30.09 -1.39 -5.13
C PRO J 124 30.35 -0.23 -6.08
N GLU J 125 29.38 0.08 -6.93
CA GLU J 125 29.61 1.16 -7.89
C GLU J 125 29.41 2.52 -7.22
N ALA J 126 28.69 2.57 -6.10
CA ALA J 126 28.47 3.85 -5.44
C ALA J 126 29.75 4.42 -4.86
N ARG J 127 30.69 3.58 -4.46
CA ARG J 127 31.99 4.10 -4.04
C ARG J 127 32.87 4.41 -5.25
N ASP J 128 32.69 3.67 -6.33
CA ASP J 128 33.48 3.92 -7.54
C ASP J 128 33.19 5.30 -8.09
N ARG J 129 31.91 5.62 -8.32
CA ARG J 129 31.55 6.96 -8.75
C ARG J 129 32.02 7.99 -7.72
N GLN J 130 31.97 7.63 -6.44
CA GLN J 130 32.44 8.56 -5.43
C GLN J 130 33.95 8.64 -5.39
N TYR J 131 34.64 7.56 -5.76
CA TYR J 131 36.09 7.62 -5.83
C TYR J 131 36.55 8.52 -6.97
N LEU J 132 35.90 8.42 -8.13
CA LEU J 132 36.30 9.21 -9.28
C LEU J 132 36.12 10.70 -9.03
N LEU J 133 35.05 11.06 -8.30
CA LEU J 133 34.84 12.47 -8.00
C LEU J 133 35.93 13.00 -7.08
N PHE J 134 36.28 12.25 -6.02
CA PHE J 134 37.39 12.63 -5.17
C PHE J 134 38.72 12.57 -5.90
N PHE J 135 38.77 11.92 -7.05
CA PHE J 135 39.99 11.89 -7.84
C PHE J 135 40.13 13.16 -8.66
N HIS J 136 39.17 13.42 -9.54
CA HIS J 136 39.29 14.55 -10.46
C HIS J 136 39.32 15.87 -9.72
N LYS J 137 38.65 15.97 -8.57
CA LYS J 137 38.79 17.17 -7.76
C LYS J 137 40.22 17.36 -7.30
N GLY J 138 40.89 16.27 -6.91
CA GLY J 138 42.30 16.36 -6.60
C GLY J 138 43.16 16.44 -7.84
N ALA J 139 42.73 15.78 -8.92
CA ALA J 139 43.47 15.86 -10.18
C ALA J 139 43.38 17.25 -10.79
N LYS J 140 42.44 18.06 -10.31
CA LYS J 140 42.33 19.44 -10.79
C LYS J 140 43.20 20.39 -9.97
N LYS J 141 43.45 20.06 -8.71
CA LYS J 141 44.25 20.94 -7.87
C LYS J 141 45.74 20.77 -8.15
N SER J 142 46.21 19.53 -8.32
CA SER J 142 47.61 19.30 -8.64
C SER J 142 47.95 19.73 -10.07
N ARG J 143 46.95 19.84 -10.94
CA ARG J 143 47.11 20.27 -12.32
C ARG J 143 48.16 19.43 -13.06
N PHE J 144 47.90 18.12 -13.13
CA PHE J 144 48.70 17.26 -14.00
C PHE J 144 47.84 16.82 -15.17
N ASP J 145 48.44 16.77 -16.35
CA ASP J 145 47.72 16.56 -17.61
C ASP J 145 47.20 15.12 -17.65
N LEU J 146 46.06 14.91 -16.99
CA LEU J 146 45.41 13.61 -17.02
C LEU J 146 45.11 13.18 -18.44
N GLU J 147 44.76 14.13 -19.30
CA GLU J 147 44.45 13.82 -20.70
C GLU J 147 45.61 13.09 -21.36
N LYS J 148 46.82 13.61 -21.20
CA LYS J 148 47.98 12.95 -21.77
C LYS J 148 48.18 11.57 -21.16
N TYR J 149 48.27 11.50 -19.83
CA TYR J 149 48.44 10.24 -19.13
C TYR J 149 47.37 9.24 -19.55
N ASN J 150 46.11 9.64 -19.50
CA ASN J 150 45.02 8.73 -19.86
C ASN J 150 45.12 8.29 -21.30
N GLN J 151 45.74 9.10 -22.16
CA GLN J 151 45.97 8.69 -23.54
C GLN J 151 47.30 7.99 -23.69
N LEU J 152 48.32 8.45 -22.97
CA LEU J 152 49.63 7.80 -23.02
C LEU J 152 49.55 6.34 -22.65
N LYS J 153 48.88 6.03 -21.53
CA LYS J 153 48.77 4.65 -21.09
C LYS J 153 47.93 3.80 -22.02
N ASP J 154 47.33 4.39 -23.05
CA ASP J 154 46.69 3.60 -24.08
C ASP J 154 47.65 3.19 -25.18
N ALA J 155 48.71 3.97 -25.40
CA ALA J 155 49.70 3.59 -26.41
C ALA J 155 50.58 2.47 -25.91
N ILE J 156 50.94 2.48 -24.62
CA ILE J 156 51.77 1.42 -24.05
C ILE J 156 51.07 0.08 -24.19
N ALA J 157 49.80 0.01 -23.79
CA ALA J 157 49.06 -1.24 -23.88
C ALA J 157 48.73 -1.61 -25.31
N GLN J 158 48.83 -0.67 -26.24
CA GLN J 158 48.61 -0.98 -27.65
C GLN J 158 49.89 -1.38 -28.35
N ALA J 159 50.99 -0.70 -28.05
CA ALA J 159 52.27 -1.07 -28.66
C ALA J 159 52.75 -2.42 -28.17
N GLU J 160 52.64 -2.68 -26.87
CA GLU J 160 53.08 -3.96 -26.33
C GLU J 160 52.26 -5.11 -26.92
N MET J 161 50.97 -4.90 -27.12
CA MET J 161 50.15 -5.92 -27.76
C MET J 161 50.60 -6.13 -29.20
N ASP J 162 51.05 -5.06 -29.86
CA ASP J 162 51.58 -5.20 -31.21
C ASP J 162 52.90 -5.97 -31.21
N LEU J 163 53.79 -5.62 -30.27
CA LEU J 163 55.07 -6.31 -30.17
C LEU J 163 54.89 -7.79 -29.90
N LYS J 164 54.04 -8.13 -28.91
CA LYS J 164 53.82 -9.53 -28.59
C LYS J 164 53.16 -10.28 -29.74
N ARG J 165 52.65 -9.57 -30.75
CA ARG J 165 52.18 -10.20 -31.97
C ARG J 165 53.28 -10.34 -33.01
N LEU J 166 54.23 -9.41 -33.04
CA LEU J 166 55.35 -9.53 -33.97
C LEU J 166 56.20 -10.73 -33.62
N ARG J 167 56.31 -11.05 -32.34
CA ARG J 167 57.06 -12.21 -31.86
C ARG J 167 56.16 -13.42 -31.64
N ASP J 168 55.13 -13.57 -32.45
CA ASP J 168 54.25 -14.73 -32.36
C ASP J 168 55.05 -15.99 -32.62
N PRO J 169 55.11 -16.92 -31.67
CA PRO J 169 55.84 -18.18 -31.90
C PRO J 169 55.13 -19.16 -32.82
N LEU J 170 54.08 -18.73 -33.51
CA LEU J 170 53.35 -19.57 -34.44
C LEU J 170 53.40 -19.08 -35.87
N GLN J 171 53.82 -17.84 -36.09
CA GLN J 171 53.82 -17.17 -37.39
C GLN J 171 55.15 -16.46 -37.61
N VAL J 172 56.24 -17.23 -37.45
CA VAL J 172 57.60 -16.71 -37.30
C VAL J 172 57.92 -15.56 -38.24
N HIS J 173 58.43 -14.48 -37.65
CA HIS J 173 58.94 -13.33 -38.40
C HIS J 173 60.42 -13.06 -38.16
N LEU J 174 60.98 -13.55 -37.06
CA LEU J 174 62.38 -13.35 -36.74
C LEU J 174 62.98 -14.69 -36.33
N PRO J 175 63.28 -15.56 -37.31
CA PRO J 175 63.81 -16.90 -37.01
C PRO J 175 65.21 -16.85 -36.42
#